data_4KMF
# 
_entry.id   4KMF 
# 
_audit_conform.dict_name       mmcif_pdbx.dic 
_audit_conform.dict_version    5.387 
_audit_conform.dict_location   http://mmcif.pdb.org/dictionaries/ascii/mmcif_pdbx.dic 
# 
loop_
_database_2.database_id 
_database_2.database_code 
_database_2.pdbx_database_accession 
_database_2.pdbx_DOI 
PDB   4KMF         pdb_00004kmf 10.2210/pdb4kmf/pdb 
NDB   NA2424       ?            ?                   
RCSB  RCSB079520   ?            ?                   
WWPDB D_1000079520 ?            ?                   
# 
loop_
_pdbx_audit_revision_history.ordinal 
_pdbx_audit_revision_history.data_content_type 
_pdbx_audit_revision_history.major_revision 
_pdbx_audit_revision_history.minor_revision 
_pdbx_audit_revision_history.revision_date 
1 'Structure model' 1 0 2013-07-03 
2 'Structure model' 1 1 2014-06-18 
3 'Structure model' 1 2 2017-11-15 
4 'Structure model' 1 3 2020-01-29 
5 'Structure model' 1 4 2024-02-28 
# 
_pdbx_audit_revision_details.ordinal             1 
_pdbx_audit_revision_details.revision_ordinal    1 
_pdbx_audit_revision_details.data_content_type   'Structure model' 
_pdbx_audit_revision_details.provider            repository 
_pdbx_audit_revision_details.type                'Initial release' 
_pdbx_audit_revision_details.description         ? 
_pdbx_audit_revision_details.details             ? 
# 
loop_
_pdbx_audit_revision_group.ordinal 
_pdbx_audit_revision_group.revision_ordinal 
_pdbx_audit_revision_group.data_content_type 
_pdbx_audit_revision_group.group 
1 2 'Structure model' 'Database references'    
2 3 'Structure model' 'Refinement description' 
3 3 'Structure model' 'Source and taxonomy'    
4 4 'Structure model' 'Derived calculations'   
5 5 'Structure model' 'Data collection'        
6 5 'Structure model' 'Database references'    
7 5 'Structure model' 'Derived calculations'   
# 
loop_
_pdbx_audit_revision_category.ordinal 
_pdbx_audit_revision_category.revision_ordinal 
_pdbx_audit_revision_category.data_content_type 
_pdbx_audit_revision_category.category 
1  3 'Structure model' pdbx_entity_src_syn          
2  3 'Structure model' software                     
3  4 'Structure model' ndb_struct_na_base_pair_step 
4  4 'Structure model' pdbx_struct_assembly         
5  4 'Structure model' pdbx_struct_assembly_gen     
6  4 'Structure model' pdbx_struct_assembly_prop    
7  5 'Structure model' chem_comp_atom               
8  5 'Structure model' chem_comp_bond               
9  5 'Structure model' database_2                   
10 5 'Structure model' pdbx_struct_conn_angle       
11 5 'Structure model' struct_conn                  
12 5 'Structure model' struct_site                  
# 
loop_
_pdbx_audit_revision_item.ordinal 
_pdbx_audit_revision_item.revision_ordinal 
_pdbx_audit_revision_item.data_content_type 
_pdbx_audit_revision_item.item 
1  3 'Structure model' '_pdbx_entity_src_syn.ncbi_taxonomy_id'       
2  3 'Structure model' '_pdbx_entity_src_syn.organism_scientific'    
3  3 'Structure model' '_software.name'                              
4  4 'Structure model' '_ndb_struct_na_base_pair_step.inclination'   
5  5 'Structure model' '_database_2.pdbx_DOI'                        
6  5 'Structure model' '_database_2.pdbx_database_accession'         
7  5 'Structure model' '_pdbx_struct_conn_angle.ptnr1_auth_asym_id'  
8  5 'Structure model' '_pdbx_struct_conn_angle.ptnr1_auth_comp_id'  
9  5 'Structure model' '_pdbx_struct_conn_angle.ptnr1_auth_seq_id'   
10 5 'Structure model' '_pdbx_struct_conn_angle.ptnr1_label_asym_id' 
11 5 'Structure model' '_pdbx_struct_conn_angle.ptnr1_label_atom_id' 
12 5 'Structure model' '_pdbx_struct_conn_angle.ptnr1_label_comp_id' 
13 5 'Structure model' '_pdbx_struct_conn_angle.ptnr1_label_seq_id'  
14 5 'Structure model' '_pdbx_struct_conn_angle.ptnr3_auth_asym_id'  
15 5 'Structure model' '_pdbx_struct_conn_angle.ptnr3_auth_comp_id'  
16 5 'Structure model' '_pdbx_struct_conn_angle.ptnr3_auth_seq_id'   
17 5 'Structure model' '_pdbx_struct_conn_angle.ptnr3_label_asym_id' 
18 5 'Structure model' '_pdbx_struct_conn_angle.ptnr3_label_atom_id' 
19 5 'Structure model' '_pdbx_struct_conn_angle.ptnr3_label_comp_id' 
20 5 'Structure model' '_pdbx_struct_conn_angle.ptnr3_label_seq_id'  
21 5 'Structure model' '_pdbx_struct_conn_angle.value'               
22 5 'Structure model' '_struct_conn.pdbx_dist_value'                
23 5 'Structure model' '_struct_conn.ptnr1_auth_asym_id'             
24 5 'Structure model' '_struct_conn.ptnr1_auth_comp_id'             
25 5 'Structure model' '_struct_conn.ptnr1_auth_seq_id'              
26 5 'Structure model' '_struct_conn.ptnr1_label_asym_id'            
27 5 'Structure model' '_struct_conn.ptnr1_label_atom_id'            
28 5 'Structure model' '_struct_conn.ptnr1_label_comp_id'            
29 5 'Structure model' '_struct_conn.ptnr1_label_seq_id'             
30 5 'Structure model' '_struct_conn.ptnr2_auth_asym_id'             
31 5 'Structure model' '_struct_conn.ptnr2_auth_comp_id'             
32 5 'Structure model' '_struct_conn.ptnr2_auth_seq_id'              
33 5 'Structure model' '_struct_conn.ptnr2_label_asym_id'            
34 5 'Structure model' '_struct_conn.ptnr2_label_atom_id'            
35 5 'Structure model' '_struct_conn.ptnr2_label_comp_id'            
36 5 'Structure model' '_struct_site.pdbx_auth_asym_id'              
37 5 'Structure model' '_struct_site.pdbx_auth_comp_id'              
38 5 'Structure model' '_struct_site.pdbx_auth_seq_id'               
# 
_pdbx_database_status.entry_id                        4KMF 
_pdbx_database_status.status_code                     REL 
_pdbx_database_status.deposit_site                    RCSB 
_pdbx_database_status.process_site                    RCSB 
_pdbx_database_status.recvd_initial_deposition_date   2013-05-08 
_pdbx_database_status.status_code_sf                  REL 
_pdbx_database_status.status_code_mr                  ? 
_pdbx_database_status.SG_entry                        ? 
_pdbx_database_status.status_code_cs                  ? 
_pdbx_database_status.methods_development_category    CASP 
_pdbx_database_status.pdb_format_compatible           Y 
_pdbx_database_status.status_code_nmr_data            ? 
# 
loop_
_audit_author.name 
_audit_author.pdbx_ordinal 
'Kim, D.'   1 
'Kim, K.K.' 2 
# 
_citation.id                        primary 
_citation.title                     
'Distinct Z-DNA binding mode of a PKR-like protein kinase containing a Z-DNA binding domain (PKZ).' 
_citation.journal_abbrev            'Nucleic Acids Res.' 
_citation.journal_volume            42 
_citation.page_first                5937 
_citation.page_last                 5948 
_citation.year                      2014 
_citation.journal_id_ASTM           NARHAD 
_citation.country                   UK 
_citation.journal_id_ISSN           0305-1048 
_citation.journal_id_CSD            0389 
_citation.book_publisher            ? 
_citation.pdbx_database_id_PubMed   24682817 
_citation.pdbx_database_id_DOI      10.1093/nar/gku189 
# 
loop_
_citation_author.citation_id 
_citation_author.name 
_citation_author.ordinal 
_citation_author.identifier_ORCID 
primary 'Kim, D.'     1  ? 
primary 'Hur, J.'     2  ? 
primary 'Park, K.'    3  ? 
primary 'Bae, S.'     4  ? 
primary 'Shin, D.'    5  ? 
primary 'Ha, S.C.'    6  ? 
primary 'Hwang, H.Y.' 7  ? 
primary 'Hohng, S.'   8  ? 
primary 'Lee, J.H.'   9  ? 
primary 'Lee, S.'     10 ? 
primary 'Kim, Y.G.'   11 ? 
primary 'Kim, K.K.'   12 ? 
# 
loop_
_entity.id 
_entity.type 
_entity.src_method 
_entity.pdbx_description 
_entity.formula_weight 
_entity.pdbx_number_of_molecules 
_entity.pdbx_ec 
_entity.pdbx_mutation 
_entity.pdbx_fragment 
_entity.details 
1 polymer     man 'Interferon-inducible and double-stranded-dependent eIF-2kinase' 7198.205 1  ? ? ? ? 
2 polymer     syn 
;DNA (5'-D(*TP*CP*GP*CP*GP*CP*G)-3')
;
2114.398 1  ? ? ? ? 
3 non-polymer syn 'MANGANESE (II) ION'                                             54.938   1  ? ? ? ? 
4 water       nat water                                                            18.015   70 ? ? ? ? 
# 
loop_
_entity_poly.entity_id 
_entity_poly.type 
_entity_poly.nstd_linkage 
_entity_poly.nstd_monomer 
_entity_poly.pdbx_seq_one_letter_code 
_entity_poly.pdbx_seq_one_letter_code_can 
_entity_poly.pdbx_strand_id 
_entity_poly.pdbx_target_identifier 
1 'polypeptide(L)'        no no SAETQMERKIIDFLRQNGKSIALTIAKEIGLDKSTVNRHLYNLQRSNQVFNSNEKPPVWDLM 
SAETQMERKIIDFLRQNGKSIALTIAKEIGLDKSTVNRHLYNLQRSNQVFNSNEKPPVWDLM A ? 
2 polydeoxyribonucleotide no no '(DT)(DC)(DG)(DC)(DG)(DC)(DG)'                                 TCGCGCG B ? 
# 
loop_
_pdbx_entity_nonpoly.entity_id 
_pdbx_entity_nonpoly.name 
_pdbx_entity_nonpoly.comp_id 
3 'MANGANESE (II) ION' MN  
4 water                HOH 
# 
loop_
_entity_poly_seq.entity_id 
_entity_poly_seq.num 
_entity_poly_seq.mon_id 
_entity_poly_seq.hetero 
1 1  SER n 
1 2  ALA n 
1 3  GLU n 
1 4  THR n 
1 5  GLN n 
1 6  MET n 
1 7  GLU n 
1 8  ARG n 
1 9  LYS n 
1 10 ILE n 
1 11 ILE n 
1 12 ASP n 
1 13 PHE n 
1 14 LEU n 
1 15 ARG n 
1 16 GLN n 
1 17 ASN n 
1 18 GLY n 
1 19 LYS n 
1 20 SER n 
1 21 ILE n 
1 22 ALA n 
1 23 LEU n 
1 24 THR n 
1 25 ILE n 
1 26 ALA n 
1 27 LYS n 
1 28 GLU n 
1 29 ILE n 
1 30 GLY n 
1 31 LEU n 
1 32 ASP n 
1 33 LYS n 
1 34 SER n 
1 35 THR n 
1 36 VAL n 
1 37 ASN n 
1 38 ARG n 
1 39 HIS n 
1 40 LEU n 
1 41 TYR n 
1 42 ASN n 
1 43 LEU n 
1 44 GLN n 
1 45 ARG n 
1 46 SER n 
1 47 ASN n 
1 48 GLN n 
1 49 VAL n 
1 50 PHE n 
1 51 ASN n 
1 52 SER n 
1 53 ASN n 
1 54 GLU n 
1 55 LYS n 
1 56 PRO n 
1 57 PRO n 
1 58 VAL n 
1 59 TRP n 
1 60 ASP n 
1 61 LEU n 
1 62 MET n 
2 1  DT  n 
2 2  DC  n 
2 3  DG  n 
2 4  DC  n 
2 5  DG  n 
2 6  DC  n 
2 7  DG  n 
# 
_entity_src_gen.entity_id                          1 
_entity_src_gen.pdbx_src_id                        1 
_entity_src_gen.pdbx_alt_source_flag               sample 
_entity_src_gen.pdbx_seq_type                      ? 
_entity_src_gen.pdbx_beg_seq_num                   ? 
_entity_src_gen.pdbx_end_seq_num                   ? 
_entity_src_gen.gene_src_common_name               Goldfish 
_entity_src_gen.gene_src_genus                     ? 
_entity_src_gen.pdbx_gene_src_gene                 ? 
_entity_src_gen.gene_src_species                   ? 
_entity_src_gen.gene_src_strain                    ? 
_entity_src_gen.gene_src_tissue                    ? 
_entity_src_gen.gene_src_tissue_fraction           ? 
_entity_src_gen.gene_src_details                   'codon optimized' 
_entity_src_gen.pdbx_gene_src_fragment             ? 
_entity_src_gen.pdbx_gene_src_scientific_name      'Carassius auratus' 
_entity_src_gen.pdbx_gene_src_ncbi_taxonomy_id     7957 
_entity_src_gen.pdbx_gene_src_variant              ? 
_entity_src_gen.pdbx_gene_src_cell_line            ? 
_entity_src_gen.pdbx_gene_src_atcc                 ? 
_entity_src_gen.pdbx_gene_src_organ                ? 
_entity_src_gen.pdbx_gene_src_organelle            ? 
_entity_src_gen.pdbx_gene_src_cell                 ? 
_entity_src_gen.pdbx_gene_src_cellular_location    ? 
_entity_src_gen.host_org_common_name               ? 
_entity_src_gen.pdbx_host_org_scientific_name      'Escherichia coli' 
_entity_src_gen.pdbx_host_org_ncbi_taxonomy_id     469008 
_entity_src_gen.host_org_genus                     ? 
_entity_src_gen.pdbx_host_org_gene                 ? 
_entity_src_gen.pdbx_host_org_organ                ? 
_entity_src_gen.host_org_species                   ? 
_entity_src_gen.pdbx_host_org_tissue               ? 
_entity_src_gen.pdbx_host_org_tissue_fraction      ? 
_entity_src_gen.pdbx_host_org_strain               'BL21(DE3)' 
_entity_src_gen.pdbx_host_org_variant              ? 
_entity_src_gen.pdbx_host_org_cell_line            ? 
_entity_src_gen.pdbx_host_org_atcc                 ? 
_entity_src_gen.pdbx_host_org_culture_collection   ? 
_entity_src_gen.pdbx_host_org_cell                 ? 
_entity_src_gen.pdbx_host_org_organelle            ? 
_entity_src_gen.pdbx_host_org_cellular_location    ? 
_entity_src_gen.pdbx_host_org_vector_type          plasmid 
_entity_src_gen.pdbx_host_org_vector               ? 
_entity_src_gen.host_org_details                   ? 
_entity_src_gen.expression_system_id               ? 
_entity_src_gen.plasmid_name                       pET28a 
_entity_src_gen.plasmid_details                    ? 
_entity_src_gen.pdbx_description                   ? 
# 
_pdbx_entity_src_syn.entity_id              2 
_pdbx_entity_src_syn.pdbx_src_id            1 
_pdbx_entity_src_syn.pdbx_alt_source_flag   sample 
_pdbx_entity_src_syn.pdbx_beg_seq_num       ? 
_pdbx_entity_src_syn.pdbx_end_seq_num       ? 
_pdbx_entity_src_syn.organism_scientific    'synthetic construct' 
_pdbx_entity_src_syn.organism_common_name   ? 
_pdbx_entity_src_syn.ncbi_taxonomy_id       32630 
_pdbx_entity_src_syn.details                'synthetic oligonucleotide' 
# 
loop_
_chem_comp.id 
_chem_comp.type 
_chem_comp.mon_nstd_flag 
_chem_comp.name 
_chem_comp.pdbx_synonyms 
_chem_comp.formula 
_chem_comp.formula_weight 
ALA 'L-peptide linking' y ALANINE                              ? 'C3 H7 N O2'      89.093  
ARG 'L-peptide linking' y ARGININE                             ? 'C6 H15 N4 O2 1'  175.209 
ASN 'L-peptide linking' y ASPARAGINE                           ? 'C4 H8 N2 O3'     132.118 
ASP 'L-peptide linking' y 'ASPARTIC ACID'                      ? 'C4 H7 N O4'      133.103 
DC  'DNA linking'       y "2'-DEOXYCYTIDINE-5'-MONOPHOSPHATE"  ? 'C9 H14 N3 O7 P'  307.197 
DG  'DNA linking'       y "2'-DEOXYGUANOSINE-5'-MONOPHOSPHATE" ? 'C10 H14 N5 O7 P' 347.221 
DT  'DNA linking'       y "THYMIDINE-5'-MONOPHOSPHATE"         ? 'C10 H15 N2 O8 P' 322.208 
GLN 'L-peptide linking' y GLUTAMINE                            ? 'C5 H10 N2 O3'    146.144 
GLU 'L-peptide linking' y 'GLUTAMIC ACID'                      ? 'C5 H9 N O4'      147.129 
GLY 'peptide linking'   y GLYCINE                              ? 'C2 H5 N O2'      75.067  
HIS 'L-peptide linking' y HISTIDINE                            ? 'C6 H10 N3 O2 1'  156.162 
HOH non-polymer         . WATER                                ? 'H2 O'            18.015  
ILE 'L-peptide linking' y ISOLEUCINE                           ? 'C6 H13 N O2'     131.173 
LEU 'L-peptide linking' y LEUCINE                              ? 'C6 H13 N O2'     131.173 
LYS 'L-peptide linking' y LYSINE                               ? 'C6 H15 N2 O2 1'  147.195 
MET 'L-peptide linking' y METHIONINE                           ? 'C5 H11 N O2 S'   149.211 
MN  non-polymer         . 'MANGANESE (II) ION'                 ? 'Mn 2'            54.938  
PHE 'L-peptide linking' y PHENYLALANINE                        ? 'C9 H11 N O2'     165.189 
PRO 'L-peptide linking' y PROLINE                              ? 'C5 H9 N O2'      115.130 
SER 'L-peptide linking' y SERINE                               ? 'C3 H7 N O3'      105.093 
THR 'L-peptide linking' y THREONINE                            ? 'C4 H9 N O3'      119.119 
TRP 'L-peptide linking' y TRYPTOPHAN                           ? 'C11 H12 N2 O2'   204.225 
TYR 'L-peptide linking' y TYROSINE                             ? 'C9 H11 N O3'     181.189 
VAL 'L-peptide linking' y VALINE                               ? 'C5 H11 N O2'     117.146 
# 
loop_
_pdbx_poly_seq_scheme.asym_id 
_pdbx_poly_seq_scheme.entity_id 
_pdbx_poly_seq_scheme.seq_id 
_pdbx_poly_seq_scheme.mon_id 
_pdbx_poly_seq_scheme.ndb_seq_num 
_pdbx_poly_seq_scheme.pdb_seq_num 
_pdbx_poly_seq_scheme.auth_seq_num 
_pdbx_poly_seq_scheme.pdb_mon_id 
_pdbx_poly_seq_scheme.auth_mon_id 
_pdbx_poly_seq_scheme.pdb_strand_id 
_pdbx_poly_seq_scheme.pdb_ins_code 
_pdbx_poly_seq_scheme.hetero 
A 1 1  SER 1  2  2  SER SER A . n 
A 1 2  ALA 2  3  3  ALA ALA A . n 
A 1 3  GLU 3  4  4  GLU GLU A . n 
A 1 4  THR 4  5  5  THR THR A . n 
A 1 5  GLN 5  6  6  GLN GLN A . n 
A 1 6  MET 6  7  7  MET MET A . n 
A 1 7  GLU 7  8  8  GLU GLU A . n 
A 1 8  ARG 8  9  9  ARG ARG A . n 
A 1 9  LYS 9  10 10 LYS LYS A . n 
A 1 10 ILE 10 11 11 ILE ILE A . n 
A 1 11 ILE 11 12 12 ILE ILE A . n 
A 1 12 ASP 12 13 13 ASP ASP A . n 
A 1 13 PHE 13 14 14 PHE PHE A . n 
A 1 14 LEU 14 15 15 LEU LEU A . n 
A 1 15 ARG 15 16 16 ARG ARG A . n 
A 1 16 GLN 16 17 17 GLN GLN A . n 
A 1 17 ASN 17 18 18 ASN ASN A . n 
A 1 18 GLY 18 19 19 GLY GLY A . n 
A 1 19 LYS 19 20 20 LYS LYS A . n 
A 1 20 SER 20 21 21 SER SER A . n 
A 1 21 ILE 21 22 22 ILE ILE A . n 
A 1 22 ALA 22 23 23 ALA ALA A . n 
A 1 23 LEU 23 24 24 LEU LEU A . n 
A 1 24 THR 24 25 25 THR THR A . n 
A 1 25 ILE 25 26 26 ILE ILE A . n 
A 1 26 ALA 26 27 27 ALA ALA A . n 
A 1 27 LYS 27 28 28 LYS LYS A . n 
A 1 28 GLU 28 29 29 GLU GLU A . n 
A 1 29 ILE 29 30 30 ILE ILE A . n 
A 1 30 GLY 30 31 31 GLY GLY A . n 
A 1 31 LEU 31 32 32 LEU LEU A . n 
A 1 32 ASP 32 33 33 ASP ASP A . n 
A 1 33 LYS 33 34 34 LYS LYS A . n 
A 1 34 SER 34 35 35 SER SER A . n 
A 1 35 THR 35 36 36 THR THR A . n 
A 1 36 VAL 36 37 37 VAL VAL A . n 
A 1 37 ASN 37 38 38 ASN ASN A . n 
A 1 38 ARG 38 39 39 ARG ARG A . n 
A 1 39 HIS 39 40 40 HIS HIS A . n 
A 1 40 LEU 40 41 41 LEU LEU A . n 
A 1 41 TYR 41 42 42 TYR TYR A . n 
A 1 42 ASN 42 43 43 ASN ASN A . n 
A 1 43 LEU 43 44 44 LEU LEU A . n 
A 1 44 GLN 44 45 45 GLN GLN A . n 
A 1 45 ARG 45 46 46 ARG ARG A . n 
A 1 46 SER 46 47 47 SER SER A . n 
A 1 47 ASN 47 48 48 ASN ASN A . n 
A 1 48 GLN 48 49 49 GLN GLN A . n 
A 1 49 VAL 49 50 50 VAL VAL A . n 
A 1 50 PHE 50 51 51 PHE PHE A . n 
A 1 51 ASN 51 52 52 ASN ASN A . n 
A 1 52 SER 52 53 53 SER SER A . n 
A 1 53 ASN 53 54 54 ASN ASN A . n 
A 1 54 GLU 54 55 55 GLU GLU A . n 
A 1 55 LYS 55 56 56 LYS LYS A . n 
A 1 56 PRO 56 57 57 PRO PRO A . n 
A 1 57 PRO 57 58 58 PRO PRO A . n 
A 1 58 VAL 58 59 59 VAL VAL A . n 
A 1 59 TRP 59 60 60 TRP TRP A . n 
A 1 60 ASP 60 61 61 ASP ASP A . n 
A 1 61 LEU 61 62 62 LEU LEU A . n 
A 1 62 MET 62 63 63 MET MET A . n 
B 2 1  DT  1  62 62 DT  T   B . n 
B 2 2  DC  2  63 63 DC  C   B . n 
B 2 3  DG  3  64 64 DG  G   B . n 
B 2 4  DC  4  65 65 DC  C   B . n 
B 2 5  DG  5  66 66 DG  G   B . n 
B 2 6  DC  6  67 67 DC  C   B . n 
B 2 7  DG  7  68 68 DG  G   B . n 
# 
loop_
_pdbx_nonpoly_scheme.asym_id 
_pdbx_nonpoly_scheme.entity_id 
_pdbx_nonpoly_scheme.mon_id 
_pdbx_nonpoly_scheme.ndb_seq_num 
_pdbx_nonpoly_scheme.pdb_seq_num 
_pdbx_nonpoly_scheme.auth_seq_num 
_pdbx_nonpoly_scheme.pdb_mon_id 
_pdbx_nonpoly_scheme.auth_mon_id 
_pdbx_nonpoly_scheme.pdb_strand_id 
_pdbx_nonpoly_scheme.pdb_ins_code 
C 3 MN  1  101 1   MN  MN  B . 
D 4 HOH 1  101 4   HOH HOH A . 
D 4 HOH 2  102 6   HOH HOH A . 
D 4 HOH 3  103 7   HOH HOH A . 
D 4 HOH 4  104 8   HOH HOH A . 
D 4 HOH 5  105 11  HOH HOH A . 
D 4 HOH 6  106 18  HOH HOH A . 
D 4 HOH 7  107 21  HOH HOH A . 
D 4 HOH 8  108 23  HOH HOH A . 
D 4 HOH 9  109 24  HOH HOH A . 
D 4 HOH 10 110 25  HOH HOH A . 
D 4 HOH 11 111 27  HOH HOH A . 
D 4 HOH 12 112 28  HOH HOH A . 
D 4 HOH 13 113 29  HOH HOH A . 
D 4 HOH 14 114 32  HOH HOH A . 
D 4 HOH 15 115 33  HOH HOH A . 
D 4 HOH 16 116 34  HOH HOH A . 
D 4 HOH 17 117 35  HOH HOH A . 
D 4 HOH 18 118 36  HOH HOH A . 
D 4 HOH 19 119 37  HOH HOH A . 
D 4 HOH 20 120 40  HOH HOH A . 
D 4 HOH 21 121 41  HOH HOH A . 
D 4 HOH 22 122 42  HOH HOH A . 
D 4 HOH 23 123 46  HOH HOH A . 
D 4 HOH 24 124 49  HOH HOH A . 
D 4 HOH 25 125 50  HOH HOH A . 
D 4 HOH 26 126 51  HOH HOH A . 
D 4 HOH 27 127 52  HOH HOH A . 
D 4 HOH 28 128 54  HOH HOH A . 
D 4 HOH 29 129 55  HOH HOH A . 
D 4 HOH 30 130 56  HOH HOH A . 
D 4 HOH 31 131 57  HOH HOH A . 
D 4 HOH 32 132 61  HOH HOH A . 
D 4 HOH 33 133 64  HOH HOH A . 
D 4 HOH 34 134 65  HOH HOH A . 
D 4 HOH 35 135 66  HOH HOH A . 
D 4 HOH 36 136 79  HOH HOH A . 
D 4 HOH 37 137 80  HOH HOH A . 
D 4 HOH 38 138 81  HOH HOH A . 
D 4 HOH 39 139 82  HOH HOH A . 
D 4 HOH 40 140 85  HOH HOH A . 
D 4 HOH 41 141 87  HOH HOH A . 
D 4 HOH 42 142 88  HOH HOH A . 
D 4 HOH 43 143 96  HOH HOH A . 
E 4 HOH 1  201 1   HOH HOH B . 
E 4 HOH 2  202 2   HOH HOH B . 
E 4 HOH 3  203 3   HOH HOH B . 
E 4 HOH 4  204 5   HOH HOH B . 
E 4 HOH 5  205 9   HOH HOH B . 
E 4 HOH 6  206 10  HOH HOH B . 
E 4 HOH 7  207 12  HOH HOH B . 
E 4 HOH 8  208 13  HOH HOH B . 
E 4 HOH 9  209 14  HOH HOH B . 
E 4 HOH 10 210 15  HOH HOH B . 
E 4 HOH 11 211 16  HOH HOH B . 
E 4 HOH 12 212 17  HOH HOH B . 
E 4 HOH 13 213 19  HOH HOH B . 
E 4 HOH 14 214 20  HOH HOH B . 
E 4 HOH 15 215 22  HOH HOH B . 
E 4 HOH 16 216 26  HOH HOH B . 
E 4 HOH 17 217 30  HOH HOH B . 
E 4 HOH 18 218 31  HOH HOH B . 
E 4 HOH 19 219 38  HOH HOH B . 
E 4 HOH 20 220 39  HOH HOH B . 
E 4 HOH 21 221 43  HOH HOH B . 
E 4 HOH 22 222 44  HOH HOH B . 
E 4 HOH 23 223 45  HOH HOH B . 
E 4 HOH 24 224 47  HOH HOH B . 
E 4 HOH 25 225 58  HOH HOH B . 
E 4 HOH 26 226 78  HOH HOH B . 
E 4 HOH 27 227 101 HOH HOH B . 
# 
loop_
_pdbx_unobs_or_zero_occ_atoms.id 
_pdbx_unobs_or_zero_occ_atoms.PDB_model_num 
_pdbx_unobs_or_zero_occ_atoms.polymer_flag 
_pdbx_unobs_or_zero_occ_atoms.occupancy_flag 
_pdbx_unobs_or_zero_occ_atoms.auth_asym_id 
_pdbx_unobs_or_zero_occ_atoms.auth_comp_id 
_pdbx_unobs_or_zero_occ_atoms.auth_seq_id 
_pdbx_unobs_or_zero_occ_atoms.PDB_ins_code 
_pdbx_unobs_or_zero_occ_atoms.auth_atom_id 
_pdbx_unobs_or_zero_occ_atoms.label_alt_id 
_pdbx_unobs_or_zero_occ_atoms.label_asym_id 
_pdbx_unobs_or_zero_occ_atoms.label_comp_id 
_pdbx_unobs_or_zero_occ_atoms.label_seq_id 
_pdbx_unobs_or_zero_occ_atoms.label_atom_id 
1  1 Y 1 A ARG 16 ? CG    ? A ARG 15 CG    
2  1 Y 1 A ARG 16 ? CD    ? A ARG 15 CD    
3  1 Y 1 A ARG 16 ? NE    ? A ARG 15 NE    
4  1 Y 1 A ARG 16 ? CZ    ? A ARG 15 CZ    
5  1 Y 1 A ARG 16 ? NH1   ? A ARG 15 NH1   
6  1 Y 1 A ARG 16 ? NH2   ? A ARG 15 NH2   
7  1 Y 1 A GLN 17 ? CG    ? A GLN 16 CG    
8  1 Y 1 A GLN 17 ? CD    ? A GLN 16 CD    
9  1 Y 1 A GLN 17 ? OE1   ? A GLN 16 OE1   
10 1 Y 1 A GLN 17 ? NE2   ? A GLN 16 NE2   
11 1 Y 1 A LYS 28 ? CG    ? A LYS 27 CG    
12 1 Y 1 A LYS 28 ? CD    ? A LYS 27 CD    
13 1 Y 1 A LYS 28 ? CE    ? A LYS 27 CE    
14 1 Y 1 A LYS 28 ? NZ    ? A LYS 27 NZ    
15 1 Y 1 B DT  62 ? "O5'" ? B DT  1  "O5'" 
# 
loop_
_software.pdbx_ordinal 
_software.name 
_software.version 
_software.date 
_software.type 
_software.contact_author 
_software.contact_author_email 
_software.classification 
_software.location 
_software.language 
_software.citation_id 
1 SCALEPACK   .        ?                program 'Zbyszek Otwinowski' hkl@hkl-xray.com         'data scaling'    
http://www.hkl-xray.com/                     ?          ? 
2 MOLREP      .        ?                program 'Alexei Vaguine'     alexei@ysbl.york.ac.uk   phasing           
http://www.ccp4.ac.uk/dist/html/molrep.html  Fortran_77 ? 
3 REFMAC      5.5.0109 ?                program 'Garib N. Murshudov' garib@ysbl.york.ac.uk    refinement        
http://www.ccp4.ac.uk/dist/html/refmac5.html Fortran_77 ? 
4 PDB_EXTRACT 3.11     'April 22, 2011' package PDB                  deposit@deposit.rcsb.org 'data extraction' 
http://sw-tools.pdb.org/apps/PDB_EXTRACT/    C++        ? 
5 DENZO       .        ?                ?       ?                    ?                        'data reduction'  ? ?          ? 
# 
_cell.length_a           55.367 
_cell.length_b           49.471 
_cell.length_c           29.585 
_cell.angle_alpha        90.000 
_cell.angle_beta         97.220 
_cell.angle_gamma        90.000 
_cell.entry_id           4KMF 
_cell.pdbx_unique_axis   ? 
_cell.Z_PDB              4 
_cell.length_a_esd       ? 
_cell.length_b_esd       ? 
_cell.length_c_esd       ? 
_cell.angle_alpha_esd    ? 
_cell.angle_beta_esd     ? 
_cell.angle_gamma_esd    ? 
# 
_symmetry.space_group_name_H-M             'C 1 2 1' 
_symmetry.entry_id                         4KMF 
_symmetry.Int_Tables_number                5 
_symmetry.pdbx_full_space_group_name_H-M   ? 
_symmetry.cell_setting                     ? 
_symmetry.space_group_name_Hall            ? 
# 
_exptl.crystals_number   1 
_exptl.entry_id          4KMF 
_exptl.method            'X-RAY DIFFRACTION' 
# 
_exptl_crystal.id                    1 
_exptl_crystal.density_Matthews      2.16 
_exptl_crystal.density_meas          ? 
_exptl_crystal.density_percent_sol   43.01 
_exptl_crystal.description           ? 
_exptl_crystal.F_000                 ? 
_exptl_crystal.preparation           ? 
# 
_exptl_crystal_grow.crystal_id      1 
_exptl_crystal_grow.method          'VAPOR DIFFUSION' 
_exptl_crystal_grow.pH              ? 
_exptl_crystal_grow.temp            295 
_exptl_crystal_grow.pdbx_details    '30% PEG1500, 15 mM MnCl2, vapor diffusion, temperature 295K' 
_exptl_crystal_grow.temp_details    ? 
_exptl_crystal_grow.pdbx_pH_range   ? 
# 
_diffrn.id                     1 
_diffrn.ambient_temp           100 
_diffrn.ambient_temp_details   ? 
_diffrn.crystal_id             1 
# 
_diffrn_detector.diffrn_id              1 
_diffrn_detector.detector               CCD 
_diffrn_detector.type                   'ADSC QUANTUM 210' 
_diffrn_detector.pdbx_collection_date   2006-10-23 
_diffrn_detector.details                ? 
# 
_diffrn_radiation.diffrn_id                        1 
_diffrn_radiation.pdbx_diffrn_protocol             'SINGLE WAVELENGTH' 
_diffrn_radiation.monochromator                    ? 
_diffrn_radiation.wavelength_id                    1 
_diffrn_radiation.pdbx_monochromatic_or_laue_m_l   ? 
_diffrn_radiation.pdbx_scattering_type             x-ray 
# 
_diffrn_radiation_wavelength.id           1 
_diffrn_radiation_wavelength.wavelength   1.0 
_diffrn_radiation_wavelength.wt           1.0 
# 
_diffrn_source.diffrn_id                   1 
_diffrn_source.source                      SYNCHROTRON 
_diffrn_source.type                        'PAL/PLS BEAMLINE 4A' 
_diffrn_source.pdbx_wavelength_list        1.0 
_diffrn_source.pdbx_wavelength             ? 
_diffrn_source.pdbx_synchrotron_site       PAL/PLS 
_diffrn_source.pdbx_synchrotron_beamline   4A 
# 
_reflns.entry_id                     4KMF 
_reflns.d_resolution_high            1.700 
_reflns.d_resolution_low             50.000 
_reflns.number_obs                   8549 
_reflns.pdbx_Rmerge_I_obs            0.061 
_reflns.pdbx_netI_over_sigmaI        15.400 
_reflns.pdbx_chi_squared             3.175 
_reflns.pdbx_redundancy              3.400 
_reflns.percent_possible_obs         97.500 
_reflns.observed_criterion_sigma_F   ? 
_reflns.observed_criterion_sigma_I   ? 
_reflns.number_all                   ? 
_reflns.pdbx_Rsym_value              ? 
_reflns.B_iso_Wilson_estimate        ? 
_reflns.R_free_details               ? 
_reflns.limit_h_max                  ? 
_reflns.limit_h_min                  ? 
_reflns.limit_k_max                  ? 
_reflns.limit_k_min                  ? 
_reflns.limit_l_max                  ? 
_reflns.limit_l_min                  ? 
_reflns.observed_criterion_F_max     ? 
_reflns.observed_criterion_F_min     ? 
_reflns.pdbx_scaling_rejects         ? 
_reflns.pdbx_ordinal                 1 
_reflns.pdbx_diffrn_id               1 
# 
loop_
_reflns_shell.d_res_high 
_reflns_shell.d_res_low 
_reflns_shell.number_measured_obs 
_reflns_shell.number_measured_all 
_reflns_shell.number_unique_obs 
_reflns_shell.Rmerge_I_obs 
_reflns_shell.meanI_over_sigI_obs 
_reflns_shell.pdbx_Rsym_value 
_reflns_shell.pdbx_chi_squared 
_reflns_shell.pdbx_redundancy 
_reflns_shell.percent_possible_obs 
_reflns_shell.number_unique_all 
_reflns_shell.percent_possible_all 
_reflns_shell.pdbx_ordinal 
_reflns_shell.pdbx_diffrn_id 
1.700 1.730  ? ? ? 0.325 ? ? 1.802 3.000 ? 399 89.900  1  1 
1.730 1.760  ? ? ? 0.272 ? ? 1.892 3.200 ? 407 94.900  2  1 
1.760 1.790  ? ? ? 0.246 ? ? 1.879 3.300 ? 415 96.500  3  1 
1.790 1.830  ? ? ? 0.217 ? ? 2.052 3.400 ? 434 99.300  4  1 
1.830 1.870  ? ? ? 0.182 ? ? 2.163 3.500 ? 439 100.000 5  1 
1.870 1.910  ? ? ? 0.166 ? ? 2.486 3.600 ? 427 99.800  6  1 
1.910 1.960  ? ? ? 0.147 ? ? 2.267 3.700 ? 444 100.000 7  1 
1.960 2.020  ? ? ? 0.133 ? ? 2.491 3.600 ? 427 99.800  8  1 
2.020 2.070  ? ? ? 0.116 ? ? 2.715 3.700 ? 444 100.000 9  1 
2.070 2.140  ? ? ? 0.109 ? ? 3.019 3.600 ? 443 99.800  10 1 
2.140 2.220  ? ? ? 0.095 ? ? 3.170 3.700 ? 421 100.000 11 1 
2.220 2.310  ? ? ? 0.090 ? ? 3.457 3.600 ? 448 100.000 12 1 
2.310 2.410  ? ? ? 0.088 ? ? 3.607 3.600 ? 428 100.000 13 1 
2.410 2.540  ? ? ? 0.082 ? ? 3.821 3.600 ? 430 100.000 14 1 
2.540 2.700  ? ? ? 0.076 ? ? 3.770 3.600 ? 453 99.600  15 1 
2.700 2.910  ? ? ? 0.071 ? ? 4.390 3.500 ? 439 99.500  16 1 
2.910 3.200  ? ? ? 0.043 ? ? 4.759 3.100 ? 424 97.000  17 1 
3.200 3.660  ? ? ? 0.037 ? ? 4.762 2.900 ? 412 93.400  18 1 
3.660 4.610  ? ? ? 0.034 ? ? 5.100 2.800 ? 402 90.500  19 1 
4.610 50.000 ? ? ? 0.035 ? ? 5.115 2.800 ? 413 90.000  20 1 
# 
_refine.entry_id                                 4KMF 
_refine.ls_d_res_high                            1.7000 
_refine.ls_d_res_low                             27.4600 
_refine.pdbx_ls_sigma_F                          0.000 
_refine.pdbx_data_cutoff_high_absF               ? 
_refine.pdbx_data_cutoff_low_absF                ? 
_refine.ls_percent_reflns_obs                    97.3200 
_refine.ls_number_reflns_obs                     8535 
_refine.ls_number_reflns_all                     ? 
_refine.pdbx_ls_cross_valid_method               THROUGHOUT 
_refine.pdbx_R_Free_selection_details            RANDOM 
_refine.details                                  
'HYDROGENS HAVE BEEN ADDED IN THE RIDING POSITIONS U VALUES      : REFINED INDIVIDUALLY' 
_refine.ls_R_factor_all                          ? 
_refine.ls_R_factor_obs                          0.1729 
_refine.ls_R_factor_R_work                       0.1704 
_refine.ls_wR_factor_R_work                      ? 
_refine.ls_R_factor_R_free                       0.2269 
_refine.ls_wR_factor_R_free                      ? 
_refine.ls_percent_reflns_R_free                 4.7000 
_refine.ls_number_reflns_R_free                  404 
_refine.ls_R_factor_R_free_error                 ? 
_refine.B_iso_mean                               24.5162 
_refine.solvent_model_param_bsol                 ? 
_refine.solvent_model_param_ksol                 ? 
_refine.pdbx_isotropic_thermal_model             ? 
_refine.aniso_B[1][1]                            -0.0100 
_refine.aniso_B[2][2]                            0.0100 
_refine.aniso_B[3][3]                            0.0000 
_refine.aniso_B[1][2]                            0.0000 
_refine.aniso_B[1][3]                            0.0100 
_refine.aniso_B[2][3]                            0.0000 
_refine.correlation_coeff_Fo_to_Fc               0.9610 
_refine.correlation_coeff_Fo_to_Fc_free          0.9540 
_refine.overall_SU_R_Cruickshank_DPI             ? 
_refine.overall_SU_R_free                        ? 
_refine.pdbx_overall_ESU_R                       0.1840 
_refine.pdbx_overall_ESU_R_Free                  0.1160 
_refine.overall_SU_ML                            0.0720 
_refine.overall_SU_B                             4.8400 
_refine.solvent_model_details                    MASK 
_refine.pdbx_solvent_vdw_probe_radii             1.4000 
_refine.pdbx_solvent_ion_probe_radii             0.8000 
_refine.pdbx_solvent_shrinkage_radii             0.8000 
_refine.ls_number_parameters                     ? 
_refine.ls_number_restraints                     ? 
_refine.pdbx_starting_model                      ? 
_refine.pdbx_method_to_determine_struct          'MOLECULAR REPLACEMENT' 
_refine.pdbx_stereochemistry_target_values       'MAXIMUM LIKELIHOOD' 
_refine.pdbx_stereochem_target_val_spec_case     ? 
_refine.overall_FOM_work_R_set                   ? 
_refine.B_iso_max                                57.770 
_refine.B_iso_min                                13.470 
_refine.pdbx_overall_phase_error                 ? 
_refine.occupancy_max                            1.000 
_refine.occupancy_min                            0.400 
_refine.pdbx_ls_sigma_I                          ? 
_refine.ls_redundancy_reflns_obs                 ? 
_refine.ls_R_factor_R_free_error_details         ? 
_refine.pdbx_data_cutoff_high_rms_absF           ? 
_refine.overall_FOM_free_R_set                   ? 
_refine.pdbx_diffrn_id                           1 
_refine.pdbx_refine_id                           'X-RAY DIFFRACTION' 
_refine.pdbx_TLS_residual_ADP_flag               ? 
_refine.pdbx_overall_SU_R_free_Cruickshank_DPI   ? 
_refine.pdbx_overall_SU_R_Blow_DPI               ? 
_refine.pdbx_overall_SU_R_free_Blow_DPI          ? 
# 
_refine_hist.pdbx_refine_id                   'X-RAY DIFFRACTION' 
_refine_hist.cycle_id                         LAST 
_refine_hist.pdbx_number_atoms_protein        490 
_refine_hist.pdbx_number_atoms_nucleic_acid   139 
_refine_hist.pdbx_number_atoms_ligand         1 
_refine_hist.number_atoms_solvent             70 
_refine_hist.number_atoms_total               700 
_refine_hist.d_res_high                       1.7000 
_refine_hist.d_res_low                        27.4600 
# 
loop_
_refine_ls_restr.type 
_refine_ls_restr.number 
_refine_ls_restr.dev_ideal 
_refine_ls_restr.dev_ideal_target 
_refine_ls_restr.weight 
_refine_ls_restr.pdbx_restraint_function 
_refine_ls_restr.pdbx_refine_id 
r_bond_refined_d       652 0.014  0.022  ? ? 'X-RAY DIFFRACTION' 
r_angle_refined_deg    909 1.602  2.226  ? ? 'X-RAY DIFFRACTION' 
r_dihedral_angle_1_deg 61  5.686  5.000  ? ? 'X-RAY DIFFRACTION' 
r_dihedral_angle_2_deg 24  41.838 25.417 ? ? 'X-RAY DIFFRACTION' 
r_dihedral_angle_3_deg 92  15.305 15.000 ? ? 'X-RAY DIFFRACTION' 
r_dihedral_angle_4_deg 3   18.651 15.000 ? ? 'X-RAY DIFFRACTION' 
r_chiral_restr         104 0.100  0.200  ? ? 'X-RAY DIFFRACTION' 
r_gen_planes_refined   442 0.008  0.021  ? ? 'X-RAY DIFFRACTION' 
r_mcbond_it            309 1.281  1.500  ? ? 'X-RAY DIFFRACTION' 
r_mcangle_it           498 2.244  2.000  ? ? 'X-RAY DIFFRACTION' 
r_scbond_it            343 3.734  3.000  ? ? 'X-RAY DIFFRACTION' 
r_scangle_it           411 5.250  4.500  ? ? 'X-RAY DIFFRACTION' 
r_rigid_bond_restr     652 2.044  3.000  ? ? 'X-RAY DIFFRACTION' 
# 
_refine_ls_shell.d_res_high                       1.7020 
_refine_ls_shell.d_res_low                        1.7460 
_refine_ls_shell.pdbx_total_number_of_bins_used   20 
_refine_ls_shell.percent_reflns_obs               91.4100 
_refine_ls_shell.number_reflns_R_work             567 
_refine_ls_shell.R_factor_all                     ? 
_refine_ls_shell.R_factor_R_work                  0.2230 
_refine_ls_shell.R_factor_R_free                  0.3190 
_refine_ls_shell.percent_reflns_R_free            ? 
_refine_ls_shell.number_reflns_R_free             29 
_refine_ls_shell.R_factor_R_free_error            ? 
_refine_ls_shell.number_reflns_all                596 
_refine_ls_shell.number_reflns_obs                ? 
_refine_ls_shell.redundancy_reflns_obs            ? 
_refine_ls_shell.pdbx_refine_id                   'X-RAY DIFFRACTION' 
# 
_struct.entry_id                  4KMF 
_struct.title                     'Crystal structure of Zalpha domain from Carassius auratus PKZ in complex with Z-DNA' 
_struct.pdbx_model_details        ? 
_struct.pdbx_CASP_flag            ? 
_struct.pdbx_model_type_details   ? 
# 
_struct_keywords.entry_id        4KMF 
_struct_keywords.text            'Zalpha, Z-DNA, PKZ, goldfish, TRANSFERASE-DNA complex' 
_struct_keywords.pdbx_keywords   TRANSFERASE/DNA 
# 
loop_
_struct_asym.id 
_struct_asym.pdbx_blank_PDB_chainid_flag 
_struct_asym.pdbx_modified 
_struct_asym.entity_id 
_struct_asym.details 
A N N 1 ? 
B N N 2 ? 
C N N 3 ? 
D N N 4 ? 
E N N 4 ? 
# 
loop_
_struct_ref.id 
_struct_ref.db_name 
_struct_ref.db_code 
_struct_ref.pdbx_db_accession 
_struct_ref.entity_id 
_struct_ref.pdbx_seq_one_letter_code 
_struct_ref.pdbx_align_begin 
_struct_ref.pdbx_db_isoform 
1 UNP Q7T2M9_CARAU Q7T2M9 1 SAETQMERKIIDFLRQNGKSIALTIAKEIGLDKSTVNRHLYNLQRSNQVFNSNEKPPVWDLM 2 ? 
2 PDB 4KMF         4KMF   2 ?                                                              ? ? 
# 
loop_
_struct_ref_seq.align_id 
_struct_ref_seq.ref_id 
_struct_ref_seq.pdbx_PDB_id_code 
_struct_ref_seq.pdbx_strand_id 
_struct_ref_seq.seq_align_beg 
_struct_ref_seq.pdbx_seq_align_beg_ins_code 
_struct_ref_seq.seq_align_end 
_struct_ref_seq.pdbx_seq_align_end_ins_code 
_struct_ref_seq.pdbx_db_accession 
_struct_ref_seq.db_align_beg 
_struct_ref_seq.pdbx_db_align_beg_ins_code 
_struct_ref_seq.db_align_end 
_struct_ref_seq.pdbx_db_align_end_ins_code 
_struct_ref_seq.pdbx_auth_seq_align_beg 
_struct_ref_seq.pdbx_auth_seq_align_end 
1 1 4KMF A 1 ? 62 ? Q7T2M9 2  ? 63 ? 2  63 
2 2 4KMF B 1 ? 7  ? 4KMF   62 ? 68 ? 62 68 
# 
_pdbx_struct_assembly.id                   1 
_pdbx_struct_assembly.details              author_and_software_defined_assembly 
_pdbx_struct_assembly.method_details       PISA 
_pdbx_struct_assembly.oligomeric_details   tetrameric 
_pdbx_struct_assembly.oligomeric_count     4 
# 
loop_
_pdbx_struct_assembly_prop.biol_id 
_pdbx_struct_assembly_prop.type 
_pdbx_struct_assembly_prop.value 
_pdbx_struct_assembly_prop.details 
1 'ABSA (A^2)' 2420 ? 
1 MORE         -30  ? 
1 'SSA (A^2)'  9490 ? 
# 
_pdbx_struct_assembly_gen.assembly_id       1 
_pdbx_struct_assembly_gen.oper_expression   1,2 
_pdbx_struct_assembly_gen.asym_id_list      A,B,C,D,E 
# 
loop_
_pdbx_struct_oper_list.id 
_pdbx_struct_oper_list.type 
_pdbx_struct_oper_list.name 
_pdbx_struct_oper_list.symmetry_operation 
_pdbx_struct_oper_list.matrix[1][1] 
_pdbx_struct_oper_list.matrix[1][2] 
_pdbx_struct_oper_list.matrix[1][3] 
_pdbx_struct_oper_list.vector[1] 
_pdbx_struct_oper_list.matrix[2][1] 
_pdbx_struct_oper_list.matrix[2][2] 
_pdbx_struct_oper_list.matrix[2][3] 
_pdbx_struct_oper_list.vector[2] 
_pdbx_struct_oper_list.matrix[3][1] 
_pdbx_struct_oper_list.matrix[3][2] 
_pdbx_struct_oper_list.matrix[3][3] 
_pdbx_struct_oper_list.vector[3] 
1 'identity operation'         1_555 x,y,z     1.0000000000  0.0000000000 0.0000000000 0.0000000000  0.0000000000 1.0000000000  0.0000000000 0.0000000000  0.0000000000 0.0000000000 1.0000000000 0.0000000000   
2 'crystal symmetry operation' 2_556 -x,y,-z+1 -0.7974585820 0.3261590448 0.5076219928 -8.0670684872 0.3261590448 -0.4747754631 0.8174402346 29.8800040445 0.5076219928 0.8174402346 0.2722340451 -15.9798397264 
# 
loop_
_struct_conf.conf_type_id 
_struct_conf.id 
_struct_conf.pdbx_PDB_helix_id 
_struct_conf.beg_label_comp_id 
_struct_conf.beg_label_asym_id 
_struct_conf.beg_label_seq_id 
_struct_conf.pdbx_beg_PDB_ins_code 
_struct_conf.end_label_comp_id 
_struct_conf.end_label_asym_id 
_struct_conf.end_label_seq_id 
_struct_conf.pdbx_end_PDB_ins_code 
_struct_conf.beg_auth_comp_id 
_struct_conf.beg_auth_asym_id 
_struct_conf.beg_auth_seq_id 
_struct_conf.end_auth_comp_id 
_struct_conf.end_auth_asym_id 
_struct_conf.end_auth_seq_id 
_struct_conf.pdbx_PDB_helix_class 
_struct_conf.details 
_struct_conf.pdbx_PDB_helix_length 
HELX_P HELX_P1 1 SER A 1  ? GLY A 18 ? SER A 2  GLY A 19 1 ? 18 
HELX_P HELX_P2 2 ALA A 22 ? GLY A 30 ? ALA A 23 GLY A 31 1 ? 9  
HELX_P HELX_P3 3 ASP A 32 ? SER A 46 ? ASP A 33 SER A 47 1 ? 15 
# 
_struct_conf_type.id          HELX_P 
_struct_conf_type.criteria    ? 
_struct_conf_type.reference   ? 
# 
loop_
_struct_conn.id 
_struct_conn.conn_type_id 
_struct_conn.pdbx_leaving_atom_flag 
_struct_conn.pdbx_PDB_id 
_struct_conn.ptnr1_label_asym_id 
_struct_conn.ptnr1_label_comp_id 
_struct_conn.ptnr1_label_seq_id 
_struct_conn.ptnr1_label_atom_id 
_struct_conn.pdbx_ptnr1_label_alt_id 
_struct_conn.pdbx_ptnr1_PDB_ins_code 
_struct_conn.pdbx_ptnr1_standard_comp_id 
_struct_conn.ptnr1_symmetry 
_struct_conn.ptnr2_label_asym_id 
_struct_conn.ptnr2_label_comp_id 
_struct_conn.ptnr2_label_seq_id 
_struct_conn.ptnr2_label_atom_id 
_struct_conn.pdbx_ptnr2_label_alt_id 
_struct_conn.pdbx_ptnr2_PDB_ins_code 
_struct_conn.ptnr1_auth_asym_id 
_struct_conn.ptnr1_auth_comp_id 
_struct_conn.ptnr1_auth_seq_id 
_struct_conn.ptnr2_auth_asym_id 
_struct_conn.ptnr2_auth_comp_id 
_struct_conn.ptnr2_auth_seq_id 
_struct_conn.ptnr2_symmetry 
_struct_conn.pdbx_ptnr3_label_atom_id 
_struct_conn.pdbx_ptnr3_label_seq_id 
_struct_conn.pdbx_ptnr3_label_comp_id 
_struct_conn.pdbx_ptnr3_label_asym_id 
_struct_conn.pdbx_ptnr3_label_alt_id 
_struct_conn.pdbx_ptnr3_PDB_ins_code 
_struct_conn.details 
_struct_conn.pdbx_dist_value 
_struct_conn.pdbx_value_order 
_struct_conn.pdbx_role 
metalc1  metalc ? ? D HOH . O   ? ? ? 1_555 C MN  . MN ? ? A HOH 102 B MN  101 1_555 ? ? ? ? ? ? ?            2.312 ? ? 
metalc2  metalc ? ? B DC  2 OP2 ? ? ? 1_555 C MN  . MN ? ? B DC  63  B MN  101 1_555 ? ? ? ? ? ? ?            2.129 ? ? 
metalc3  metalc ? ? B DG  3 N7  ? ? ? 1_555 C MN  . MN ? ? B DG  64  B MN  101 1_555 ? ? ? ? ? ? ?            2.313 ? ? 
metalc4  metalc ? ? C MN  . MN  ? ? ? 1_555 E HOH . O  ? ? B MN  101 B HOH 206 1_555 ? ? ? ? ? ? ?            2.211 ? ? 
metalc5  metalc ? ? C MN  . MN  ? ? ? 1_555 E HOH . O  ? ? B MN  101 B HOH 207 1_555 ? ? ? ? ? ? ?            2.149 ? ? 
metalc6  metalc ? ? C MN  . MN  ? ? ? 1_555 E HOH . O  ? ? B MN  101 B HOH 212 1_555 ? ? ? ? ? ? ?            2.091 ? ? 
hydrog1  hydrog ? ? B DC  2 N3  ? ? ? 1_555 B DG  7 N1 ? ? B DC  63  B DG  68  2_556 ? ? ? ? ? ? WATSON-CRICK ?     ? ? 
hydrog2  hydrog ? ? B DC  2 N4  ? ? ? 1_555 B DG  7 O6 ? ? B DC  63  B DG  68  2_556 ? ? ? ? ? ? WATSON-CRICK ?     ? ? 
hydrog3  hydrog ? ? B DC  2 O2  ? ? ? 1_555 B DG  7 N2 ? ? B DC  63  B DG  68  2_556 ? ? ? ? ? ? WATSON-CRICK ?     ? ? 
hydrog4  hydrog ? ? B DG  3 N1  ? ? ? 1_555 B DC  6 N3 ? ? B DG  64  B DC  67  2_556 ? ? ? ? ? ? WATSON-CRICK ?     ? ? 
hydrog5  hydrog ? ? B DG  3 N2  ? ? ? 1_555 B DC  6 O2 ? ? B DG  64  B DC  67  2_556 ? ? ? ? ? ? WATSON-CRICK ?     ? ? 
hydrog6  hydrog ? ? B DG  3 O6  ? ? ? 1_555 B DC  6 N4 ? ? B DG  64  B DC  67  2_556 ? ? ? ? ? ? WATSON-CRICK ?     ? ? 
hydrog7  hydrog ? ? B DC  4 N3  ? ? ? 1_555 B DG  5 N1 ? ? B DC  65  B DG  66  2_556 ? ? ? ? ? ? WATSON-CRICK ?     ? ? 
hydrog8  hydrog ? ? B DC  4 N4  ? ? ? 1_555 B DG  5 O6 ? ? B DC  65  B DG  66  2_556 ? ? ? ? ? ? WATSON-CRICK ?     ? ? 
hydrog9  hydrog ? ? B DC  4 O2  ? ? ? 1_555 B DG  5 N2 ? ? B DC  65  B DG  66  2_556 ? ? ? ? ? ? WATSON-CRICK ?     ? ? 
hydrog10 hydrog ? ? B DG  5 N1  ? ? ? 1_555 B DC  4 N3 ? ? B DG  66  B DC  65  2_556 ? ? ? ? ? ? WATSON-CRICK ?     ? ? 
hydrog11 hydrog ? ? B DG  5 N2  ? ? ? 1_555 B DC  4 O2 ? ? B DG  66  B DC  65  2_556 ? ? ? ? ? ? WATSON-CRICK ?     ? ? 
hydrog12 hydrog ? ? B DG  5 O6  ? ? ? 1_555 B DC  4 N4 ? ? B DG  66  B DC  65  2_556 ? ? ? ? ? ? WATSON-CRICK ?     ? ? 
hydrog13 hydrog ? ? B DC  6 N3  ? ? ? 1_555 B DG  3 N1 ? ? B DC  67  B DG  64  2_556 ? ? ? ? ? ? WATSON-CRICK ?     ? ? 
hydrog14 hydrog ? ? B DC  6 N4  ? ? ? 1_555 B DG  3 O6 ? ? B DC  67  B DG  64  2_556 ? ? ? ? ? ? WATSON-CRICK ?     ? ? 
hydrog15 hydrog ? ? B DC  6 O2  ? ? ? 1_555 B DG  3 N2 ? ? B DC  67  B DG  64  2_556 ? ? ? ? ? ? WATSON-CRICK ?     ? ? 
hydrog16 hydrog ? ? B DG  7 N1  ? ? ? 1_555 B DC  2 N3 ? ? B DG  68  B DC  63  2_556 ? ? ? ? ? ? WATSON-CRICK ?     ? ? 
hydrog17 hydrog ? ? B DG  7 N2  ? ? ? 1_555 B DC  2 O2 ? ? B DG  68  B DC  63  2_556 ? ? ? ? ? ? WATSON-CRICK ?     ? ? 
hydrog18 hydrog ? ? B DG  7 O6  ? ? ? 1_555 B DC  2 N4 ? ? B DG  68  B DC  63  2_556 ? ? ? ? ? ? WATSON-CRICK ?     ? ? 
# 
loop_
_struct_conn_type.id 
_struct_conn_type.criteria 
_struct_conn_type.reference 
metalc ? ? 
hydrog ? ? 
# 
loop_
_pdbx_struct_conn_angle.id 
_pdbx_struct_conn_angle.ptnr1_label_atom_id 
_pdbx_struct_conn_angle.ptnr1_label_alt_id 
_pdbx_struct_conn_angle.ptnr1_label_asym_id 
_pdbx_struct_conn_angle.ptnr1_label_comp_id 
_pdbx_struct_conn_angle.ptnr1_label_seq_id 
_pdbx_struct_conn_angle.ptnr1_auth_atom_id 
_pdbx_struct_conn_angle.ptnr1_auth_asym_id 
_pdbx_struct_conn_angle.ptnr1_auth_comp_id 
_pdbx_struct_conn_angle.ptnr1_auth_seq_id 
_pdbx_struct_conn_angle.ptnr1_PDB_ins_code 
_pdbx_struct_conn_angle.ptnr1_symmetry 
_pdbx_struct_conn_angle.ptnr2_label_atom_id 
_pdbx_struct_conn_angle.ptnr2_label_alt_id 
_pdbx_struct_conn_angle.ptnr2_label_asym_id 
_pdbx_struct_conn_angle.ptnr2_label_comp_id 
_pdbx_struct_conn_angle.ptnr2_label_seq_id 
_pdbx_struct_conn_angle.ptnr2_auth_atom_id 
_pdbx_struct_conn_angle.ptnr2_auth_asym_id 
_pdbx_struct_conn_angle.ptnr2_auth_comp_id 
_pdbx_struct_conn_angle.ptnr2_auth_seq_id 
_pdbx_struct_conn_angle.ptnr2_PDB_ins_code 
_pdbx_struct_conn_angle.ptnr2_symmetry 
_pdbx_struct_conn_angle.ptnr3_label_atom_id 
_pdbx_struct_conn_angle.ptnr3_label_alt_id 
_pdbx_struct_conn_angle.ptnr3_label_asym_id 
_pdbx_struct_conn_angle.ptnr3_label_comp_id 
_pdbx_struct_conn_angle.ptnr3_label_seq_id 
_pdbx_struct_conn_angle.ptnr3_auth_atom_id 
_pdbx_struct_conn_angle.ptnr3_auth_asym_id 
_pdbx_struct_conn_angle.ptnr3_auth_comp_id 
_pdbx_struct_conn_angle.ptnr3_auth_seq_id 
_pdbx_struct_conn_angle.ptnr3_PDB_ins_code 
_pdbx_struct_conn_angle.ptnr3_symmetry 
_pdbx_struct_conn_angle.value 
_pdbx_struct_conn_angle.value_esd 
1  O   ? D HOH . ? A HOH 102 ? 1_555 MN ? C MN . ? B MN 101 ? 1_555 OP2 ? B DC  2 ? B DC  63  ? 1_555 88.8  ? 
2  O   ? D HOH . ? A HOH 102 ? 1_555 MN ? C MN . ? B MN 101 ? 1_555 N7  ? B DG  3 ? B DG  64  ? 1_555 91.5  ? 
3  OP2 ? B DC  2 ? B DC  63  ? 1_555 MN ? C MN . ? B MN 101 ? 1_555 N7  ? B DG  3 ? B DG  64  ? 1_555 87.5  ? 
4  O   ? D HOH . ? A HOH 102 ? 1_555 MN ? C MN . ? B MN 101 ? 1_555 O   ? E HOH . ? B HOH 206 ? 1_555 177.2 ? 
5  OP2 ? B DC  2 ? B DC  63  ? 1_555 MN ? C MN . ? B MN 101 ? 1_555 O   ? E HOH . ? B HOH 206 ? 1_555 93.6  ? 
6  N7  ? B DG  3 ? B DG  64  ? 1_555 MN ? C MN . ? B MN 101 ? 1_555 O   ? E HOH . ? B HOH 206 ? 1_555 90.1  ? 
7  O   ? D HOH . ? A HOH 102 ? 1_555 MN ? C MN . ? B MN 101 ? 1_555 O   ? E HOH . ? B HOH 207 ? 1_555 87.1  ? 
8  OP2 ? B DC  2 ? B DC  63  ? 1_555 MN ? C MN . ? B MN 101 ? 1_555 O   ? E HOH . ? B HOH 207 ? 1_555 92.1  ? 
9  N7  ? B DG  3 ? B DG  64  ? 1_555 MN ? C MN . ? B MN 101 ? 1_555 O   ? E HOH . ? B HOH 207 ? 1_555 178.6 ? 
10 O   ? E HOH . ? B HOH 206 ? 1_555 MN ? C MN . ? B MN 101 ? 1_555 O   ? E HOH . ? B HOH 207 ? 1_555 91.3  ? 
11 O   ? D HOH . ? A HOH 102 ? 1_555 MN ? C MN . ? B MN 101 ? 1_555 O   ? E HOH . ? B HOH 212 ? 1_555 87.4  ? 
12 OP2 ? B DC  2 ? B DC  63  ? 1_555 MN ? C MN . ? B MN 101 ? 1_555 O   ? E HOH . ? B HOH 212 ? 1_555 174.4 ? 
13 N7  ? B DG  3 ? B DG  64  ? 1_555 MN ? C MN . ? B MN 101 ? 1_555 O   ? E HOH . ? B HOH 212 ? 1_555 88.5  ? 
14 O   ? E HOH . ? B HOH 206 ? 1_555 MN ? C MN . ? B MN 101 ? 1_555 O   ? E HOH . ? B HOH 212 ? 1_555 90.3  ? 
15 O   ? E HOH . ? B HOH 207 ? 1_555 MN ? C MN . ? B MN 101 ? 1_555 O   ? E HOH . ? B HOH 212 ? 1_555 91.8  ? 
# 
_struct_mon_prot_cis.pdbx_id                1 
_struct_mon_prot_cis.label_comp_id          LYS 
_struct_mon_prot_cis.label_seq_id           55 
_struct_mon_prot_cis.label_asym_id          A 
_struct_mon_prot_cis.label_alt_id           . 
_struct_mon_prot_cis.pdbx_PDB_ins_code      ? 
_struct_mon_prot_cis.auth_comp_id           LYS 
_struct_mon_prot_cis.auth_seq_id            56 
_struct_mon_prot_cis.auth_asym_id           A 
_struct_mon_prot_cis.pdbx_label_comp_id_2   PRO 
_struct_mon_prot_cis.pdbx_label_seq_id_2    56 
_struct_mon_prot_cis.pdbx_label_asym_id_2   A 
_struct_mon_prot_cis.pdbx_PDB_ins_code_2    ? 
_struct_mon_prot_cis.pdbx_auth_comp_id_2    PRO 
_struct_mon_prot_cis.pdbx_auth_seq_id_2     57 
_struct_mon_prot_cis.pdbx_auth_asym_id_2    A 
_struct_mon_prot_cis.pdbx_PDB_model_num     1 
_struct_mon_prot_cis.pdbx_omega_angle       1.23 
# 
_struct_sheet.id               A 
_struct_sheet.type             ? 
_struct_sheet.number_strands   3 
_struct_sheet.details          ? 
# 
loop_
_struct_sheet_order.sheet_id 
_struct_sheet_order.range_id_1 
_struct_sheet_order.range_id_2 
_struct_sheet_order.offset 
_struct_sheet_order.sense 
A 1 2 ? anti-parallel 
A 2 3 ? anti-parallel 
# 
loop_
_struct_sheet_range.sheet_id 
_struct_sheet_range.id 
_struct_sheet_range.beg_label_comp_id 
_struct_sheet_range.beg_label_asym_id 
_struct_sheet_range.beg_label_seq_id 
_struct_sheet_range.pdbx_beg_PDB_ins_code 
_struct_sheet_range.end_label_comp_id 
_struct_sheet_range.end_label_asym_id 
_struct_sheet_range.end_label_seq_id 
_struct_sheet_range.pdbx_end_PDB_ins_code 
_struct_sheet_range.beg_auth_comp_id 
_struct_sheet_range.beg_auth_asym_id 
_struct_sheet_range.beg_auth_seq_id 
_struct_sheet_range.end_auth_comp_id 
_struct_sheet_range.end_auth_asym_id 
_struct_sheet_range.end_auth_seq_id 
A 1 SER A 20 ? ILE A 21 ? SER A 21 ILE A 22 
A 2 VAL A 58 ? LEU A 61 ? VAL A 59 LEU A 62 
A 3 VAL A 49 ? ASN A 51 ? VAL A 50 ASN A 52 
# 
loop_
_pdbx_struct_sheet_hbond.sheet_id 
_pdbx_struct_sheet_hbond.range_id_1 
_pdbx_struct_sheet_hbond.range_id_2 
_pdbx_struct_sheet_hbond.range_1_label_atom_id 
_pdbx_struct_sheet_hbond.range_1_label_comp_id 
_pdbx_struct_sheet_hbond.range_1_label_asym_id 
_pdbx_struct_sheet_hbond.range_1_label_seq_id 
_pdbx_struct_sheet_hbond.range_1_PDB_ins_code 
_pdbx_struct_sheet_hbond.range_1_auth_atom_id 
_pdbx_struct_sheet_hbond.range_1_auth_comp_id 
_pdbx_struct_sheet_hbond.range_1_auth_asym_id 
_pdbx_struct_sheet_hbond.range_1_auth_seq_id 
_pdbx_struct_sheet_hbond.range_2_label_atom_id 
_pdbx_struct_sheet_hbond.range_2_label_comp_id 
_pdbx_struct_sheet_hbond.range_2_label_asym_id 
_pdbx_struct_sheet_hbond.range_2_label_seq_id 
_pdbx_struct_sheet_hbond.range_2_PDB_ins_code 
_pdbx_struct_sheet_hbond.range_2_auth_atom_id 
_pdbx_struct_sheet_hbond.range_2_auth_comp_id 
_pdbx_struct_sheet_hbond.range_2_auth_asym_id 
_pdbx_struct_sheet_hbond.range_2_auth_seq_id 
A 1 2 N SER A 20 ? N SER A 21 O TRP A 59 ? O TRP A 60 
A 2 3 O ASP A 60 ? O ASP A 61 N PHE A 50 ? N PHE A 51 
# 
_struct_site.id                   AC1 
_struct_site.pdbx_evidence_code   Software 
_struct_site.pdbx_auth_asym_id    B 
_struct_site.pdbx_auth_comp_id    MN 
_struct_site.pdbx_auth_seq_id     101 
_struct_site.pdbx_auth_ins_code   ? 
_struct_site.pdbx_num_residues    6 
_struct_site.details              'BINDING SITE FOR RESIDUE MN B 101' 
# 
loop_
_struct_site_gen.id 
_struct_site_gen.site_id 
_struct_site_gen.pdbx_num_res 
_struct_site_gen.label_comp_id 
_struct_site_gen.label_asym_id 
_struct_site_gen.label_seq_id 
_struct_site_gen.pdbx_auth_ins_code 
_struct_site_gen.auth_comp_id 
_struct_site_gen.auth_asym_id 
_struct_site_gen.auth_seq_id 
_struct_site_gen.label_atom_id 
_struct_site_gen.label_alt_id 
_struct_site_gen.symmetry 
_struct_site_gen.details 
1 AC1 6 HOH D . ? HOH A 102 . ? 1_555 ? 
2 AC1 6 DC  B 2 ? DC  B 63  . ? 1_555 ? 
3 AC1 6 DG  B 3 ? DG  B 64  . ? 1_555 ? 
4 AC1 6 HOH E . ? HOH B 206 . ? 1_555 ? 
5 AC1 6 HOH E . ? HOH B 207 . ? 1_555 ? 
6 AC1 6 HOH E . ? HOH B 212 . ? 1_555 ? 
# 
_pdbx_validate_rmsd_angle.id                         1 
_pdbx_validate_rmsd_angle.PDB_model_num              1 
_pdbx_validate_rmsd_angle.auth_atom_id_1             "O4'" 
_pdbx_validate_rmsd_angle.auth_asym_id_1             B 
_pdbx_validate_rmsd_angle.auth_comp_id_1             DG 
_pdbx_validate_rmsd_angle.auth_seq_id_1              64 
_pdbx_validate_rmsd_angle.PDB_ins_code_1             ? 
_pdbx_validate_rmsd_angle.label_alt_id_1             ? 
_pdbx_validate_rmsd_angle.auth_atom_id_2             "C1'" 
_pdbx_validate_rmsd_angle.auth_asym_id_2             B 
_pdbx_validate_rmsd_angle.auth_comp_id_2             DG 
_pdbx_validate_rmsd_angle.auth_seq_id_2              64 
_pdbx_validate_rmsd_angle.PDB_ins_code_2             ? 
_pdbx_validate_rmsd_angle.label_alt_id_2             ? 
_pdbx_validate_rmsd_angle.auth_atom_id_3             N9 
_pdbx_validate_rmsd_angle.auth_asym_id_3             B 
_pdbx_validate_rmsd_angle.auth_comp_id_3             DG 
_pdbx_validate_rmsd_angle.auth_seq_id_3              64 
_pdbx_validate_rmsd_angle.PDB_ins_code_3             ? 
_pdbx_validate_rmsd_angle.label_alt_id_3             ? 
_pdbx_validate_rmsd_angle.angle_value                103.77 
_pdbx_validate_rmsd_angle.angle_target_value         108.00 
_pdbx_validate_rmsd_angle.angle_deviation            -4.23 
_pdbx_validate_rmsd_angle.angle_standard_deviation   0.70 
_pdbx_validate_rmsd_angle.linker_flag                N 
# 
_phasing.method   MR 
# 
loop_
_chem_comp_atom.comp_id 
_chem_comp_atom.atom_id 
_chem_comp_atom.type_symbol 
_chem_comp_atom.pdbx_aromatic_flag 
_chem_comp_atom.pdbx_stereo_config 
_chem_comp_atom.pdbx_ordinal 
ALA N      N  N N 1   
ALA CA     C  N S 2   
ALA C      C  N N 3   
ALA O      O  N N 4   
ALA CB     C  N N 5   
ALA OXT    O  N N 6   
ALA H      H  N N 7   
ALA H2     H  N N 8   
ALA HA     H  N N 9   
ALA HB1    H  N N 10  
ALA HB2    H  N N 11  
ALA HB3    H  N N 12  
ALA HXT    H  N N 13  
ARG N      N  N N 14  
ARG CA     C  N S 15  
ARG C      C  N N 16  
ARG O      O  N N 17  
ARG CB     C  N N 18  
ARG CG     C  N N 19  
ARG CD     C  N N 20  
ARG NE     N  N N 21  
ARG CZ     C  N N 22  
ARG NH1    N  N N 23  
ARG NH2    N  N N 24  
ARG OXT    O  N N 25  
ARG H      H  N N 26  
ARG H2     H  N N 27  
ARG HA     H  N N 28  
ARG HB2    H  N N 29  
ARG HB3    H  N N 30  
ARG HG2    H  N N 31  
ARG HG3    H  N N 32  
ARG HD2    H  N N 33  
ARG HD3    H  N N 34  
ARG HE     H  N N 35  
ARG HH11   H  N N 36  
ARG HH12   H  N N 37  
ARG HH21   H  N N 38  
ARG HH22   H  N N 39  
ARG HXT    H  N N 40  
ASN N      N  N N 41  
ASN CA     C  N S 42  
ASN C      C  N N 43  
ASN O      O  N N 44  
ASN CB     C  N N 45  
ASN CG     C  N N 46  
ASN OD1    O  N N 47  
ASN ND2    N  N N 48  
ASN OXT    O  N N 49  
ASN H      H  N N 50  
ASN H2     H  N N 51  
ASN HA     H  N N 52  
ASN HB2    H  N N 53  
ASN HB3    H  N N 54  
ASN HD21   H  N N 55  
ASN HD22   H  N N 56  
ASN HXT    H  N N 57  
ASP N      N  N N 58  
ASP CA     C  N S 59  
ASP C      C  N N 60  
ASP O      O  N N 61  
ASP CB     C  N N 62  
ASP CG     C  N N 63  
ASP OD1    O  N N 64  
ASP OD2    O  N N 65  
ASP OXT    O  N N 66  
ASP H      H  N N 67  
ASP H2     H  N N 68  
ASP HA     H  N N 69  
ASP HB2    H  N N 70  
ASP HB3    H  N N 71  
ASP HD2    H  N N 72  
ASP HXT    H  N N 73  
DC  OP3    O  N N 74  
DC  P      P  N N 75  
DC  OP1    O  N N 76  
DC  OP2    O  N N 77  
DC  "O5'"  O  N N 78  
DC  "C5'"  C  N N 79  
DC  "C4'"  C  N R 80  
DC  "O4'"  O  N N 81  
DC  "C3'"  C  N S 82  
DC  "O3'"  O  N N 83  
DC  "C2'"  C  N N 84  
DC  "C1'"  C  N R 85  
DC  N1     N  N N 86  
DC  C2     C  N N 87  
DC  O2     O  N N 88  
DC  N3     N  N N 89  
DC  C4     C  N N 90  
DC  N4     N  N N 91  
DC  C5     C  N N 92  
DC  C6     C  N N 93  
DC  HOP3   H  N N 94  
DC  HOP2   H  N N 95  
DC  "H5'"  H  N N 96  
DC  "H5''" H  N N 97  
DC  "H4'"  H  N N 98  
DC  "H3'"  H  N N 99  
DC  "HO3'" H  N N 100 
DC  "H2'"  H  N N 101 
DC  "H2''" H  N N 102 
DC  "H1'"  H  N N 103 
DC  H41    H  N N 104 
DC  H42    H  N N 105 
DC  H5     H  N N 106 
DC  H6     H  N N 107 
DG  OP3    O  N N 108 
DG  P      P  N N 109 
DG  OP1    O  N N 110 
DG  OP2    O  N N 111 
DG  "O5'"  O  N N 112 
DG  "C5'"  C  N N 113 
DG  "C4'"  C  N R 114 
DG  "O4'"  O  N N 115 
DG  "C3'"  C  N S 116 
DG  "O3'"  O  N N 117 
DG  "C2'"  C  N N 118 
DG  "C1'"  C  N R 119 
DG  N9     N  Y N 120 
DG  C8     C  Y N 121 
DG  N7     N  Y N 122 
DG  C5     C  Y N 123 
DG  C6     C  N N 124 
DG  O6     O  N N 125 
DG  N1     N  N N 126 
DG  C2     C  N N 127 
DG  N2     N  N N 128 
DG  N3     N  N N 129 
DG  C4     C  Y N 130 
DG  HOP3   H  N N 131 
DG  HOP2   H  N N 132 
DG  "H5'"  H  N N 133 
DG  "H5''" H  N N 134 
DG  "H4'"  H  N N 135 
DG  "H3'"  H  N N 136 
DG  "HO3'" H  N N 137 
DG  "H2'"  H  N N 138 
DG  "H2''" H  N N 139 
DG  "H1'"  H  N N 140 
DG  H8     H  N N 141 
DG  H1     H  N N 142 
DG  H21    H  N N 143 
DG  H22    H  N N 144 
DT  OP3    O  N N 145 
DT  P      P  N N 146 
DT  OP1    O  N N 147 
DT  OP2    O  N N 148 
DT  "O5'"  O  N N 149 
DT  "C5'"  C  N N 150 
DT  "C4'"  C  N R 151 
DT  "O4'"  O  N N 152 
DT  "C3'"  C  N S 153 
DT  "O3'"  O  N N 154 
DT  "C2'"  C  N N 155 
DT  "C1'"  C  N R 156 
DT  N1     N  N N 157 
DT  C2     C  N N 158 
DT  O2     O  N N 159 
DT  N3     N  N N 160 
DT  C4     C  N N 161 
DT  O4     O  N N 162 
DT  C5     C  N N 163 
DT  C7     C  N N 164 
DT  C6     C  N N 165 
DT  HOP3   H  N N 166 
DT  HOP2   H  N N 167 
DT  "H5'"  H  N N 168 
DT  "H5''" H  N N 169 
DT  "H4'"  H  N N 170 
DT  "H3'"  H  N N 171 
DT  "HO3'" H  N N 172 
DT  "H2'"  H  N N 173 
DT  "H2''" H  N N 174 
DT  "H1'"  H  N N 175 
DT  H3     H  N N 176 
DT  H71    H  N N 177 
DT  H72    H  N N 178 
DT  H73    H  N N 179 
DT  H6     H  N N 180 
GLN N      N  N N 181 
GLN CA     C  N S 182 
GLN C      C  N N 183 
GLN O      O  N N 184 
GLN CB     C  N N 185 
GLN CG     C  N N 186 
GLN CD     C  N N 187 
GLN OE1    O  N N 188 
GLN NE2    N  N N 189 
GLN OXT    O  N N 190 
GLN H      H  N N 191 
GLN H2     H  N N 192 
GLN HA     H  N N 193 
GLN HB2    H  N N 194 
GLN HB3    H  N N 195 
GLN HG2    H  N N 196 
GLN HG3    H  N N 197 
GLN HE21   H  N N 198 
GLN HE22   H  N N 199 
GLN HXT    H  N N 200 
GLU N      N  N N 201 
GLU CA     C  N S 202 
GLU C      C  N N 203 
GLU O      O  N N 204 
GLU CB     C  N N 205 
GLU CG     C  N N 206 
GLU CD     C  N N 207 
GLU OE1    O  N N 208 
GLU OE2    O  N N 209 
GLU OXT    O  N N 210 
GLU H      H  N N 211 
GLU H2     H  N N 212 
GLU HA     H  N N 213 
GLU HB2    H  N N 214 
GLU HB3    H  N N 215 
GLU HG2    H  N N 216 
GLU HG3    H  N N 217 
GLU HE2    H  N N 218 
GLU HXT    H  N N 219 
GLY N      N  N N 220 
GLY CA     C  N N 221 
GLY C      C  N N 222 
GLY O      O  N N 223 
GLY OXT    O  N N 224 
GLY H      H  N N 225 
GLY H2     H  N N 226 
GLY HA2    H  N N 227 
GLY HA3    H  N N 228 
GLY HXT    H  N N 229 
HIS N      N  N N 230 
HIS CA     C  N S 231 
HIS C      C  N N 232 
HIS O      O  N N 233 
HIS CB     C  N N 234 
HIS CG     C  Y N 235 
HIS ND1    N  Y N 236 
HIS CD2    C  Y N 237 
HIS CE1    C  Y N 238 
HIS NE2    N  Y N 239 
HIS OXT    O  N N 240 
HIS H      H  N N 241 
HIS H2     H  N N 242 
HIS HA     H  N N 243 
HIS HB2    H  N N 244 
HIS HB3    H  N N 245 
HIS HD1    H  N N 246 
HIS HD2    H  N N 247 
HIS HE1    H  N N 248 
HIS HE2    H  N N 249 
HIS HXT    H  N N 250 
HOH O      O  N N 251 
HOH H1     H  N N 252 
HOH H2     H  N N 253 
ILE N      N  N N 254 
ILE CA     C  N S 255 
ILE C      C  N N 256 
ILE O      O  N N 257 
ILE CB     C  N S 258 
ILE CG1    C  N N 259 
ILE CG2    C  N N 260 
ILE CD1    C  N N 261 
ILE OXT    O  N N 262 
ILE H      H  N N 263 
ILE H2     H  N N 264 
ILE HA     H  N N 265 
ILE HB     H  N N 266 
ILE HG12   H  N N 267 
ILE HG13   H  N N 268 
ILE HG21   H  N N 269 
ILE HG22   H  N N 270 
ILE HG23   H  N N 271 
ILE HD11   H  N N 272 
ILE HD12   H  N N 273 
ILE HD13   H  N N 274 
ILE HXT    H  N N 275 
LEU N      N  N N 276 
LEU CA     C  N S 277 
LEU C      C  N N 278 
LEU O      O  N N 279 
LEU CB     C  N N 280 
LEU CG     C  N N 281 
LEU CD1    C  N N 282 
LEU CD2    C  N N 283 
LEU OXT    O  N N 284 
LEU H      H  N N 285 
LEU H2     H  N N 286 
LEU HA     H  N N 287 
LEU HB2    H  N N 288 
LEU HB3    H  N N 289 
LEU HG     H  N N 290 
LEU HD11   H  N N 291 
LEU HD12   H  N N 292 
LEU HD13   H  N N 293 
LEU HD21   H  N N 294 
LEU HD22   H  N N 295 
LEU HD23   H  N N 296 
LEU HXT    H  N N 297 
LYS N      N  N N 298 
LYS CA     C  N S 299 
LYS C      C  N N 300 
LYS O      O  N N 301 
LYS CB     C  N N 302 
LYS CG     C  N N 303 
LYS CD     C  N N 304 
LYS CE     C  N N 305 
LYS NZ     N  N N 306 
LYS OXT    O  N N 307 
LYS H      H  N N 308 
LYS H2     H  N N 309 
LYS HA     H  N N 310 
LYS HB2    H  N N 311 
LYS HB3    H  N N 312 
LYS HG2    H  N N 313 
LYS HG3    H  N N 314 
LYS HD2    H  N N 315 
LYS HD3    H  N N 316 
LYS HE2    H  N N 317 
LYS HE3    H  N N 318 
LYS HZ1    H  N N 319 
LYS HZ2    H  N N 320 
LYS HZ3    H  N N 321 
LYS HXT    H  N N 322 
MET N      N  N N 323 
MET CA     C  N S 324 
MET C      C  N N 325 
MET O      O  N N 326 
MET CB     C  N N 327 
MET CG     C  N N 328 
MET SD     S  N N 329 
MET CE     C  N N 330 
MET OXT    O  N N 331 
MET H      H  N N 332 
MET H2     H  N N 333 
MET HA     H  N N 334 
MET HB2    H  N N 335 
MET HB3    H  N N 336 
MET HG2    H  N N 337 
MET HG3    H  N N 338 
MET HE1    H  N N 339 
MET HE2    H  N N 340 
MET HE3    H  N N 341 
MET HXT    H  N N 342 
MN  MN     MN N N 343 
PHE N      N  N N 344 
PHE CA     C  N S 345 
PHE C      C  N N 346 
PHE O      O  N N 347 
PHE CB     C  N N 348 
PHE CG     C  Y N 349 
PHE CD1    C  Y N 350 
PHE CD2    C  Y N 351 
PHE CE1    C  Y N 352 
PHE CE2    C  Y N 353 
PHE CZ     C  Y N 354 
PHE OXT    O  N N 355 
PHE H      H  N N 356 
PHE H2     H  N N 357 
PHE HA     H  N N 358 
PHE HB2    H  N N 359 
PHE HB3    H  N N 360 
PHE HD1    H  N N 361 
PHE HD2    H  N N 362 
PHE HE1    H  N N 363 
PHE HE2    H  N N 364 
PHE HZ     H  N N 365 
PHE HXT    H  N N 366 
PRO N      N  N N 367 
PRO CA     C  N S 368 
PRO C      C  N N 369 
PRO O      O  N N 370 
PRO CB     C  N N 371 
PRO CG     C  N N 372 
PRO CD     C  N N 373 
PRO OXT    O  N N 374 
PRO H      H  N N 375 
PRO HA     H  N N 376 
PRO HB2    H  N N 377 
PRO HB3    H  N N 378 
PRO HG2    H  N N 379 
PRO HG3    H  N N 380 
PRO HD2    H  N N 381 
PRO HD3    H  N N 382 
PRO HXT    H  N N 383 
SER N      N  N N 384 
SER CA     C  N S 385 
SER C      C  N N 386 
SER O      O  N N 387 
SER CB     C  N N 388 
SER OG     O  N N 389 
SER OXT    O  N N 390 
SER H      H  N N 391 
SER H2     H  N N 392 
SER HA     H  N N 393 
SER HB2    H  N N 394 
SER HB3    H  N N 395 
SER HG     H  N N 396 
SER HXT    H  N N 397 
THR N      N  N N 398 
THR CA     C  N S 399 
THR C      C  N N 400 
THR O      O  N N 401 
THR CB     C  N R 402 
THR OG1    O  N N 403 
THR CG2    C  N N 404 
THR OXT    O  N N 405 
THR H      H  N N 406 
THR H2     H  N N 407 
THR HA     H  N N 408 
THR HB     H  N N 409 
THR HG1    H  N N 410 
THR HG21   H  N N 411 
THR HG22   H  N N 412 
THR HG23   H  N N 413 
THR HXT    H  N N 414 
TRP N      N  N N 415 
TRP CA     C  N S 416 
TRP C      C  N N 417 
TRP O      O  N N 418 
TRP CB     C  N N 419 
TRP CG     C  Y N 420 
TRP CD1    C  Y N 421 
TRP CD2    C  Y N 422 
TRP NE1    N  Y N 423 
TRP CE2    C  Y N 424 
TRP CE3    C  Y N 425 
TRP CZ2    C  Y N 426 
TRP CZ3    C  Y N 427 
TRP CH2    C  Y N 428 
TRP OXT    O  N N 429 
TRP H      H  N N 430 
TRP H2     H  N N 431 
TRP HA     H  N N 432 
TRP HB2    H  N N 433 
TRP HB3    H  N N 434 
TRP HD1    H  N N 435 
TRP HE1    H  N N 436 
TRP HE3    H  N N 437 
TRP HZ2    H  N N 438 
TRP HZ3    H  N N 439 
TRP HH2    H  N N 440 
TRP HXT    H  N N 441 
TYR N      N  N N 442 
TYR CA     C  N S 443 
TYR C      C  N N 444 
TYR O      O  N N 445 
TYR CB     C  N N 446 
TYR CG     C  Y N 447 
TYR CD1    C  Y N 448 
TYR CD2    C  Y N 449 
TYR CE1    C  Y N 450 
TYR CE2    C  Y N 451 
TYR CZ     C  Y N 452 
TYR OH     O  N N 453 
TYR OXT    O  N N 454 
TYR H      H  N N 455 
TYR H2     H  N N 456 
TYR HA     H  N N 457 
TYR HB2    H  N N 458 
TYR HB3    H  N N 459 
TYR HD1    H  N N 460 
TYR HD2    H  N N 461 
TYR HE1    H  N N 462 
TYR HE2    H  N N 463 
TYR HH     H  N N 464 
TYR HXT    H  N N 465 
VAL N      N  N N 466 
VAL CA     C  N S 467 
VAL C      C  N N 468 
VAL O      O  N N 469 
VAL CB     C  N N 470 
VAL CG1    C  N N 471 
VAL CG2    C  N N 472 
VAL OXT    O  N N 473 
VAL H      H  N N 474 
VAL H2     H  N N 475 
VAL HA     H  N N 476 
VAL HB     H  N N 477 
VAL HG11   H  N N 478 
VAL HG12   H  N N 479 
VAL HG13   H  N N 480 
VAL HG21   H  N N 481 
VAL HG22   H  N N 482 
VAL HG23   H  N N 483 
VAL HXT    H  N N 484 
# 
loop_
_chem_comp_bond.comp_id 
_chem_comp_bond.atom_id_1 
_chem_comp_bond.atom_id_2 
_chem_comp_bond.value_order 
_chem_comp_bond.pdbx_aromatic_flag 
_chem_comp_bond.pdbx_stereo_config 
_chem_comp_bond.pdbx_ordinal 
ALA N     CA     sing N N 1   
ALA N     H      sing N N 2   
ALA N     H2     sing N N 3   
ALA CA    C      sing N N 4   
ALA CA    CB     sing N N 5   
ALA CA    HA     sing N N 6   
ALA C     O      doub N N 7   
ALA C     OXT    sing N N 8   
ALA CB    HB1    sing N N 9   
ALA CB    HB2    sing N N 10  
ALA CB    HB3    sing N N 11  
ALA OXT   HXT    sing N N 12  
ARG N     CA     sing N N 13  
ARG N     H      sing N N 14  
ARG N     H2     sing N N 15  
ARG CA    C      sing N N 16  
ARG CA    CB     sing N N 17  
ARG CA    HA     sing N N 18  
ARG C     O      doub N N 19  
ARG C     OXT    sing N N 20  
ARG CB    CG     sing N N 21  
ARG CB    HB2    sing N N 22  
ARG CB    HB3    sing N N 23  
ARG CG    CD     sing N N 24  
ARG CG    HG2    sing N N 25  
ARG CG    HG3    sing N N 26  
ARG CD    NE     sing N N 27  
ARG CD    HD2    sing N N 28  
ARG CD    HD3    sing N N 29  
ARG NE    CZ     sing N N 30  
ARG NE    HE     sing N N 31  
ARG CZ    NH1    sing N N 32  
ARG CZ    NH2    doub N N 33  
ARG NH1   HH11   sing N N 34  
ARG NH1   HH12   sing N N 35  
ARG NH2   HH21   sing N N 36  
ARG NH2   HH22   sing N N 37  
ARG OXT   HXT    sing N N 38  
ASN N     CA     sing N N 39  
ASN N     H      sing N N 40  
ASN N     H2     sing N N 41  
ASN CA    C      sing N N 42  
ASN CA    CB     sing N N 43  
ASN CA    HA     sing N N 44  
ASN C     O      doub N N 45  
ASN C     OXT    sing N N 46  
ASN CB    CG     sing N N 47  
ASN CB    HB2    sing N N 48  
ASN CB    HB3    sing N N 49  
ASN CG    OD1    doub N N 50  
ASN CG    ND2    sing N N 51  
ASN ND2   HD21   sing N N 52  
ASN ND2   HD22   sing N N 53  
ASN OXT   HXT    sing N N 54  
ASP N     CA     sing N N 55  
ASP N     H      sing N N 56  
ASP N     H2     sing N N 57  
ASP CA    C      sing N N 58  
ASP CA    CB     sing N N 59  
ASP CA    HA     sing N N 60  
ASP C     O      doub N N 61  
ASP C     OXT    sing N N 62  
ASP CB    CG     sing N N 63  
ASP CB    HB2    sing N N 64  
ASP CB    HB3    sing N N 65  
ASP CG    OD1    doub N N 66  
ASP CG    OD2    sing N N 67  
ASP OD2   HD2    sing N N 68  
ASP OXT   HXT    sing N N 69  
DC  OP3   P      sing N N 70  
DC  OP3   HOP3   sing N N 71  
DC  P     OP1    doub N N 72  
DC  P     OP2    sing N N 73  
DC  P     "O5'"  sing N N 74  
DC  OP2   HOP2   sing N N 75  
DC  "O5'" "C5'"  sing N N 76  
DC  "C5'" "C4'"  sing N N 77  
DC  "C5'" "H5'"  sing N N 78  
DC  "C5'" "H5''" sing N N 79  
DC  "C4'" "O4'"  sing N N 80  
DC  "C4'" "C3'"  sing N N 81  
DC  "C4'" "H4'"  sing N N 82  
DC  "O4'" "C1'"  sing N N 83  
DC  "C3'" "O3'"  sing N N 84  
DC  "C3'" "C2'"  sing N N 85  
DC  "C3'" "H3'"  sing N N 86  
DC  "O3'" "HO3'" sing N N 87  
DC  "C2'" "C1'"  sing N N 88  
DC  "C2'" "H2'"  sing N N 89  
DC  "C2'" "H2''" sing N N 90  
DC  "C1'" N1     sing N N 91  
DC  "C1'" "H1'"  sing N N 92  
DC  N1    C2     sing N N 93  
DC  N1    C6     sing N N 94  
DC  C2    O2     doub N N 95  
DC  C2    N3     sing N N 96  
DC  N3    C4     doub N N 97  
DC  C4    N4     sing N N 98  
DC  C4    C5     sing N N 99  
DC  N4    H41    sing N N 100 
DC  N4    H42    sing N N 101 
DC  C5    C6     doub N N 102 
DC  C5    H5     sing N N 103 
DC  C6    H6     sing N N 104 
DG  OP3   P      sing N N 105 
DG  OP3   HOP3   sing N N 106 
DG  P     OP1    doub N N 107 
DG  P     OP2    sing N N 108 
DG  P     "O5'"  sing N N 109 
DG  OP2   HOP2   sing N N 110 
DG  "O5'" "C5'"  sing N N 111 
DG  "C5'" "C4'"  sing N N 112 
DG  "C5'" "H5'"  sing N N 113 
DG  "C5'" "H5''" sing N N 114 
DG  "C4'" "O4'"  sing N N 115 
DG  "C4'" "C3'"  sing N N 116 
DG  "C4'" "H4'"  sing N N 117 
DG  "O4'" "C1'"  sing N N 118 
DG  "C3'" "O3'"  sing N N 119 
DG  "C3'" "C2'"  sing N N 120 
DG  "C3'" "H3'"  sing N N 121 
DG  "O3'" "HO3'" sing N N 122 
DG  "C2'" "C1'"  sing N N 123 
DG  "C2'" "H2'"  sing N N 124 
DG  "C2'" "H2''" sing N N 125 
DG  "C1'" N9     sing N N 126 
DG  "C1'" "H1'"  sing N N 127 
DG  N9    C8     sing Y N 128 
DG  N9    C4     sing Y N 129 
DG  C8    N7     doub Y N 130 
DG  C8    H8     sing N N 131 
DG  N7    C5     sing Y N 132 
DG  C5    C6     sing N N 133 
DG  C5    C4     doub Y N 134 
DG  C6    O6     doub N N 135 
DG  C6    N1     sing N N 136 
DG  N1    C2     sing N N 137 
DG  N1    H1     sing N N 138 
DG  C2    N2     sing N N 139 
DG  C2    N3     doub N N 140 
DG  N2    H21    sing N N 141 
DG  N2    H22    sing N N 142 
DG  N3    C4     sing N N 143 
DT  OP3   P      sing N N 144 
DT  OP3   HOP3   sing N N 145 
DT  P     OP1    doub N N 146 
DT  P     OP2    sing N N 147 
DT  P     "O5'"  sing N N 148 
DT  OP2   HOP2   sing N N 149 
DT  "O5'" "C5'"  sing N N 150 
DT  "C5'" "C4'"  sing N N 151 
DT  "C5'" "H5'"  sing N N 152 
DT  "C5'" "H5''" sing N N 153 
DT  "C4'" "O4'"  sing N N 154 
DT  "C4'" "C3'"  sing N N 155 
DT  "C4'" "H4'"  sing N N 156 
DT  "O4'" "C1'"  sing N N 157 
DT  "C3'" "O3'"  sing N N 158 
DT  "C3'" "C2'"  sing N N 159 
DT  "C3'" "H3'"  sing N N 160 
DT  "O3'" "HO3'" sing N N 161 
DT  "C2'" "C1'"  sing N N 162 
DT  "C2'" "H2'"  sing N N 163 
DT  "C2'" "H2''" sing N N 164 
DT  "C1'" N1     sing N N 165 
DT  "C1'" "H1'"  sing N N 166 
DT  N1    C2     sing N N 167 
DT  N1    C6     sing N N 168 
DT  C2    O2     doub N N 169 
DT  C2    N3     sing N N 170 
DT  N3    C4     sing N N 171 
DT  N3    H3     sing N N 172 
DT  C4    O4     doub N N 173 
DT  C4    C5     sing N N 174 
DT  C5    C7     sing N N 175 
DT  C5    C6     doub N N 176 
DT  C7    H71    sing N N 177 
DT  C7    H72    sing N N 178 
DT  C7    H73    sing N N 179 
DT  C6    H6     sing N N 180 
GLN N     CA     sing N N 181 
GLN N     H      sing N N 182 
GLN N     H2     sing N N 183 
GLN CA    C      sing N N 184 
GLN CA    CB     sing N N 185 
GLN CA    HA     sing N N 186 
GLN C     O      doub N N 187 
GLN C     OXT    sing N N 188 
GLN CB    CG     sing N N 189 
GLN CB    HB2    sing N N 190 
GLN CB    HB3    sing N N 191 
GLN CG    CD     sing N N 192 
GLN CG    HG2    sing N N 193 
GLN CG    HG3    sing N N 194 
GLN CD    OE1    doub N N 195 
GLN CD    NE2    sing N N 196 
GLN NE2   HE21   sing N N 197 
GLN NE2   HE22   sing N N 198 
GLN OXT   HXT    sing N N 199 
GLU N     CA     sing N N 200 
GLU N     H      sing N N 201 
GLU N     H2     sing N N 202 
GLU CA    C      sing N N 203 
GLU CA    CB     sing N N 204 
GLU CA    HA     sing N N 205 
GLU C     O      doub N N 206 
GLU C     OXT    sing N N 207 
GLU CB    CG     sing N N 208 
GLU CB    HB2    sing N N 209 
GLU CB    HB3    sing N N 210 
GLU CG    CD     sing N N 211 
GLU CG    HG2    sing N N 212 
GLU CG    HG3    sing N N 213 
GLU CD    OE1    doub N N 214 
GLU CD    OE2    sing N N 215 
GLU OE2   HE2    sing N N 216 
GLU OXT   HXT    sing N N 217 
GLY N     CA     sing N N 218 
GLY N     H      sing N N 219 
GLY N     H2     sing N N 220 
GLY CA    C      sing N N 221 
GLY CA    HA2    sing N N 222 
GLY CA    HA3    sing N N 223 
GLY C     O      doub N N 224 
GLY C     OXT    sing N N 225 
GLY OXT   HXT    sing N N 226 
HIS N     CA     sing N N 227 
HIS N     H      sing N N 228 
HIS N     H2     sing N N 229 
HIS CA    C      sing N N 230 
HIS CA    CB     sing N N 231 
HIS CA    HA     sing N N 232 
HIS C     O      doub N N 233 
HIS C     OXT    sing N N 234 
HIS CB    CG     sing N N 235 
HIS CB    HB2    sing N N 236 
HIS CB    HB3    sing N N 237 
HIS CG    ND1    sing Y N 238 
HIS CG    CD2    doub Y N 239 
HIS ND1   CE1    doub Y N 240 
HIS ND1   HD1    sing N N 241 
HIS CD2   NE2    sing Y N 242 
HIS CD2   HD2    sing N N 243 
HIS CE1   NE2    sing Y N 244 
HIS CE1   HE1    sing N N 245 
HIS NE2   HE2    sing N N 246 
HIS OXT   HXT    sing N N 247 
HOH O     H1     sing N N 248 
HOH O     H2     sing N N 249 
ILE N     CA     sing N N 250 
ILE N     H      sing N N 251 
ILE N     H2     sing N N 252 
ILE CA    C      sing N N 253 
ILE CA    CB     sing N N 254 
ILE CA    HA     sing N N 255 
ILE C     O      doub N N 256 
ILE C     OXT    sing N N 257 
ILE CB    CG1    sing N N 258 
ILE CB    CG2    sing N N 259 
ILE CB    HB     sing N N 260 
ILE CG1   CD1    sing N N 261 
ILE CG1   HG12   sing N N 262 
ILE CG1   HG13   sing N N 263 
ILE CG2   HG21   sing N N 264 
ILE CG2   HG22   sing N N 265 
ILE CG2   HG23   sing N N 266 
ILE CD1   HD11   sing N N 267 
ILE CD1   HD12   sing N N 268 
ILE CD1   HD13   sing N N 269 
ILE OXT   HXT    sing N N 270 
LEU N     CA     sing N N 271 
LEU N     H      sing N N 272 
LEU N     H2     sing N N 273 
LEU CA    C      sing N N 274 
LEU CA    CB     sing N N 275 
LEU CA    HA     sing N N 276 
LEU C     O      doub N N 277 
LEU C     OXT    sing N N 278 
LEU CB    CG     sing N N 279 
LEU CB    HB2    sing N N 280 
LEU CB    HB3    sing N N 281 
LEU CG    CD1    sing N N 282 
LEU CG    CD2    sing N N 283 
LEU CG    HG     sing N N 284 
LEU CD1   HD11   sing N N 285 
LEU CD1   HD12   sing N N 286 
LEU CD1   HD13   sing N N 287 
LEU CD2   HD21   sing N N 288 
LEU CD2   HD22   sing N N 289 
LEU CD2   HD23   sing N N 290 
LEU OXT   HXT    sing N N 291 
LYS N     CA     sing N N 292 
LYS N     H      sing N N 293 
LYS N     H2     sing N N 294 
LYS CA    C      sing N N 295 
LYS CA    CB     sing N N 296 
LYS CA    HA     sing N N 297 
LYS C     O      doub N N 298 
LYS C     OXT    sing N N 299 
LYS CB    CG     sing N N 300 
LYS CB    HB2    sing N N 301 
LYS CB    HB3    sing N N 302 
LYS CG    CD     sing N N 303 
LYS CG    HG2    sing N N 304 
LYS CG    HG3    sing N N 305 
LYS CD    CE     sing N N 306 
LYS CD    HD2    sing N N 307 
LYS CD    HD3    sing N N 308 
LYS CE    NZ     sing N N 309 
LYS CE    HE2    sing N N 310 
LYS CE    HE3    sing N N 311 
LYS NZ    HZ1    sing N N 312 
LYS NZ    HZ2    sing N N 313 
LYS NZ    HZ3    sing N N 314 
LYS OXT   HXT    sing N N 315 
MET N     CA     sing N N 316 
MET N     H      sing N N 317 
MET N     H2     sing N N 318 
MET CA    C      sing N N 319 
MET CA    CB     sing N N 320 
MET CA    HA     sing N N 321 
MET C     O      doub N N 322 
MET C     OXT    sing N N 323 
MET CB    CG     sing N N 324 
MET CB    HB2    sing N N 325 
MET CB    HB3    sing N N 326 
MET CG    SD     sing N N 327 
MET CG    HG2    sing N N 328 
MET CG    HG3    sing N N 329 
MET SD    CE     sing N N 330 
MET CE    HE1    sing N N 331 
MET CE    HE2    sing N N 332 
MET CE    HE3    sing N N 333 
MET OXT   HXT    sing N N 334 
PHE N     CA     sing N N 335 
PHE N     H      sing N N 336 
PHE N     H2     sing N N 337 
PHE CA    C      sing N N 338 
PHE CA    CB     sing N N 339 
PHE CA    HA     sing N N 340 
PHE C     O      doub N N 341 
PHE C     OXT    sing N N 342 
PHE CB    CG     sing N N 343 
PHE CB    HB2    sing N N 344 
PHE CB    HB3    sing N N 345 
PHE CG    CD1    doub Y N 346 
PHE CG    CD2    sing Y N 347 
PHE CD1   CE1    sing Y N 348 
PHE CD1   HD1    sing N N 349 
PHE CD2   CE2    doub Y N 350 
PHE CD2   HD2    sing N N 351 
PHE CE1   CZ     doub Y N 352 
PHE CE1   HE1    sing N N 353 
PHE CE2   CZ     sing Y N 354 
PHE CE2   HE2    sing N N 355 
PHE CZ    HZ     sing N N 356 
PHE OXT   HXT    sing N N 357 
PRO N     CA     sing N N 358 
PRO N     CD     sing N N 359 
PRO N     H      sing N N 360 
PRO CA    C      sing N N 361 
PRO CA    CB     sing N N 362 
PRO CA    HA     sing N N 363 
PRO C     O      doub N N 364 
PRO C     OXT    sing N N 365 
PRO CB    CG     sing N N 366 
PRO CB    HB2    sing N N 367 
PRO CB    HB3    sing N N 368 
PRO CG    CD     sing N N 369 
PRO CG    HG2    sing N N 370 
PRO CG    HG3    sing N N 371 
PRO CD    HD2    sing N N 372 
PRO CD    HD3    sing N N 373 
PRO OXT   HXT    sing N N 374 
SER N     CA     sing N N 375 
SER N     H      sing N N 376 
SER N     H2     sing N N 377 
SER CA    C      sing N N 378 
SER CA    CB     sing N N 379 
SER CA    HA     sing N N 380 
SER C     O      doub N N 381 
SER C     OXT    sing N N 382 
SER CB    OG     sing N N 383 
SER CB    HB2    sing N N 384 
SER CB    HB3    sing N N 385 
SER OG    HG     sing N N 386 
SER OXT   HXT    sing N N 387 
THR N     CA     sing N N 388 
THR N     H      sing N N 389 
THR N     H2     sing N N 390 
THR CA    C      sing N N 391 
THR CA    CB     sing N N 392 
THR CA    HA     sing N N 393 
THR C     O      doub N N 394 
THR C     OXT    sing N N 395 
THR CB    OG1    sing N N 396 
THR CB    CG2    sing N N 397 
THR CB    HB     sing N N 398 
THR OG1   HG1    sing N N 399 
THR CG2   HG21   sing N N 400 
THR CG2   HG22   sing N N 401 
THR CG2   HG23   sing N N 402 
THR OXT   HXT    sing N N 403 
TRP N     CA     sing N N 404 
TRP N     H      sing N N 405 
TRP N     H2     sing N N 406 
TRP CA    C      sing N N 407 
TRP CA    CB     sing N N 408 
TRP CA    HA     sing N N 409 
TRP C     O      doub N N 410 
TRP C     OXT    sing N N 411 
TRP CB    CG     sing N N 412 
TRP CB    HB2    sing N N 413 
TRP CB    HB3    sing N N 414 
TRP CG    CD1    doub Y N 415 
TRP CG    CD2    sing Y N 416 
TRP CD1   NE1    sing Y N 417 
TRP CD1   HD1    sing N N 418 
TRP CD2   CE2    doub Y N 419 
TRP CD2   CE3    sing Y N 420 
TRP NE1   CE2    sing Y N 421 
TRP NE1   HE1    sing N N 422 
TRP CE2   CZ2    sing Y N 423 
TRP CE3   CZ3    doub Y N 424 
TRP CE3   HE3    sing N N 425 
TRP CZ2   CH2    doub Y N 426 
TRP CZ2   HZ2    sing N N 427 
TRP CZ3   CH2    sing Y N 428 
TRP CZ3   HZ3    sing N N 429 
TRP CH2   HH2    sing N N 430 
TRP OXT   HXT    sing N N 431 
TYR N     CA     sing N N 432 
TYR N     H      sing N N 433 
TYR N     H2     sing N N 434 
TYR CA    C      sing N N 435 
TYR CA    CB     sing N N 436 
TYR CA    HA     sing N N 437 
TYR C     O      doub N N 438 
TYR C     OXT    sing N N 439 
TYR CB    CG     sing N N 440 
TYR CB    HB2    sing N N 441 
TYR CB    HB3    sing N N 442 
TYR CG    CD1    doub Y N 443 
TYR CG    CD2    sing Y N 444 
TYR CD1   CE1    sing Y N 445 
TYR CD1   HD1    sing N N 446 
TYR CD2   CE2    doub Y N 447 
TYR CD2   HD2    sing N N 448 
TYR CE1   CZ     doub Y N 449 
TYR CE1   HE1    sing N N 450 
TYR CE2   CZ     sing Y N 451 
TYR CE2   HE2    sing N N 452 
TYR CZ    OH     sing N N 453 
TYR OH    HH     sing N N 454 
TYR OXT   HXT    sing N N 455 
VAL N     CA     sing N N 456 
VAL N     H      sing N N 457 
VAL N     H2     sing N N 458 
VAL CA    C      sing N N 459 
VAL CA    CB     sing N N 460 
VAL CA    HA     sing N N 461 
VAL C     O      doub N N 462 
VAL C     OXT    sing N N 463 
VAL CB    CG1    sing N N 464 
VAL CB    CG2    sing N N 465 
VAL CB    HB     sing N N 466 
VAL CG1   HG11   sing N N 467 
VAL CG1   HG12   sing N N 468 
VAL CG1   HG13   sing N N 469 
VAL CG2   HG21   sing N N 470 
VAL CG2   HG22   sing N N 471 
VAL CG2   HG23   sing N N 472 
VAL OXT   HXT    sing N N 473 
# 
_ndb_struct_conf_na.entry_id   4KMF 
_ndb_struct_conf_na.feature    'z-form double helix' 
# 
loop_
_ndb_struct_na_base_pair.model_number 
_ndb_struct_na_base_pair.i_label_asym_id 
_ndb_struct_na_base_pair.i_label_comp_id 
_ndb_struct_na_base_pair.i_label_seq_id 
_ndb_struct_na_base_pair.i_symmetry 
_ndb_struct_na_base_pair.j_label_asym_id 
_ndb_struct_na_base_pair.j_label_comp_id 
_ndb_struct_na_base_pair.j_label_seq_id 
_ndb_struct_na_base_pair.j_symmetry 
_ndb_struct_na_base_pair.shear 
_ndb_struct_na_base_pair.stretch 
_ndb_struct_na_base_pair.stagger 
_ndb_struct_na_base_pair.buckle 
_ndb_struct_na_base_pair.propeller 
_ndb_struct_na_base_pair.opening 
_ndb_struct_na_base_pair.pair_number 
_ndb_struct_na_base_pair.pair_name 
_ndb_struct_na_base_pair.i_auth_asym_id 
_ndb_struct_na_base_pair.i_auth_seq_id 
_ndb_struct_na_base_pair.i_PDB_ins_code 
_ndb_struct_na_base_pair.j_auth_asym_id 
_ndb_struct_na_base_pair.j_auth_seq_id 
_ndb_struct_na_base_pair.j_PDB_ins_code 
_ndb_struct_na_base_pair.hbond_type_28 
_ndb_struct_na_base_pair.hbond_type_12 
1 B DC 2 1_555 B DG 7 2_556 -0.307 -0.116 -0.012 1.868  -2.200 -1.542 1 B_DC63:DG68_B B 63 ? B 68 ? 19 1 
1 B DG 3 1_555 B DC 6 2_556 0.382  -0.150 -0.122 -5.092 -3.023 0.521  2 B_DG64:DC67_B B 64 ? B 67 ? 19 1 
1 B DC 4 1_555 B DG 5 2_556 -0.356 -0.139 -0.008 6.091  -5.444 -1.062 3 B_DC65:DG66_B B 65 ? B 66 ? 19 1 
1 B DG 5 1_555 B DC 4 2_556 0.356  -0.139 -0.008 -6.091 -5.444 -1.062 4 B_DG66:DC65_B B 66 ? B 65 ? 19 1 
1 B DC 6 1_555 B DG 3 2_556 -0.382 -0.150 -0.122 5.092  -3.023 0.521  5 B_DC67:DG64_B B 67 ? B 64 ? 19 1 
1 B DG 7 1_555 B DC 2 2_556 0.307  -0.116 -0.012 -1.868 -2.200 -1.542 6 B_DG68:DC63_B B 68 ? B 63 ? 19 1 
# 
loop_
_ndb_struct_na_base_pair_step.model_number 
_ndb_struct_na_base_pair_step.i_label_asym_id_1 
_ndb_struct_na_base_pair_step.i_label_comp_id_1 
_ndb_struct_na_base_pair_step.i_label_seq_id_1 
_ndb_struct_na_base_pair_step.i_symmetry_1 
_ndb_struct_na_base_pair_step.j_label_asym_id_1 
_ndb_struct_na_base_pair_step.j_label_comp_id_1 
_ndb_struct_na_base_pair_step.j_label_seq_id_1 
_ndb_struct_na_base_pair_step.j_symmetry_1 
_ndb_struct_na_base_pair_step.i_label_asym_id_2 
_ndb_struct_na_base_pair_step.i_label_comp_id_2 
_ndb_struct_na_base_pair_step.i_label_seq_id_2 
_ndb_struct_na_base_pair_step.i_symmetry_2 
_ndb_struct_na_base_pair_step.j_label_asym_id_2 
_ndb_struct_na_base_pair_step.j_label_comp_id_2 
_ndb_struct_na_base_pair_step.j_label_seq_id_2 
_ndb_struct_na_base_pair_step.j_symmetry_2 
_ndb_struct_na_base_pair_step.shift 
_ndb_struct_na_base_pair_step.slide 
_ndb_struct_na_base_pair_step.rise 
_ndb_struct_na_base_pair_step.tilt 
_ndb_struct_na_base_pair_step.roll 
_ndb_struct_na_base_pair_step.twist 
_ndb_struct_na_base_pair_step.x_displacement 
_ndb_struct_na_base_pair_step.y_displacement 
_ndb_struct_na_base_pair_step.helical_rise 
_ndb_struct_na_base_pair_step.inclination 
_ndb_struct_na_base_pair_step.tip 
_ndb_struct_na_base_pair_step.helical_twist 
_ndb_struct_na_base_pair_step.step_number 
_ndb_struct_na_base_pair_step.step_name 
_ndb_struct_na_base_pair_step.i_auth_asym_id_1 
_ndb_struct_na_base_pair_step.i_auth_seq_id_1 
_ndb_struct_na_base_pair_step.i_PDB_ins_code_1 
_ndb_struct_na_base_pair_step.j_auth_asym_id_1 
_ndb_struct_na_base_pair_step.j_auth_seq_id_1 
_ndb_struct_na_base_pair_step.j_PDB_ins_code_1 
_ndb_struct_na_base_pair_step.i_auth_asym_id_2 
_ndb_struct_na_base_pair_step.i_auth_seq_id_2 
_ndb_struct_na_base_pair_step.i_PDB_ins_code_2 
_ndb_struct_na_base_pair_step.j_auth_asym_id_2 
_ndb_struct_na_base_pair_step.j_auth_seq_id_2 
_ndb_struct_na_base_pair_step.j_PDB_ins_code_2 
1 B DC 2 1_555 B DG 7 2_556 B DG 3 1_555 B DC 6 2_556 0.117  5.372  3.475 -1.872 -5.149 -3.488  -3.566  -14.910 6.159 54.083 
-19.657 -6.494  1 BB_DC63DG64:DC67DG68_BB B 63 ? B 68 ? B 64 ? B 67 ? 
1 B DG 3 1_555 B DC 6 2_556 B DC 4 1_555 B DG 5 2_556 -0.035 -1.438 3.142 -1.414 -7.950 -46.613 2.393   -0.150  2.872 9.959  
-1.771  -47.269 2 BB_DG64DC65:DG66DC67_BB B 64 ? B 67 ? B 65 ? B 66 ? 
1 B DC 4 1_555 B DG 5 2_556 B DG 5 1_555 B DC 4 2_556 0.000  5.355  3.696 0.000  -6.368 -8.376  -11.086 0.000   6.181 37.297 0.000 
-10.519 3 BB_DC65DG66:DC65DG66_BB B 65 ? B 66 ? B 66 ? B 65 ? 
1 B DG 5 1_555 B DC 4 2_556 B DC 6 1_555 B DG 3 2_556 0.035  -1.438 3.142 1.414  -7.950 -46.613 2.393   0.150   2.872 9.959  1.771 
-47.269 4 BB_DG66DC67:DG64DC65_BB B 66 ? B 65 ? B 67 ? B 64 ? 
1 B DC 6 1_555 B DG 3 2_556 B DG 7 1_555 B DC 2 2_556 -0.117 5.372  3.475 1.872  -5.149 -3.488  -3.566  14.910  6.159 54.083 
19.657  -6.494  5 BB_DC67DG68:DC63DG64_BB B 67 ? B 64 ? B 68 ? B 63 ? 
# 
_atom_sites.entry_id                    4KMF 
_atom_sites.fract_transf_matrix[1][1]   -0.00657859 
_atom_sites.fract_transf_matrix[1][2]   -0.01296624 
_atom_sites.fract_transf_matrix[1][3]   0.01095598 
_atom_sites.fract_transf_matrix[2][1]   0.00643271 
_atom_sites.fract_transf_matrix[2][2]   0.01035881 
_atom_sites.fract_transf_matrix[2][3]   0.01612207 
_atom_sites.fract_transf_matrix[3][1]   -0.03117182 
_atom_sites.fract_transf_matrix[3][2]   0.01316513 
_atom_sites.fract_transf_matrix[3][3]   0.00397866 
_atom_sites.fract_transf_vector[1]      0.254717 
_atom_sites.fract_transf_vector[2]      0.021286 
_atom_sites.fract_transf_vector[3]      0.209368 
# 
loop_
_atom_type.symbol 
C  
MN 
N  
O  
P  
S  
# 
loop_
_atom_site.group_PDB 
_atom_site.id 
_atom_site.type_symbol 
_atom_site.label_atom_id 
_atom_site.label_alt_id 
_atom_site.label_comp_id 
_atom_site.label_asym_id 
_atom_site.label_entity_id 
_atom_site.label_seq_id 
_atom_site.pdbx_PDB_ins_code 
_atom_site.Cartn_x 
_atom_site.Cartn_y 
_atom_site.Cartn_z 
_atom_site.occupancy 
_atom_site.B_iso_or_equiv 
_atom_site.pdbx_formal_charge 
_atom_site.auth_seq_id 
_atom_site.auth_comp_id 
_atom_site.auth_asym_id 
_atom_site.auth_atom_id 
_atom_site.pdbx_PDB_model_num 
ATOM   1   N  N     . SER A 1 1  ? 16.460  3.823   3.513   1.00 30.56 ? 2   SER A N     1 
ATOM   2   C  CA    . SER A 1 1  ? 15.833  5.166   3.678   1.00 29.79 ? 2   SER A CA    1 
ATOM   3   C  C     . SER A 1 1  ? 14.497  5.092   4.397   1.00 29.28 ? 2   SER A C     1 
ATOM   4   O  O     . SER A 1 1  ? 13.903  4.025   4.548   1.00 29.76 ? 2   SER A O     1 
ATOM   5   C  CB    . SER A 1 1  ? 15.640  5.867   2.338   1.00 29.83 ? 2   SER A CB    1 
ATOM   6   O  OG    . SER A 1 1  ? 14.489  5.386   1.632   1.00 30.70 ? 2   SER A OG    1 
ATOM   7   N  N     . ALA A 1 2  ? 14.009  6.237   4.821   1.00 28.49 ? 3   ALA A N     1 
ATOM   8   C  CA    . ALA A 1 2  ? 12.721  6.288   5.481   1.00 28.18 ? 3   ALA A CA    1 
ATOM   9   C  C     . ALA A 1 2  ? 11.591  5.868   4.540   1.00 28.01 ? 3   ALA A C     1 
ATOM   10  O  O     . ALA A 1 2  ? 10.626  5.291   5.005   1.00 27.82 ? 3   ALA A O     1 
ATOM   11  C  CB    . ALA A 1 2  ? 12.470  7.687   6.064   1.00 27.76 ? 3   ALA A CB    1 
ATOM   12  N  N     . GLU A 1 3  ? 11.707  6.150   3.233   1.00 28.21 ? 4   GLU A N     1 
ATOM   13  C  CA    . GLU A 1 3  ? 10.677  5.713   2.270   1.00 29.13 ? 4   GLU A CA    1 
ATOM   14  C  C     . GLU A 1 3  ? 10.622  4.193   2.199   1.00 27.68 ? 4   GLU A C     1 
ATOM   15  O  O     . GLU A 1 3  ? 9.540   3.603   2.223   1.00 26.79 ? 4   GLU A O     1 
ATOM   16  C  CB    . GLU A 1 3  ? 10.897  6.289   0.855   1.00 29.78 ? 4   GLU A CB    1 
ATOM   17  C  CG    . GLU A 1 3  ? 11.160  7.783   0.784   1.00 35.29 ? 4   GLU A CG    1 
ATOM   18  C  CD    . GLU A 1 3  ? 9.944   8.667   1.034   1.00 41.07 ? 4   GLU A CD    1 
ATOM   19  O  OE1   . GLU A 1 3  ? 9.150   8.909   0.090   1.00 44.84 ? 4   GLU A OE1   1 
ATOM   20  O  OE2   . GLU A 1 3  ? 9.815   9.180   2.171   1.00 45.66 ? 4   GLU A OE2   1 
ATOM   21  N  N     . THR A 1 4  ? 11.799  3.566   2.133   1.00 27.16 ? 5   THR A N     1 
ATOM   22  C  CA    . THR A 1 4  ? 11.902  2.115   2.170   1.00 27.22 ? 5   THR A CA    1 
ATOM   23  C  C     . THR A 1 4  ? 11.254  1.541   3.419   1.00 26.51 ? 5   THR A C     1 
ATOM   24  O  O     . THR A 1 4  ? 10.492  0.590   3.335   1.00 25.82 ? 5   THR A O     1 
ATOM   25  C  CB    . THR A 1 4  ? 13.336  1.643   2.002   1.00 27.55 ? 5   THR A CB    1 
ATOM   26  O  OG1   . THR A 1 4  ? 13.861  2.223   0.805   1.00 29.73 ? 5   THR A OG1   1 
ATOM   27  C  CG2   . THR A 1 4  ? 13.416  0.142   1.877   1.00 28.81 ? 5   THR A CG2   1 
ATOM   28  N  N     . GLN A 1 5  ? 11.516  2.162   4.566   1.00 26.26 ? 6   GLN A N     1 
ATOM   29  C  CA    . GLN A 1 5  ? 10.946  1.733   5.813   1.00 26.69 ? 6   GLN A CA    1 
ATOM   30  C  C     . GLN A 1 5  ? 9.410   1.895   5.842   1.00 25.74 ? 6   GLN A C     1 
ATOM   31  O  O     . GLN A 1 5  ? 8.694   0.983   6.244   1.00 25.22 ? 6   GLN A O     1 
ATOM   32  C  CB    . GLN A 1 5  ? 11.640  2.477   6.962   1.00 27.23 ? 6   GLN A CB    1 
ATOM   33  C  CG    . GLN A 1 5  ? 11.035  2.196   8.300   1.00 31.24 ? 6   GLN A CG    1 
ATOM   34  C  CD    . GLN A 1 5  ? 11.188  0.767   8.715   1.00 35.68 ? 6   GLN A CD    1 
ATOM   35  O  OE1   . GLN A 1 5  ? 12.040  0.035   8.192   1.00 38.21 ? 6   GLN A OE1   1 
ATOM   36  N  NE2   . GLN A 1 5  ? 10.359  0.344   9.676   1.00 39.67 ? 6   GLN A NE2   1 
ATOM   37  N  N     . MET A 1 6  ? 8.901   3.016   5.347   1.00 25.54 ? 7   MET A N     1 
ATOM   38  C  CA    . MET A 1 6  ? 7.455   3.189   5.146   1.00 25.61 ? 7   MET A CA    1 
ATOM   39  C  C     . MET A 1 6  ? 6.842   2.110   4.233   1.00 24.19 ? 7   MET A C     1 
ATOM   40  O  O     . MET A 1 6  ? 5.753   1.603   4.516   1.00 23.69 ? 7   MET A O     1 
ATOM   41  C  CB    . MET A 1 6  ? 7.162   4.549   4.532   1.00 27.03 ? 7   MET A CB    1 
ATOM   42  C  CG    . MET A 1 6  ? 5.848   5.133   4.934   1.00 31.77 ? 7   MET A CG    1 
ATOM   43  S  SD    . MET A 1 6  ? 5.991   5.914   6.567   1.00 43.41 ? 7   MET A SD    1 
ATOM   44  C  CE    . MET A 1 6  ? 5.501   4.538   7.615   1.00 40.03 ? 7   MET A CE    1 
ATOM   45  N  N     . GLU A 1 7  ? 7.526   1.803   3.126   1.00 22.72 ? 8   GLU A N     1 
ATOM   46  C  CA    . GLU A 1 7  ? 7.072   0.758   2.219   1.00 22.10 ? 8   GLU A CA    1 
ATOM   47  C  C     . GLU A 1 7  ? 6.998   -0.600  2.905   1.00 22.75 ? 8   GLU A C     1 
ATOM   48  O  O     . GLU A 1 7  ? 6.026   -1.348  2.707   1.00 23.61 ? 8   GLU A O     1 
ATOM   49  C  CB    . GLU A 1 7  ? 7.869   0.783   0.901   1.00 21.95 ? 8   GLU A CB    1 
ATOM   50  C  CG    . GLU A 1 7  ? 7.556   2.100   0.146   1.00 22.04 ? 8   GLU A CG    1 
ATOM   51  C  CD    . GLU A 1 7  ? 8.062   2.240   -1.277  1.00 25.16 ? 8   GLU A CD    1 
ATOM   52  O  OE1   . GLU A 1 7  ? 8.739   1.328   -1.796  1.00 27.41 ? 8   GLU A OE1   1 
ATOM   53  O  OE2   . GLU A 1 7  ? 7.735   3.298   -1.887  1.00 27.50 ? 8   GLU A OE2   1 
ATOM   54  N  N     . ARG A 1 8  ? 7.985   -0.893  3.752   1.00 22.89 ? 9   ARG A N     1 
ATOM   55  C  CA    . ARG A 1 8  ? 8.013   -2.133  4.539   1.00 23.94 ? 9   ARG A CA    1 
ATOM   56  C  C     . ARG A 1 8  ? 6.807   -2.232  5.452   1.00 22.87 ? 9   ARG A C     1 
ATOM   57  O  O     . ARG A 1 8  ? 6.182   -3.308  5.553   1.00 23.15 ? 9   ARG A O     1 
ATOM   58  C  CB    . ARG A 1 8  ? 9.288   -2.187  5.384   1.00 25.18 ? 9   ARG A CB    1 
ATOM   59  C  CG    . ARG A 1 8  ? 10.519  -2.712  4.670   1.00 30.62 ? 9   ARG A CG    1 
ATOM   60  C  CD    . ARG A 1 8  ? 11.720  -2.471  5.589   1.00 38.98 ? 9   ARG A CD    1 
ATOM   61  N  NE    . ARG A 1 8  ? 13.022  -2.773  4.986   1.00 48.20 ? 9   ARG A NE    1 
ATOM   62  C  CZ    . ARG A 1 8  ? 14.153  -2.924  5.688   1.00 52.08 ? 9   ARG A CZ    1 
ATOM   63  N  NH1   . ARG A 1 8  ? 14.145  -2.797  7.013   1.00 54.26 ? 9   ARG A NH1   1 
ATOM   64  N  NH2   . ARG A 1 8  ? 15.298  -3.213  5.073   1.00 55.35 ? 9   ARG A NH2   1 
ATOM   65  N  N     . LYS A 1 9  ? 6.453   -1.105  6.079   1.00 22.38 ? 10  LYS A N     1 
ATOM   66  C  CA    . LYS A 1 9  ? 5.282   -1.049  6.941   1.00 22.66 ? 10  LYS A CA    1 
ATOM   67  C  C     . LYS A 1 9  ? 3.980   -1.313  6.183   1.00 21.63 ? 10  LYS A C     1 
ATOM   68  O  O     . LYS A 1 9  ? 3.104   -2.004  6.685   1.00 20.83 ? 10  LYS A O     1 
ATOM   69  C  CB    . LYS A 1 9  ? 5.227   0.286   7.668   1.00 23.41 ? 10  LYS A CB    1 
ATOM   70  C  CG    . LYS A 1 9  ? 6.359   0.445   8.665   1.00 26.30 ? 10  LYS A CG    1 
ATOM   71  C  CD    . LYS A 1 9  ? 6.145   1.628   9.598   1.00 33.30 ? 10  LYS A CD    1 
ATOM   72  C  CE    . LYS A 1 9  ? 7.313   1.714   10.556  1.00 36.99 ? 10  LYS A CE    1 
ATOM   73  N  NZ    . LYS A 1 9  ? 7.013   2.208   11.956  1.00 40.24 ? 10  LYS A NZ    1 
ATOM   74  N  N     . ILE A 1 10 ? 3.865   -0.774  4.966   1.00 20.69 ? 11  ILE A N     1 
ATOM   75  C  CA    . ILE A 1 10 ? 2.707   -1.011  4.096   1.00 20.60 ? 11  ILE A CA    1 
ATOM   76  C  C     . ILE A 1 10 ? 2.627   -2.492  3.704   1.00 20.69 ? 11  ILE A C     1 
ATOM   77  O  O     . ILE A 1 10 ? 1.560   -3.100  3.748   1.00 21.55 ? 11  ILE A O     1 
ATOM   78  C  CB    . ILE A 1 10 ? 2.754   -0.065  2.857   1.00 20.72 ? 11  ILE A CB    1 
ATOM   79  C  CG1   . ILE A 1 10 ? 2.505   1.381   3.310   1.00 19.44 ? 11  ILE A CG1   1 
ATOM   80  C  CG2   . ILE A 1 10 ? 1.739   -0.458  1.767   1.00 18.93 ? 11  ILE A CG2   1 
ATOM   81  C  CD1   . ILE A 1 10 ? 2.999   2.488   2.333   1.00 21.20 ? 11  ILE A CD1   1 
ATOM   82  N  N     . ILE A 1 11 ? 3.757   -3.071  3.315   1.00 21.17 ? 12  ILE A N     1 
ATOM   83  C  CA    . ILE A 1 11 ? 3.796   -4.514  3.015   1.00 22.06 ? 12  ILE A CA    1 
ATOM   84  C  C     . ILE A 1 11 ? 3.374   -5.368  4.223   1.00 22.70 ? 12  ILE A C     1 
ATOM   85  O  O     . ILE A 1 11 ? 2.583   -6.313  4.076   1.00 22.32 ? 12  ILE A O     1 
ATOM   86  C  CB    . ILE A 1 11 ? 5.193   -4.963  2.476   1.00 22.53 ? 12  ILE A CB    1 
ATOM   87  C  CG1   . ILE A 1 11 ? 5.509   -4.244  1.156   1.00 21.78 ? 12  ILE A CG1   1 
ATOM   88  C  CG2   . ILE A 1 11 ? 5.300   -6.488  2.321   1.00 23.93 ? 12  ILE A CG2   1 
ATOM   89  C  CD1   . ILE A 1 11 ? 4.553   -4.544  0.004   1.00 24.38 ? 12  ILE A CD1   1 
ATOM   90  N  N     . ASP A 1 12 ? 3.879   -5.022  5.406   1.00 24.19 ? 13  ASP A N     1 
ATOM   91  C  CA    . ASP A 1 12 ? 3.517   -5.749  6.630   1.00 25.11 ? 13  ASP A CA    1 
ATOM   92  C  C     . ASP A 1 12 ? 2.018   -5.643  6.892   1.00 25.05 ? 13  ASP A C     1 
ATOM   93  O  O     . ASP A 1 12 ? 1.367   -6.633  7.277   1.00 25.56 ? 13  ASP A O     1 
ATOM   94  C  CB    . ASP A 1 12 ? 4.298   -5.203  7.840   1.00 27.25 ? 13  ASP A CB    1 
ATOM   95  C  CG    . ASP A 1 12 ? 5.794   -5.501  7.775   1.00 31.91 ? 13  ASP A CG    1 
ATOM   96  O  OD1   . ASP A 1 12 ? 6.246   -6.375  6.994   1.00 37.19 ? 13  ASP A OD1   1 
ATOM   97  O  OD2   . ASP A 1 12 ? 6.541   -4.857  8.549   1.00 38.67 ? 13  ASP A OD2   1 
ATOM   98  N  N     . PHE A 1 13 ? 1.473   -4.441  6.689   1.00 23.40 ? 14  PHE A N     1 
ATOM   99  C  CA    . PHE A 1 13 ? 0.048   -4.228  6.819   1.00 22.73 ? 14  PHE A CA    1 
ATOM   100 C  C     . PHE A 1 13 ? -0.766  -5.154  5.894   1.00 22.99 ? 14  PHE A C     1 
ATOM   101 O  O     . PHE A 1 13 ? -1.777  -5.770  6.322   1.00 23.60 ? 14  PHE A O     1 
ATOM   102 C  CB    . PHE A 1 13 ? -0.325  -2.760  6.591   1.00 23.57 ? 14  PHE A CB    1 
ATOM   103 C  CG    . PHE A 1 13 ? -1.790  -2.515  6.761   1.00 22.98 ? 14  PHE A CG    1 
ATOM   104 C  CD1   . PHE A 1 13 ? -2.660  -2.542  5.656   1.00 24.08 ? 14  PHE A CD1   1 
ATOM   105 C  CD2   . PHE A 1 13 ? -2.333  -2.347  8.043   1.00 22.99 ? 14  PHE A CD2   1 
ATOM   106 C  CE1   . PHE A 1 13 ? -4.045  -2.398  5.841   1.00 24.05 ? 14  PHE A CE1   1 
ATOM   107 C  CE2   . PHE A 1 13 ? -3.710  -2.159  8.211   1.00 22.80 ? 14  PHE A CE2   1 
ATOM   108 C  CZ    . PHE A 1 13 ? -4.556  -2.178  7.118   1.00 23.00 ? 14  PHE A CZ    1 
ATOM   109 N  N     . LEU A 1 14 ? -0.370  -5.228  4.621   1.00 21.90 ? 15  LEU A N     1 
ATOM   110 C  CA    . LEU A 1 14 ? -1.082  -6.115  3.697   1.00 23.16 ? 15  LEU A CA    1 
ATOM   111 C  C     . LEU A 1 14 ? -0.900  -7.583  4.039   1.00 24.28 ? 15  LEU A C     1 
ATOM   112 O  O     . LEU A 1 14 ? -1.835  -8.355  3.871   1.00 25.39 ? 15  LEU A O     1 
ATOM   113 C  CB    . LEU A 1 14 ? -0.727  -5.833  2.239   1.00 23.32 ? 15  LEU A CB    1 
ATOM   114 C  CG    . LEU A 1 14 ? -1.098  -4.421  1.784   1.00 22.49 ? 15  LEU A CG    1 
ATOM   115 C  CD1   . LEU A 1 14 ? -0.408  -4.089  0.474   1.00 21.56 ? 15  LEU A CD1   1 
ATOM   116 C  CD2   . LEU A 1 14 ? -2.622  -4.234  1.656   1.00 23.34 ? 15  LEU A CD2   1 
ATOM   117 N  N     . ARG A 1 15 ? 0.286   -7.971  4.492   1.00 25.19 ? 16  ARG A N     1 
ATOM   118 C  CA    . ARG A 1 15 ? 0.517   -9.363  4.952   1.00 26.58 ? 16  ARG A CA    1 
ATOM   119 C  C     . ARG A 1 15 ? -0.394  -9.695  6.145   1.00 27.46 ? 16  ARG A C     1 
ATOM   120 O  O     . ARG A 1 15 ? -0.964  -10.805 6.202   1.00 28.89 ? 16  ARG A O     1 
ATOM   121 C  CB    . ARG A 1 15 ? 1.989   -9.596  5.306   1.00 26.41 ? 16  ARG A CB    1 
ATOM   122 N  N     . GLN A 1 16 ? -0.563  -8.738  7.073   1.00 27.66 ? 17  GLN A N     1 
ATOM   123 C  CA    . GLN A 1 16 ? -1.349  -8.972  8.288   1.00 28.41 ? 17  GLN A CA    1 
ATOM   124 C  C     . GLN A 1 16 ? -2.850  -8.872  8.039   1.00 28.82 ? 17  GLN A C     1 
ATOM   125 O  O     . GLN A 1 16 ? -3.642  -9.576  8.676   1.00 30.39 ? 17  GLN A O     1 
ATOM   126 C  CB    . GLN A 1 16 ? -0.924  -8.022  9.413   1.00 28.28 ? 17  GLN A CB    1 
ATOM   127 N  N     . ASN A 1 17 ? -3.254  -8.049  7.091   1.00 28.53 ? 18  ASN A N     1 
ATOM   128 C  CA    . ASN A 1 17 ? -4.673  -7.740  6.955   1.00 29.52 ? 18  ASN A CA    1 
ATOM   129 C  C     . ASN A 1 17 ? -5.347  -8.185  5.673   1.00 29.13 ? 18  ASN A C     1 
ATOM   130 O  O     . ASN A 1 17 ? -6.572  -8.153  5.583   1.00 30.31 ? 18  ASN A O     1 
ATOM   131 C  CB    . ASN A 1 17 ? -4.938  -6.235  7.236   1.00 30.69 ? 18  ASN A CB    1 
ATOM   132 C  CG    . ASN A 1 17 ? -4.466  -5.811  8.626   1.00 32.95 ? 18  ASN A CG    1 
ATOM   133 O  OD1   . ASN A 1 17 ? -3.372  -5.250  8.795   1.00 37.01 ? 18  ASN A OD1   1 
ATOM   134 N  ND2   . ASN A 1 17 ? -5.268  -6.130  9.639   1.00 35.50 ? 18  ASN A ND2   1 
ATOM   135 N  N     . GLY A 1 18 ? -4.566  -8.584  4.679   1.00 27.95 ? 19  GLY A N     1 
ATOM   136 C  CA    . GLY A 1 18 ? -5.132  -8.985  3.420   1.00 27.08 ? 19  GLY A CA    1 
ATOM   137 C  C     . GLY A 1 18 ? -5.456  -7.787  2.561   1.00 25.88 ? 19  GLY A C     1 
ATOM   138 O  O     . GLY A 1 18 ? -5.106  -6.649  2.889   1.00 26.04 ? 19  GLY A O     1 
ATOM   139 N  N     . LYS A 1 19 ? -6.123  -8.045  1.450   1.00 25.12 ? 20  LYS A N     1 
ATOM   140 C  CA    . LYS A 1 19 ? -6.295  -7.024  0.427   1.00 25.13 ? 20  LYS A CA    1 
ATOM   141 C  C     . LYS A 1 19 ? -7.073  -5.817  0.954   1.00 23.58 ? 20  LYS A C     1 
ATOM   142 O  O     . LYS A 1 19 ? -8.024  -5.961  1.707   1.00 24.32 ? 20  LYS A O     1 
ATOM   143 C  CB    . LYS A 1 19 ? -6.889  -7.638  -0.839  1.00 25.17 ? 20  LYS A CB    1 
ATOM   144 C  CG    . LYS A 1 19 ? -8.324  -8.092  -0.726  1.00 28.81 ? 20  LYS A CG    1 
ATOM   145 C  CD    . LYS A 1 19 ? -8.703  -8.989  -1.922  1.00 32.64 ? 20  LYS A CD    1 
ATOM   146 C  CE    . LYS A 1 19 ? -9.910  -9.840  -1.592  1.00 36.69 ? 20  LYS A CE    1 
ATOM   147 N  NZ    . LYS A 1 19 ? -10.997 -8.977  -1.055  1.00 40.07 ? 20  LYS A NZ    1 
ATOM   148 N  N     . SER A 1 20 ? -6.619  -4.613  0.616   1.00 22.27 ? 21  SER A N     1 
ATOM   149 C  CA    . SER A 1 20 ? -7.093  -3.400  1.276   1.00 21.44 ? 21  SER A CA    1 
ATOM   150 C  C     . SER A 1 20 ? -7.135  -2.241  0.293   1.00 20.68 ? 21  SER A C     1 
ATOM   151 O  O     . SER A 1 20 ? -6.335  -2.198  -0.628  1.00 20.21 ? 21  SER A O     1 
ATOM   152 C  CB    . SER A 1 20 ? -6.175  -3.035  2.456   1.00 21.32 ? 21  SER A CB    1 
ATOM   153 O  OG    . SER A 1 20 ? -6.125  -4.096  3.424   1.00 22.13 ? 21  SER A OG    1 
ATOM   154 N  N     . ILE A 1 21 ? -8.070  -1.315  0.476   1.00 20.72 ? 22  ILE A N     1 
ATOM   155 C  CA    . ILE A 1 21 ? -8.041  -0.081  -0.303  1.00 20.21 ? 22  ILE A CA    1 
ATOM   156 C  C     . ILE A 1 21 ? -7.086  0.915   0.364   1.00 19.19 ? 22  ILE A C     1 
ATOM   157 O  O     . ILE A 1 21 ? -6.759  0.766   1.548   1.00 19.18 ? 22  ILE A O     1 
ATOM   158 C  CB    . ILE A 1 21 ? -9.462  0.509   -0.520  1.00 20.43 ? 22  ILE A CB    1 
ATOM   159 C  CG1   . ILE A 1 21 ? -10.075 0.959   0.817   1.00 21.46 ? 22  ILE A CG1   1 
ATOM   160 C  CG2   . ILE A 1 21 ? -10.333 -0.541  -1.203  1.00 22.32 ? 22  ILE A CG2   1 
ATOM   161 C  CD1   . ILE A 1 21 ? -11.257 1.955   0.676   1.00 23.07 ? 22  ILE A CD1   1 
ATOM   162 N  N     . ALA A 1 22 ? -6.617  1.914   -0.388  1.00 19.00 ? 23  ALA A N     1 
ATOM   163 C  CA    . ALA A 1 22 ? -5.659  2.893   0.124   1.00 19.18 ? 23  ALA A CA    1 
ATOM   164 C  C     . ALA A 1 22 ? -6.137  3.599   1.389   1.00 19.85 ? 23  ALA A C     1 
ATOM   165 O  O     . ALA A 1 22 ? -5.347  3.856   2.279   1.00 20.05 ? 23  ALA A O     1 
ATOM   166 C  CB    . ALA A 1 22 ? -5.325  3.937   -0.942  1.00 18.47 ? 23  ALA A CB    1 
ATOM   167 N  N     . LEU A 1 23 ? -7.430  3.903   1.469   1.00 21.55 ? 24  LEU A N     1 
ATOM   168 C  CA    . LEU A 1 23 ? -7.956  4.686   2.578   1.00 23.26 ? 24  LEU A CA    1 
ATOM   169 C  C     . LEU A 1 23 ? -7.758  3.907   3.872   1.00 22.40 ? 24  LEU A C     1 
ATOM   170 O  O     . LEU A 1 23 ? -7.334  4.449   4.865   1.00 23.45 ? 24  LEU A O     1 
ATOM   171 C  CB    . LEU A 1 23 ? -9.421  5.046   2.331   1.00 24.56 ? 24  LEU A CB    1 
ATOM   172 C  CG    . LEU A 1 23 ? -9.918  6.174   3.229   1.00 28.45 ? 24  LEU A CG    1 
ATOM   173 C  CD1   . LEU A 1 23 ? -10.310 7.357   2.359   1.00 35.49 ? 24  LEU A CD1   1 
ATOM   174 C  CD2   . LEU A 1 23 ? -11.096 5.703   4.096   1.00 32.63 ? 24  LEU A CD2   1 
ATOM   175 N  N     . THR A 1 24 ? -7.994  2.613   3.835   1.00 22.51 ? 25  THR A N     1 
ATOM   176 C  CA    . THR A 1 24 ? -7.755  1.773   5.014   1.00 22.16 ? 25  THR A CA    1 
ATOM   177 C  C     . THR A 1 24 ? -6.279  1.692   5.477   1.00 21.11 ? 25  THR A C     1 
ATOM   178 O  O     . THR A 1 24 ? -5.971  1.782   6.665   1.00 21.47 ? 25  THR A O     1 
ATOM   179 C  CB    . THR A 1 24 ? -8.261  0.406   4.711   1.00 22.34 ? 25  THR A CB    1 
ATOM   180 O  OG1   . THR A 1 24 ? -9.648  0.525   4.388   1.00 24.63 ? 25  THR A OG1   1 
ATOM   181 C  CG2   . THR A 1 24 ? -8.084  -0.510  5.909   1.00 23.92 ? 25  THR A CG2   1 
ATOM   182 N  N     . ILE A 1 25 ? -5.386  1.490   4.508   1.00 19.91 ? 26  ILE A N     1 
ATOM   183 C  CA    . ILE A 1 25 ? -3.968  1.411   4.753   1.00 18.95 ? 26  ILE A CA    1 
ATOM   184 C  C     . ILE A 1 25 ? -3.522  2.744   5.326   1.00 19.20 ? 26  ILE A C     1 
ATOM   185 O  O     . ILE A 1 25 ? -2.778  2.790   6.314   1.00 19.89 ? 26  ILE A O     1 
ATOM   186 C  CB    . ILE A 1 25 ? -3.209  1.147   3.425   1.00 17.40 ? 26  ILE A CB    1 
ATOM   187 C  CG1   . ILE A 1 25 ? -3.656  -0.179  2.785   1.00 17.97 ? 26  ILE A CG1   1 
ATOM   188 C  CG2   . ILE A 1 25 ? -1.692  1.181   3.668   1.00 17.25 ? 26  ILE A CG2   1 
ATOM   189 C  CD1   . ILE A 1 25 ? -3.146  -0.386  1.349   1.00 18.21 ? 26  ILE A CD1   1 
ATOM   190 N  N     . ALA A 1 26 ? -3.963  3.845   4.724   1.00 19.32 ? 27  ALA A N     1 
ATOM   191 C  CA    . ALA A 1 26 ? -3.599  5.176   5.250   1.00 19.71 ? 27  ALA A CA    1 
ATOM   192 C  C     . ALA A 1 26 ? -3.978  5.397   6.703   1.00 20.48 ? 27  ALA A C     1 
ATOM   193 O  O     . ALA A 1 26 ? -3.171  5.918   7.474   1.00 21.69 ? 27  ALA A O     1 
ATOM   194 C  CB    . ALA A 1 26 ? -4.174  6.265   4.382   1.00 19.38 ? 27  ALA A CB    1 
ATOM   195 N  N     . LYS A 1 27 ? -5.179  4.990   7.090   1.00 21.01 ? 28  LYS A N     1 
ATOM   196 C  CA    . LYS A 1 27 ? -5.626  5.173   8.465   1.00 22.24 ? 28  LYS A CA    1 
ATOM   197 C  C     . LYS A 1 27 ? -4.745  4.404   9.460   1.00 23.32 ? 28  LYS A C     1 
ATOM   198 O  O     . LYS A 1 27 ? -4.432  4.926   10.533  1.00 23.33 ? 28  LYS A O     1 
ATOM   199 C  CB    . LYS A 1 27 ? -7.090  4.739   8.605   1.00 23.14 ? 28  LYS A CB    1 
ATOM   200 N  N     . GLU A 1 28 ? -4.339  3.184   9.105   1.00 23.17 ? 29  GLU A N     1 
ATOM   201 C  CA    . GLU A 1 28 ? -3.480  2.373   9.998   1.00 23.61 ? 29  GLU A CA    1 
ATOM   202 C  C     . GLU A 1 28 ? -1.995  2.771   10.035  1.00 23.42 ? 29  GLU A C     1 
ATOM   203 O  O     . GLU A 1 28 ? -1.375  2.817   11.101  1.00 23.38 ? 29  GLU A O     1 
ATOM   204 C  CB    . GLU A 1 28 ? -3.662  0.893   9.739   1.00 23.58 ? 29  GLU A CB    1 
ATOM   205 C  CG    . GLU A 1 28 ? -2.726  -0.047  10.604  1.00 24.98 ? 29  GLU A CG    1 
ATOM   206 C  CD    . GLU A 1 28 ? -2.815  0.081   12.158  1.00 27.84 ? 29  GLU A CD    1 
ATOM   207 O  OE1   . GLU A 1 28 ? -3.691  0.809   12.730  1.00 26.50 ? 29  GLU A OE1   1 
ATOM   208 O  OE2   . GLU A 1 28 ? -1.966  -0.587  12.808  1.00 28.35 ? 29  GLU A OE2   1 
ATOM   209 N  N     . ILE A 1 29 ? -1.412  3.068   8.894   1.00 22.19 ? 30  ILE A N     1 
ATOM   210 C  CA    . ILE A 1 29 ? -0.019  3.519   8.874   1.00 23.37 ? 30  ILE A CA    1 
ATOM   211 C  C     . ILE A 1 29 ? 0.051   4.967   9.402   1.00 22.75 ? 30  ILE A C     1 
ATOM   212 O  O     . ILE A 1 29 ? 1.106   5.426   9.873   1.00 23.77 ? 30  ILE A O     1 
ATOM   213 C  CB    . ILE A 1 29 ? 0.611   3.369   7.427   1.00 23.74 ? 30  ILE A CB    1 
ATOM   214 C  CG1   . ILE A 1 29 ? 0.408   1.949   6.881   1.00 25.22 ? 30  ILE A CG1   1 
ATOM   215 C  CG2   . ILE A 1 29 ? 2.082   3.690   7.428   1.00 26.07 ? 30  ILE A CG2   1 
ATOM   216 C  CD1   . ILE A 1 29 ? 0.748   0.786   7.865   1.00 28.11 ? 30  ILE A CD1   1 
ATOM   217 N  N     . GLY A 1 30 ? -1.087  5.678   9.323   1.00 21.31 ? 31  GLY A N     1 
ATOM   218 C  CA    . GLY A 1 30 ? -1.239  7.041   9.835   1.00 20.77 ? 31  GLY A CA    1 
ATOM   219 C  C     . GLY A 1 30 ? -0.616  8.073   8.924   1.00 20.73 ? 31  GLY A C     1 
ATOM   220 O  O     . GLY A 1 30 ? -0.099  9.101   9.397   1.00 20.20 ? 31  GLY A O     1 
ATOM   221 N  N     . LEU A 1 31 ? -0.641  7.798   7.614   1.00 21.21 ? 32  LEU A N     1 
ATOM   222 C  CA    . LEU A 1 31 ? -0.147  8.721   6.598   1.00 22.45 ? 32  LEU A CA    1 
ATOM   223 C  C     . LEU A 1 31 ? -1.310  9.200   5.747   1.00 22.32 ? 32  LEU A C     1 
ATOM   224 O  O     . LEU A 1 31 ? -2.314  8.512   5.615   1.00 23.53 ? 32  LEU A O     1 
ATOM   225 C  CB    . LEU A 1 31 ? 0.851   8.024   5.683   1.00 23.22 ? 32  LEU A CB    1 
ATOM   226 C  CG    . LEU A 1 31 ? 2.144   7.519   6.294   1.00 25.97 ? 32  LEU A CG    1 
ATOM   227 C  CD1   . LEU A 1 31 ? 2.774   6.595   5.236   1.00 28.91 ? 32  LEU A CD1   1 
ATOM   228 C  CD2   . LEU A 1 31 ? 3.076   8.669   6.652   1.00 28.52 ? 32  LEU A CD2   1 
ATOM   229 N  N     . ASP A 1 32 ? -1.191  10.378  5.154   1.00 22.45 ? 33  ASP A N     1 
ATOM   230 C  CA    . ASP A 1 32 ? -2.262  10.848  4.274   1.00 23.48 ? 33  ASP A CA    1 
ATOM   231 C  C     . ASP A 1 32 ? -2.395  9.917   3.057   1.00 22.78 ? 33  ASP A C     1 
ATOM   232 O  O     . ASP A 1 32 ? -1.415  9.286   2.648   1.00 22.11 ? 33  ASP A O     1 
ATOM   233 C  CB    . ASP A 1 32 ? -2.005  12.280  3.798   1.00 25.22 ? 33  ASP A CB    1 
ATOM   234 C  CG    . ASP A 1 32 ? -0.730  12.401  2.990   1.00 28.62 ? 33  ASP A CG    1 
ATOM   235 O  OD1   . ASP A 1 32 ? -0.819  12.583  1.773   1.00 33.89 ? 33  ASP A OD1   1 
ATOM   236 O  OD2   . ASP A 1 32 ? 0.380   12.283  3.557   1.00 35.83 ? 33  ASP A OD2   1 
ATOM   237 N  N     . LYS A 1 33 ? -3.591  9.858   2.485   1.00 22.62 ? 34  LYS A N     1 
ATOM   238 C  CA    . LYS A 1 33 ? -3.890  9.011   1.327   1.00 23.40 ? 34  LYS A CA    1 
ATOM   239 C  C     . LYS A 1 33 ? -2.895  9.200   0.133   1.00 22.13 ? 34  LYS A C     1 
ATOM   240 O  O     . LYS A 1 33 ? -2.479  8.220   -0.474  1.00 21.58 ? 34  LYS A O     1 
ATOM   241 C  CB    . LYS A 1 33 ? -5.364  9.209   0.923   1.00 24.41 ? 34  LYS A CB    1 
ATOM   242 C  CG    . LYS A 1 33 ? -5.902  8.373   -0.266  1.00 27.77 ? 34  LYS A CG    1 
ATOM   243 C  CD    . LYS A 1 33 ? -7.241  8.993   -0.760  1.00 31.45 ? 34  LYS A CD    1 
ATOM   244 C  CE    . LYS A 1 33 ? -7.617  8.669   -2.208  1.00 35.28 ? 34  LYS A CE    1 
ATOM   245 N  NZ    . LYS A 1 33 ? -7.104  9.626   -3.318  1.00 34.47 ? 34  LYS A NZ    1 
ATOM   246 N  N     . SER A 1 34 ? -2.471  10.425  -0.165  1.00 21.98 ? 35  SER A N     1 
ATOM   247 C  CA    . SER A 1 34 ? -1.607  10.668  -1.322  1.00 21.10 ? 35  SER A CA    1 
ATOM   248 C  C     . SER A 1 34 ? -0.254  10.065  -1.096  1.00 20.15 ? 35  SER A C     1 
ATOM   249 O  O     . SER A 1 34 ? 0.369   9.556   -2.002  1.00 19.94 ? 35  SER A O     1 
ATOM   250 C  CB    . SER A 1 34 ? -1.349  12.158  -1.517  1.00 22.73 ? 35  SER A CB    1 
ATOM   251 O  OG    . SER A 1 34 ? -2.521  12.842  -1.812  1.00 27.50 ? 35  SER A OG    1 
ATOM   252 N  N     . THR A 1 35 ? 0.237   10.166  0.124   1.00 19.77 ? 36  THR A N     1 
ATOM   253 C  CA    . THR A 1 35 ? 1.516   9.569   0.485   1.00 20.24 ? 36  THR A CA    1 
ATOM   254 C  C     . THR A 1 35 ? 1.472   8.050   0.402   1.00 18.60 ? 36  THR A C     1 
ATOM   255 O  O     . THR A 1 35 ? 2.387   7.433   -0.141  1.00 17.50 ? 36  THR A O     1 
ATOM   256 C  CB    . THR A 1 35 ? 1.977   10.057  1.900   1.00 20.44 ? 36  THR A CB    1 
ATOM   257 O  OG1   . THR A 1 35 ? 2.235   11.469  1.826   1.00 22.76 ? 36  THR A OG1   1 
ATOM   258 C  CG2   . THR A 1 35 ? 3.276   9.359   2.343   1.00 23.82 ? 36  THR A CG2   1 
ATOM   259 N  N     . VAL A 1 36 ? 0.422   7.454   0.960   1.00 18.40 ? 37  VAL A N     1 
ATOM   260 C  CA    . VAL A 1 36 ? 0.204   6.015   0.828   1.00 18.64 ? 37  VAL A CA    1 
ATOM   261 C  C     . VAL A 1 36 ? 0.145   5.611   -0.633  1.00 17.67 ? 37  VAL A C     1 
ATOM   262 O  O     . VAL A 1 36 ? 0.781   4.630   -1.018  1.00 16.68 ? 37  VAL A O     1 
ATOM   263 C  CB    . VAL A 1 36 ? -1.016  5.569   1.593   1.00 19.29 ? 37  VAL A CB    1 
ATOM   264 C  CG1   . VAL A 1 36 ? -1.260  4.071   1.391   1.00 19.18 ? 37  VAL A CG1   1 
ATOM   265 C  CG2   . VAL A 1 36 ? -0.728  5.868   3.070   1.00 23.45 ? 37  VAL A CG2   1 
ATOM   266 N  N     . ASN A 1 37 ? -0.583  6.378   -1.453  1.00 16.56 ? 38  ASN A N     1 
ATOM   267 C  CA    . ASN A 1 37 ? -0.672  6.038   -2.870  1.00 16.60 ? 38  ASN A CA    1 
ATOM   268 C  C     . ASN A 1 37 ? 0.664   6.159   -3.580  1.00 16.52 ? 38  ASN A C     1 
ATOM   269 O  O     . ASN A 1 37 ? 1.001   5.326   -4.405  1.00 16.06 ? 38  ASN A O     1 
ATOM   270 C  CB    . ASN A 1 37 ? -1.776  6.849   -3.558  1.00 16.47 ? 38  ASN A CB    1 
ATOM   271 C  CG    . ASN A 1 37 ? -3.104  6.160   -3.498  1.00 16.71 ? 38  ASN A CG    1 
ATOM   272 O  OD1   . ASN A 1 37 ? -3.173  4.943   -3.357  1.00 18.38 ? 38  ASN A OD1   1 
ATOM   273 N  ND2   . ASN A 1 37 ? -4.179  6.934   -3.642  1.00 18.67 ? 38  ASN A ND2   1 
ATOM   274 N  N     . ARG A 1 38 ? 1.453   7.175   -3.240  1.00 15.81 ? 39  ARG A N     1 
ATOM   275 C  CA    . ARG A 1 38 ? 2.816   7.277   -3.776  1.00 16.93 ? 39  ARG A CA    1 
ATOM   276 C  C     . ARG A 1 38 ? 3.571   5.951   -3.528  1.00 16.69 ? 39  ARG A C     1 
ATOM   277 O  O     . ARG A 1 38 ? 4.135   5.354   -4.442  1.00 16.72 ? 39  ARG A O     1 
ATOM   278 C  CB    . ARG A 1 38 ? 3.550   8.452   -3.133  1.00 16.59 ? 39  ARG A CB    1 
ATOM   279 C  CG    . ARG A 1 38 ? 4.991   8.544   -3.616  1.00 20.22 ? 39  ARG A CG    1 
ATOM   280 C  CD    . ARG A 1 38 ? 5.650   9.820   -3.113  1.00 29.53 ? 39  ARG A CD    1 
ATOM   281 N  NE    . ARG A 1 38 ? 6.377   9.612   -1.874  1.00 36.89 ? 39  ARG A NE    1 
ATOM   282 C  CZ    . ARG A 1 38 ? 6.093   10.201  -0.705  1.00 41.18 ? 39  ARG A CZ    1 
ATOM   283 N  NH1   . ARG A 1 38 ? 5.079   11.070  -0.606  1.00 42.07 ? 39  ARG A NH1   1 
ATOM   284 N  NH2   . ARG A 1 38 ? 6.842   9.924   0.375   1.00 42.65 ? 39  ARG A NH2   1 
ATOM   285 N  N     . HIS A 1 39 ? 3.534   5.483   -2.291  1.00 17.05 ? 40  HIS A N     1 
ATOM   286 C  CA    . HIS A 1 39 ? 4.187   4.233   -1.941  1.00 17.41 ? 40  HIS A CA    1 
ATOM   287 C  C     . HIS A 1 39 ? 3.587   3.012   -2.606  1.00 16.47 ? 40  HIS A C     1 
ATOM   288 O  O     . HIS A 1 39 ? 4.332   2.135   -3.052  1.00 15.04 ? 40  HIS A O     1 
ATOM   289 C  CB    . HIS A 1 39 ? 4.257   4.064   -0.427  1.00 18.07 ? 40  HIS A CB    1 
ATOM   290 C  CG    . HIS A 1 39 ? 5.106   5.095   0.244   1.00 21.16 ? 40  HIS A CG    1 
ATOM   291 N  ND1   . HIS A 1 39 ? 6.406   5.361   -0.144  1.00 23.34 ? 40  HIS A ND1   1 
ATOM   292 C  CD2   . HIS A 1 39 ? 4.833   5.948   1.256   1.00 25.23 ? 40  HIS A CD2   1 
ATOM   293 C  CE1   . HIS A 1 39 ? 6.902   6.321   0.616   1.00 27.38 ? 40  HIS A CE1   1 
ATOM   294 N  NE2   . HIS A 1 39 ? 5.969   6.696   1.475   1.00 26.49 ? 40  HIS A NE2   1 
ATOM   295 N  N     . LEU A 1 40 ? 2.255   2.925   -2.670  1.00 16.07 ? 41  LEU A N     1 
ATOM   296 C  CA    . LEU A 1 40 ? 1.611   1.758   -3.307  1.00 15.64 ? 41  LEU A CA    1 
ATOM   297 C  C     . LEU A 1 40 ? 2.014   1.646   -4.793  1.00 15.78 ? 41  LEU A C     1 
ATOM   298 O  O     . LEU A 1 40 ? 2.309   0.555   -5.275  1.00 15.83 ? 41  LEU A O     1 
ATOM   299 C  CB    . LEU A 1 40 ? 0.085   1.848   -3.195  1.00 14.00 ? 41  LEU A CB    1 
ATOM   300 C  CG    . LEU A 1 40 ? -0.418  1.504   -1.780  1.00 16.49 ? 41  LEU A CG    1 
ATOM   301 C  CD1   . LEU A 1 40 ? -1.908  1.831   -1.618  1.00 16.97 ? 41  LEU A CD1   1 
ATOM   302 C  CD2   . LEU A 1 40 ? -0.090  0.057   -1.416  1.00 17.92 ? 41  LEU A CD2   1 
ATOM   303 N  N     . TYR A 1 41 ? 2.020   2.774   -5.512  1.00 15.87 ? 42  TYR A N     1 
ATOM   304 C  CA    . TYR A 1 41 ? 2.391   2.729   -6.927  1.00 16.08 ? 42  TYR A CA    1 
ATOM   305 C  C     . TYR A 1 41 ? 3.884   2.455   -7.128  1.00 17.31 ? 42  TYR A C     1 
ATOM   306 O  O     . TYR A 1 41 ? 4.230   1.751   -8.081  1.00 17.20 ? 42  TYR A O     1 
ATOM   307 C  CB    . TYR A 1 41 ? 1.898   3.971   -7.696  1.00 16.18 ? 42  TYR A CB    1 
ATOM   308 C  CG    . TYR A 1 41 ? 0.403   3.912   -7.985  1.00 15.04 ? 42  TYR A CG    1 
ATOM   309 C  CD1   . TYR A 1 41 ? -0.530  4.447   -7.069  1.00 13.47 ? 42  TYR A CD1   1 
ATOM   310 C  CD2   . TYR A 1 41 ? -0.083  3.311   -9.148  1.00 16.01 ? 42  TYR A CD2   1 
ATOM   311 C  CE1   . TYR A 1 41 ? -1.906  4.381   -7.304  1.00 13.64 ? 42  TYR A CE1   1 
ATOM   312 C  CE2   . TYR A 1 41 ? -1.472  3.234   -9.392  1.00 15.78 ? 42  TYR A CE2   1 
ATOM   313 C  CZ    . TYR A 1 41 ? -2.376  3.762   -8.452  1.00 14.41 ? 42  TYR A CZ    1 
ATOM   314 O  OH    . TYR A 1 41 ? -3.738  3.670   -8.709  1.00 16.06 ? 42  TYR A OH    1 
ATOM   315 N  N     . ASN A 1 42 ? 4.758   2.944   -6.226  1.00 17.17 ? 43  ASN A N     1 
ATOM   316 C  CA    . ASN A 1 42 ? 6.190   2.531   -6.269  1.00 17.77 ? 43  ASN A CA    1 
ATOM   317 C  C     . ASN A 1 42 ? 6.307   1.033   -6.023  1.00 17.93 ? 43  ASN A C     1 
ATOM   318 O  O     . ASN A 1 42 ? 7.037   0.342   -6.736  1.00 18.77 ? 43  ASN A O     1 
ATOM   319 C  CB    . ASN A 1 42 ? 7.016   3.205   -5.158  1.00 18.55 ? 43  ASN A CB    1 
ATOM   320 C  CG    . ASN A 1 42 ? 7.214   4.685   -5.359  1.00 20.51 ? 43  ASN A CG    1 
ATOM   321 O  OD1   . ASN A 1 42 ? 7.132   5.193   -6.463  1.00 23.03 ? 43  ASN A OD1   1 
ATOM   322 N  ND2   . ASN A 1 42 ? 7.555   5.372   -4.276  1.00 24.52 ? 43  ASN A ND2   1 
ATOM   323 N  N     . LEU A 1 43 ? 5.568   0.531   -5.025  1.00 18.27 ? 44  LEU A N     1 
ATOM   324 C  CA    . LEU A 1 43 ? 5.548   -0.907  -4.713  1.00 17.78 ? 44  LEU A CA    1 
ATOM   325 C  C     . LEU A 1 43 ? 5.013   -1.721  -5.886  1.00 18.12 ? 44  LEU A C     1 
ATOM   326 O  O     . LEU A 1 43 ? 5.386   -2.863  -6.070  1.00 19.28 ? 44  LEU A O     1 
ATOM   327 C  CB    . LEU A 1 43 ? 4.754   -1.183  -3.432  1.00 17.41 ? 44  LEU A CB    1 
ATOM   328 C  CG    . LEU A 1 43 ? 5.432   -0.820  -2.120  1.00 16.57 ? 44  LEU A CG    1 
ATOM   329 C  CD1   . LEU A 1 43 ? 4.445   -0.906  -0.987  1.00 18.64 ? 44  LEU A CD1   1 
ATOM   330 C  CD2   . LEU A 1 43 ? 6.629   -1.769  -1.883  1.00 17.51 ? 44  LEU A CD2   1 
ATOM   331 N  N     . GLN A 1 44 ? 4.136   -1.150  -6.693  1.00 18.89 ? 45  GLN A N     1 
ATOM   332 C  CA    . GLN A 1 44 ? 3.701   -1.818  -7.892  1.00 19.66 ? 45  GLN A CA    1 
ATOM   333 C  C     . GLN A 1 44 ? 4.780   -1.845  -8.980  1.00 20.57 ? 45  GLN A C     1 
ATOM   334 O  O     . GLN A 1 44 ? 4.997   -2.876  -9.634  1.00 20.04 ? 45  GLN A O     1 
ATOM   335 C  CB    . GLN A 1 44 ? 2.440   -1.143  -8.399  1.00 19.73 ? 45  GLN A CB    1 
ATOM   336 C  CG    . GLN A 1 44 ? 1.848   -1.899  -9.578  1.00 22.63 ? 45  GLN A CG    1 
ATOM   337 C  CD    . GLN A 1 44 ? 0.535   -1.357  -9.972  1.00 27.62 ? 45  GLN A CD    1 
ATOM   338 O  OE1   . GLN A 1 44 ? -0.473  -2.057  -9.888  1.00 33.29 ? 45  GLN A OE1   1 
ATOM   339 N  NE2   . GLN A 1 44 ? 0.519   -0.118  -10.438 1.00 27.45 ? 45  GLN A NE2   1 
ATOM   340 N  N     . ARG A 1 45 ? 5.487   -0.730  -9.154  1.00 20.56 ? 46  ARG A N     1 
ATOM   341 C  CA    . ARG A 1 45 ? 6.633   -0.684  -10.052 1.00 21.50 ? 46  ARG A CA    1 
ATOM   342 C  C     . ARG A 1 45 ? 7.701   -1.698  -9.661  1.00 21.23 ? 46  ARG A C     1 
ATOM   343 O  O     . ARG A 1 45 ? 8.349   -2.261  -10.520 1.00 22.47 ? 46  ARG A O     1 
ATOM   344 C  CB    . ARG A 1 45 ? 7.259   0.705   -10.072 1.00 22.37 ? 46  ARG A CB    1 
ATOM   345 C  CG    . ARG A 1 45 ? 6.468   1.729   -10.805 1.00 25.68 ? 46  ARG A CG    1 
ATOM   346 C  CD    . ARG A 1 45 ? 7.276   3.027   -10.962 1.00 28.37 ? 46  ARG A CD    1 
ATOM   347 N  NE    . ARG A 1 45 ? 7.958   3.051   -12.262 1.00 32.79 ? 46  ARG A NE    1 
ATOM   348 C  CZ    . ARG A 1 45 ? 8.847   3.973   -12.657 1.00 33.44 ? 46  ARG A CZ    1 
ATOM   349 N  NH1   . ARG A 1 45 ? 9.188   4.992   -11.871 1.00 34.19 ? 46  ARG A NH1   1 
ATOM   350 N  NH2   . ARG A 1 45 ? 9.381   3.894   -13.866 1.00 34.54 ? 46  ARG A NH2   1 
ATOM   351 N  N     . SER A 1 46 ? 7.824   -1.978  -8.371  1.00 20.67 ? 47  SER A N     1 
ATOM   352 C  CA    . SER A 1 46 ? 8.873   -2.849  -7.880  1.00 20.19 ? 47  SER A CA    1 
ATOM   353 C  C     . SER A 1 46 ? 8.378   -4.271  -7.687  1.00 20.30 ? 47  SER A C     1 
ATOM   354 O  O     . SER A 1 46 ? 9.074   -5.100  -7.098  1.00 20.16 ? 47  SER A O     1 
ATOM   355 C  CB    . SER A 1 46 ? 9.532   -2.286  -6.618  1.00 20.88 ? 47  SER A CB    1 
ATOM   356 O  OG    . SER A 1 46 ? 8.628   -2.182  -5.534  1.00 19.99 ? 47  SER A OG    1 
ATOM   357 N  N     . ASN A 1 47 ? 7.174   -4.536  -8.193  1.00 20.11 ? 48  ASN A N     1 
ATOM   358 C  CA    . ASN A 1 47 ? 6.585   -5.886  -8.273  1.00 21.27 ? 48  ASN A CA    1 
ATOM   359 C  C     . ASN A 1 47 ? 6.317   -6.485  -6.893  1.00 20.93 ? 48  ASN A C     1 
ATOM   360 O  O     . ASN A 1 47 ? 6.379   -7.703  -6.693  1.00 21.98 ? 48  ASN A O     1 
ATOM   361 C  CB    . ASN A 1 47 ? 7.432   -6.807  -9.175  1.00 22.27 ? 48  ASN A CB    1 
ATOM   362 C  CG    . ASN A 1 47 ? 6.742   -8.130  -9.479  1.00 23.86 ? 48  ASN A CG    1 
ATOM   363 O  OD1   . ASN A 1 47 ? 5.562   -8.169  -9.842  1.00 26.60 ? 48  ASN A OD1   1 
ATOM   364 N  ND2   . ASN A 1 47 ? 7.485   -9.235  -9.328  1.00 27.35 ? 48  ASN A ND2   1 
ATOM   365 N  N     . GLN A 1 48 ? 5.971   -5.634  -5.933  1.00 20.07 ? 49  GLN A N     1 
ATOM   366 C  CA    . GLN A 1 48 ? 5.691   -6.139  -4.585  1.00 20.28 ? 49  GLN A CA    1 
ATOM   367 C  C     . GLN A 1 48 ? 4.184   -6.196  -4.300  1.00 20.24 ? 49  GLN A C     1 
ATOM   368 O  O     . GLN A 1 48 ? 3.729   -6.959  -3.446  1.00 21.20 ? 49  GLN A O     1 
ATOM   369 C  CB    . GLN A 1 48 ? 6.394   -5.278  -3.542  1.00 19.70 ? 49  GLN A CB    1 
ATOM   370 C  CG    . GLN A 1 48 ? 7.925   -5.305  -3.697  1.00 22.64 ? 49  GLN A CG    1 
ATOM   371 C  CD    . GLN A 1 48 ? 8.638   -4.460  -2.668  1.00 26.18 ? 49  GLN A CD    1 
ATOM   372 O  OE1   . GLN A 1 48 ? 9.165   -3.361  -2.964  1.00 28.66 ? 49  GLN A OE1   1 
ATOM   373 N  NE2   . GLN A 1 48 ? 8.646   -4.943  -1.446  1.00 26.79 ? 49  GLN A NE2   1 
ATOM   374 N  N     . VAL A 1 49 ? 3.422   -5.353  -4.985  1.00 19.88 ? 50  VAL A N     1 
ATOM   375 C  CA    . VAL A 1 49 ? 1.973   -5.302  -4.836  1.00 18.93 ? 50  VAL A CA    1 
ATOM   376 C  C     . VAL A 1 49 ? 1.329   -5.166  -6.206  1.00 19.51 ? 50  VAL A C     1 
ATOM   377 O  O     . VAL A 1 49 ? 2.012   -4.838  -7.175  1.00 20.77 ? 50  VAL A O     1 
ATOM   378 C  CB    . VAL A 1 49 ? 1.459   -4.111  -3.903  1.00 18.59 ? 50  VAL A CB    1 
ATOM   379 C  CG1   . VAL A 1 49 ? 2.066   -4.167  -2.503  1.00 18.19 ? 50  VAL A CG1   1 
ATOM   380 C  CG2   . VAL A 1 49 ? 1.714   -2.761  -4.527  1.00 17.94 ? 50  VAL A CG2   1 
ATOM   381 N  N     . PHE A 1 50 ? 0.028   -5.436  -6.282  1.00 19.94 ? 51  PHE A N     1 
ATOM   382 C  CA    . PHE A 1 50 ? -0.772  -5.162  -7.489  1.00 20.93 ? 51  PHE A CA    1 
ATOM   383 C  C     . PHE A 1 50 ? -2.114  -4.554  -7.073  1.00 21.87 ? 51  PHE A C     1 
ATOM   384 O  O     . PHE A 1 50 ? -2.581  -4.733  -5.943  1.00 19.89 ? 51  PHE A O     1 
ATOM   385 C  CB    . PHE A 1 50 ? -0.971  -6.442  -8.324  1.00 21.03 ? 51  PHE A CB    1 
ATOM   386 C  CG    . PHE A 1 50 ? -1.846  -7.445  -7.657  1.00 21.32 ? 51  PHE A CG    1 
ATOM   387 C  CD1   . PHE A 1 50 ? -3.207  -7.504  -7.964  1.00 24.45 ? 51  PHE A CD1   1 
ATOM   388 C  CD2   . PHE A 1 50 ? -1.328  -8.302  -6.693  1.00 23.56 ? 51  PHE A CD2   1 
ATOM   389 C  CE1   . PHE A 1 50 ? -4.028  -8.445  -7.315  1.00 25.90 ? 51  PHE A CE1   1 
ATOM   390 C  CE2   . PHE A 1 50 ? -2.136  -9.226  -6.046  1.00 26.11 ? 51  PHE A CE2   1 
ATOM   391 C  CZ    . PHE A 1 50 ? -3.485  -9.293  -6.354  1.00 26.77 ? 51  PHE A CZ    1 
ATOM   392 N  N     . ASN A 1 51 ? -2.734  -3.816  -7.986  1.00 24.37 ? 52  ASN A N     1 
ATOM   393 C  CA    . ASN A 1 51 ? -4.079  -3.337  -7.692  1.00 26.65 ? 52  ASN A CA    1 
ATOM   394 C  C     . ASN A 1 51 ? -5.131  -3.941  -8.619  1.00 27.45 ? 52  ASN A C     1 
ATOM   395 O  O     . ASN A 1 51 ? -4.795  -4.435  -9.705  1.00 28.80 ? 52  ASN A O     1 
ATOM   396 C  CB    . ASN A 1 51 ? -4.100  -1.825  -7.625  1.00 27.90 ? 52  ASN A CB    1 
ATOM   397 C  CG    . ASN A 1 51 ? -4.427  -1.191  -8.922  1.00 31.15 ? 52  ASN A CG    1 
ATOM   398 O  OD1   . ASN A 1 51 ? -5.594  -1.197  -9.365  1.00 34.91 ? 52  ASN A OD1   1 
ATOM   399 N  ND2   . ASN A 1 51 ? -3.432  -0.587  -9.533  1.00 34.89 ? 52  ASN A ND2   1 
ATOM   400 N  N     . SER A 1 52 ? -6.381  -3.917  -8.175  1.00 27.16 ? 53  SER A N     1 
ATOM   401 C  CA    . SER A 1 52 ? -7.444  -4.714  -8.784  1.00 28.13 ? 53  SER A CA    1 
ATOM   402 C  C     . SER A 1 52 ? -8.146  -4.043  -9.947  1.00 29.60 ? 53  SER A C     1 
ATOM   403 O  O     . SER A 1 52 ? -9.014  -4.673  -10.578 1.00 31.35 ? 53  SER A O     1 
ATOM   404 C  CB    . SER A 1 52 ? -8.485  -5.053  -7.742  1.00 27.46 ? 53  SER A CB    1 
ATOM   405 O  OG    . SER A 1 52 ? -9.149  -3.874  -7.351  1.00 23.85 ? 53  SER A OG    1 
ATOM   406 N  N     . ASN A 1 53 ? -7.828  -2.780  -10.231 1.00 29.71 ? 54  ASN A N     1 
ATOM   407 C  CA    . ASN A 1 53 ? -8.597  -2.033  -11.272 1.00 30.28 ? 54  ASN A CA    1 
ATOM   408 C  C     . ASN A 1 53 ? -10.049 -1.725  -10.899 1.00 28.63 ? 54  ASN A C     1 
ATOM   409 O  O     . ASN A 1 53 ? -10.860 -1.287  -11.745 1.00 29.32 ? 54  ASN A O     1 
ATOM   410 C  CB    . ASN A 1 53 ? -8.603  -2.743  -12.625 1.00 31.91 ? 54  ASN A CB    1 
ATOM   411 C  CG    . ASN A 1 53 ? -7.267  -2.710  -13.300 1.00 35.09 ? 54  ASN A CG    1 
ATOM   412 O  OD1   . ASN A 1 53 ? -6.478  -1.780  -13.096 1.00 39.25 ? 54  ASN A OD1   1 
ATOM   413 N  ND2   . ASN A 1 53 ? -6.986  -3.732  -14.118 1.00 39.96 ? 54  ASN A ND2   1 
ATOM   414 N  N     . GLU A 1 54 ? -10.384 -1.952  -9.644  1.00 25.42 ? 55  GLU A N     1 
ATOM   415 C  CA    . GLU A 1 54 ? -11.637 -1.490  -9.154  1.00 23.83 ? 55  GLU A CA    1 
ATOM   416 C  C     . GLU A 1 54 ? -11.501 -0.001  -8.841  1.00 22.90 ? 55  GLU A C     1 
ATOM   417 O  O     . GLU A 1 54 ? -10.404 0.532   -8.822  1.00 22.60 ? 55  GLU A O     1 
ATOM   418 C  CB    . GLU A 1 54 ? -12.025 -2.273  -7.932  1.00 23.35 ? 55  GLU A CB    1 
ATOM   419 C  CG    . GLU A 1 54 ? -12.515 -3.655  -8.274  1.00 24.18 ? 55  GLU A CG    1 
ATOM   420 C  CD    . GLU A 1 54 ? -12.524 -4.587  -7.065  1.00 27.37 ? 55  GLU A CD    1 
ATOM   421 O  OE1   . GLU A 1 54 ? -13.617 -5.063  -6.671  1.00 30.00 ? 55  GLU A OE1   1 
ATOM   422 O  OE2   . GLU A 1 54 ? -11.444 -4.837  -6.497  1.00 27.45 ? 55  GLU A OE2   1 
ATOM   423 N  N     . LYS A 1 55 ? -12.625 0.667   -8.618  1.00 22.11 ? 56  LYS A N     1 
ATOM   424 C  CA    . LYS A 1 55 ? -12.631 2.052   -8.125  1.00 23.24 ? 56  LYS A CA    1 
ATOM   425 C  C     . LYS A 1 55 ? -13.494 2.045   -6.863  1.00 23.92 ? 56  LYS A C     1 
ATOM   426 O  O     . LYS A 1 55 ? -14.708 1.903   -6.970  1.00 25.63 ? 56  LYS A O     1 
ATOM   427 C  CB    . LYS A 1 55 ? -13.203 3.004   -9.192  1.00 22.21 ? 56  LYS A CB    1 
ATOM   428 C  CG    . LYS A 1 55 ? -12.355 3.079   -10.434 1.00 22.06 ? 56  LYS A CG    1 
ATOM   429 C  CD    . LYS A 1 55 ? -12.982 3.945   -11.565 1.00 22.88 ? 56  LYS A CD    1 
ATOM   430 C  CE    . LYS A 1 55 ? -12.193 3.748   -12.822 1.00 24.14 ? 56  LYS A CE    1 
ATOM   431 N  NZ    . LYS A 1 55 ? -12.724 4.560   -13.941 1.00 23.23 ? 56  LYS A NZ    1 
ATOM   432 N  N     . PRO A 1 56 ? -12.877 2.177   -5.661  1.00 23.83 ? 57  PRO A N     1 
ATOM   433 C  CA    . PRO A 1 56 ? -11.443 2.354   -5.418  1.00 23.90 ? 57  PRO A CA    1 
ATOM   434 C  C     . PRO A 1 56 ? -10.617 1.075   -5.652  1.00 22.96 ? 57  PRO A C     1 
ATOM   435 O  O     . PRO A 1 56 ? -11.129 -0.025  -5.465  1.00 22.91 ? 57  PRO A O     1 
ATOM   436 C  CB    . PRO A 1 56 ? -11.386 2.738   -3.926  1.00 23.34 ? 57  PRO A CB    1 
ATOM   437 C  CG    . PRO A 1 56 ? -12.589 2.105   -3.333  1.00 25.41 ? 57  PRO A CG    1 
ATOM   438 C  CD    . PRO A 1 56 ? -13.647 2.161   -4.400  1.00 24.92 ? 57  PRO A CD    1 
ATOM   439 N  N     . PRO A 1 57 ? -9.353  1.221   -6.073  1.00 22.41 ? 58  PRO A N     1 
ATOM   440 C  CA    . PRO A 1 57 ? -8.507  0.030   -6.264  1.00 21.61 ? 58  PRO A CA    1 
ATOM   441 C  C     . PRO A 1 57 ? -8.258  -0.705  -4.968  1.00 20.70 ? 58  PRO A C     1 
ATOM   442 O  O     . PRO A 1 57 ? -8.084  -0.073  -3.909  1.00 20.59 ? 58  PRO A O     1 
ATOM   443 C  CB    . PRO A 1 57 ? -7.183  0.593   -6.799  1.00 22.91 ? 58  PRO A CB    1 
ATOM   444 C  CG    . PRO A 1 57 ? -7.456  2.073   -7.133  1.00 23.14 ? 58  PRO A CG    1 
ATOM   445 C  CD    . PRO A 1 57 ? -8.650  2.491   -6.349  1.00 22.26 ? 58  PRO A CD    1 
ATOM   446 N  N     . VAL A 1 58 ? -8.254  -2.031  -5.064  1.00 19.99 ? 59  VAL A N     1 
ATOM   447 C  CA    . VAL A 1 58 ? -7.945  -2.917  -3.940  1.00 19.84 ? 59  VAL A CA    1 
ATOM   448 C  C     . VAL A 1 58 ? -6.515  -3.416  -4.142  1.00 19.83 ? 59  VAL A C     1 
ATOM   449 O  O     . VAL A 1 58 ? -6.131  -3.830  -5.259  1.00 21.88 ? 59  VAL A O     1 
ATOM   450 C  CB    . VAL A 1 58 ? -8.963  -4.070  -3.864  1.00 19.93 ? 59  VAL A CB    1 
ATOM   451 C  CG1   . VAL A 1 58 ? -8.551  -5.098  -2.819  1.00 21.00 ? 59  VAL A CG1   1 
ATOM   452 C  CG2   . VAL A 1 58 ? -10.348 -3.516  -3.582  1.00 20.44 ? 59  VAL A CG2   1 
ATOM   453 N  N     . TRP A 1 59 ? -5.702  -3.326  -3.092  1.00 18.77 ? 60  TRP A N     1 
ATOM   454 C  CA    . TRP A 1 59 ? -4.267  -3.607  -3.213  1.00 18.67 ? 60  TRP A CA    1 
ATOM   455 C  C     . TRP A 1 59 ? -3.965  -4.885  -2.485  1.00 19.51 ? 60  TRP A C     1 
ATOM   456 O  O     . TRP A 1 59 ? -4.561  -5.150  -1.422  1.00 19.76 ? 60  TRP A O     1 
ATOM   457 C  CB    . TRP A 1 59 ? -3.463  -2.488  -2.583  1.00 17.71 ? 60  TRP A CB    1 
ATOM   458 C  CG    . TRP A 1 59 ? -3.586  -1.207  -3.354  1.00 16.36 ? 60  TRP A CG    1 
ATOM   459 C  CD1   . TRP A 1 59 ? -4.511  -0.202  -3.160  1.00 16.11 ? 60  TRP A CD1   1 
ATOM   460 C  CD2   . TRP A 1 59 ? -2.754  -0.796  -4.439  1.00 17.49 ? 60  TRP A CD2   1 
ATOM   461 N  NE1   . TRP A 1 59 ? -4.309  0.804   -4.086  1.00 16.54 ? 60  TRP A NE1   1 
ATOM   462 C  CE2   . TRP A 1 59 ? -3.236  0.467   -4.875  1.00 15.94 ? 60  TRP A CE2   1 
ATOM   463 C  CE3   . TRP A 1 59 ? -1.636  -1.383  -5.105  1.00 15.38 ? 60  TRP A CE3   1 
ATOM   464 C  CZ2   . TRP A 1 59 ? -2.624  1.180   -5.940  1.00 19.65 ? 60  TRP A CZ2   1 
ATOM   465 C  CZ3   . TRP A 1 59 ? -1.027  -0.680  -6.149  1.00 15.78 ? 60  TRP A CZ3   1 
ATOM   466 C  CH2   . TRP A 1 59 ? -1.525  0.600   -6.552  1.00 17.14 ? 60  TRP A CH2   1 
ATOM   467 N  N     . ASP A 1 60 ? -3.067  -5.686  -3.045  1.00 19.98 ? 61  ASP A N     1 
ATOM   468 C  CA    . ASP A 1 60 ? -2.609  -6.874  -2.322  1.00 21.54 ? 61  ASP A CA    1 
ATOM   469 C  C     . ASP A 1 60 ? -1.188  -7.232  -2.716  1.00 22.55 ? 61  ASP A C     1 
ATOM   470 O  O     . ASP A 1 60 ? -0.618  -6.643  -3.636  1.00 21.64 ? 61  ASP A O     1 
ATOM   471 C  CB    . ASP A 1 60 ? -3.543  -8.047  -2.615  1.00 22.24 ? 61  ASP A CB    1 
ATOM   472 C  CG    . ASP A 1 60 ? -3.494  -9.090  -1.545  1.00 25.41 ? 61  ASP A CG    1 
ATOM   473 O  OD1   . ASP A 1 60 ? -4.229  -10.066 -1.705  1.00 29.28 ? 61  ASP A OD1   1 
ATOM   474 O  OD2   . ASP A 1 60 ? -2.755  -8.924  -0.533  1.00 27.94 ? 61  ASP A OD2   1 
ATOM   475 N  N     . LEU A 1 61 ? -0.612  -8.193  -1.995  1.00 23.47 ? 62  LEU A N     1 
ATOM   476 C  CA    . LEU A 1 61 ? 0.757   -8.640  -2.232  1.00 25.13 ? 62  LEU A CA    1 
ATOM   477 C  C     . LEU A 1 61 ? 0.905   -9.486  -3.488  1.00 25.85 ? 62  LEU A C     1 
ATOM   478 O  O     . LEU A 1 61 ? 0.067   -10.336 -3.760  1.00 26.63 ? 62  LEU A O     1 
ATOM   479 C  CB    . LEU A 1 61 ? 1.257   -9.437  -1.021  1.00 24.83 ? 62  LEU A CB    1 
ATOM   480 C  CG    . LEU A 1 61 ? 1.295   -8.692  0.313   1.00 24.93 ? 62  LEU A CG    1 
ATOM   481 C  CD1   . LEU A 1 61 ? 1.710   -9.619  1.383   1.00 26.23 ? 62  LEU A CD1   1 
ATOM   482 C  CD2   . LEU A 1 61 ? 2.262   -7.508  0.278   1.00 26.30 ? 62  LEU A CD2   1 
ATOM   483 N  N     . MET A 1 62 ? 1.967   -9.250  -4.259  1.00 27.97 ? 63  MET A N     1 
ATOM   484 C  CA    . MET A 1 62 ? 2.314   -10.117 -5.384  1.00 29.66 ? 63  MET A CA    1 
ATOM   485 C  C     . MET A 1 62 ? 2.687   -11.501 -4.875  1.00 30.38 ? 63  MET A C     1 
ATOM   486 O  O     . MET A 1 62 ? 3.260   -11.607 -3.797  1.00 31.55 ? 63  MET A O     1 
ATOM   487 C  CB    . MET A 1 62 ? 3.481   -9.548  -6.166  1.00 30.56 ? 63  MET A CB    1 
ATOM   488 C  CG    . MET A 1 62 ? 3.096   -8.555  -7.187  1.00 34.96 ? 63  MET A CG    1 
ATOM   489 S  SD    . MET A 1 62 ? 2.340   -9.271  -8.663  1.00 44.62 ? 63  MET A SD    1 
ATOM   490 C  CE    . MET A 1 62 ? 2.194   -7.745  -9.597  1.00 44.68 ? 63  MET A CE    1 
ATOM   491 C  "C5'" . DT  B 2 1  ? -18.235 4.980   -11.369 1.00 26.66 ? 62  DT  B "C5'" 1 
ATOM   492 C  "C4'" . DT  B 2 1  ? -17.467 5.099   -12.665 1.00 25.58 ? 62  DT  B "C4'" 1 
ATOM   493 O  "O4'" . DT  B 2 1  ? -18.410 4.860   -13.725 1.00 28.93 ? 62  DT  B "O4'" 1 
ATOM   494 C  "C3'" . DT  B 2 1  ? -16.814 6.434   -13.028 1.00 24.54 ? 62  DT  B "C3'" 1 
ATOM   495 O  "O3'" . DT  B 2 1  ? -15.443 6.400   -12.563 1.00 22.52 ? 62  DT  B "O3'" 1 
ATOM   496 C  "C2'" . DT  B 2 1  ? -16.850 6.451   -14.560 1.00 27.03 ? 62  DT  B "C2'" 1 
ATOM   497 C  "C1'" . DT  B 2 1  ? -17.994 5.497   -14.932 1.00 27.64 ? 62  DT  B "C1'" 1 
ATOM   498 N  N1    . DT  B 2 1  ? -19.226 6.187   -15.456 1.00 31.20 ? 62  DT  B N1    1 
ATOM   499 C  C2    . DT  B 2 1  ? -19.571 6.099   -16.803 1.00 33.03 ? 62  DT  B C2    1 
ATOM   500 O  O2    . DT  B 2 1  ? -18.935 5.477   -17.626 1.00 33.82 ? 62  DT  B O2    1 
ATOM   501 N  N3    . DT  B 2 1  ? -20.717 6.766   -17.181 1.00 34.59 ? 62  DT  B N3    1 
ATOM   502 C  C4    . DT  B 2 1  ? -21.537 7.512   -16.333 1.00 36.39 ? 62  DT  B C4    1 
ATOM   503 O  O4    . DT  B 2 1  ? -22.547 8.080   -16.748 1.00 37.14 ? 62  DT  B O4    1 
ATOM   504 C  C5    . DT  B 2 1  ? -21.134 7.563   -14.928 1.00 35.03 ? 62  DT  B C5    1 
ATOM   505 C  C7    . DT  B 2 1  ? -21.935 8.351   -13.929 1.00 37.16 ? 62  DT  B C7    1 
ATOM   506 C  C6    . DT  B 2 1  ? -20.013 6.914   -14.562 1.00 33.53 ? 62  DT  B C6    1 
ATOM   507 P  P     . DC  B 2 2  ? -14.436 7.639   -12.602 1.00 21.88 ? 63  DC  B P     1 
ATOM   508 O  OP1   . DC  B 2 2  ? -15.185 8.894   -12.443 1.00 21.56 ? 63  DC  B OP1   1 
ATOM   509 O  OP2   . DC  B 2 2  ? -13.584 7.466   -13.796 1.00 21.38 ? 63  DC  B OP2   1 
ATOM   510 O  "O5'" . DC  B 2 2  ? -13.515 7.282   -11.352 1.00 18.70 ? 63  DC  B "O5'" 1 
ATOM   511 C  "C5'" . DC  B 2 2  ? -14.096 7.288   -10.069 1.00 18.77 ? 63  DC  B "C5'" 1 
ATOM   512 C  "C4'" . DC  B 2 2  ? -13.039 7.735   -9.082  1.00 17.67 ? 63  DC  B "C4'" 1 
ATOM   513 O  "O4'" . DC  B 2 2  ? -12.623 9.077   -9.390  1.00 19.36 ? 63  DC  B "O4'" 1 
ATOM   514 C  "C3'" . DC  B 2 2  ? -13.586 7.741   -7.669  1.00 17.86 ? 63  DC  B "C3'" 1 
ATOM   515 O  "O3'" . DC  B 2 2  ? -12.563 7.447   -6.706  1.00 18.50 ? 63  DC  B "O3'" 1 
ATOM   516 C  "C2'" . DC  B 2 2  ? -14.121 9.154   -7.534  1.00 18.76 ? 63  DC  B "C2'" 1 
ATOM   517 C  "C1'" . DC  B 2 2  ? -13.056 9.913   -8.328  1.00 17.53 ? 63  DC  B "C1'" 1 
ATOM   518 N  N1    . DC  B 2 2  ? -13.600 11.148  -8.900  1.00 19.07 ? 63  DC  B N1    1 
ATOM   519 C  C2    . DC  B 2 2  ? -13.755 12.241  -8.043  1.00 17.02 ? 63  DC  B C2    1 
ATOM   520 O  O2    . DC  B 2 2  ? -13.414 12.093  -6.864  1.00 19.86 ? 63  DC  B O2    1 
ATOM   521 N  N3    . DC  B 2 2  ? -14.285 13.392  -8.542  1.00 16.02 ? 63  DC  B N3    1 
ATOM   522 C  C4    . DC  B 2 2  ? -14.636 13.462  -9.846  1.00 18.67 ? 63  DC  B C4    1 
ATOM   523 N  N4    . DC  B 2 2  ? -15.106 14.633  -10.318 1.00 19.27 ? 63  DC  B N4    1 
ATOM   524 C  C5    . DC  B 2 2  ? -14.476 12.348  -10.738 1.00 16.79 ? 63  DC  B C5    1 
ATOM   525 C  C6    . DC  B 2 2  ? -13.965 11.230  -10.221 1.00 18.05 ? 63  DC  B C6    1 
ATOM   526 P  P     . DG  B 2 3  ? -12.293 5.971   -6.221  1.00 18.63 ? 64  DG  B P     1 
ATOM   527 O  OP1   . DG  B 2 3  ? -13.542 5.191   -6.160  1.00 21.02 ? 64  DG  B OP1   1 
ATOM   528 O  OP2   . DG  B 2 3  ? -11.519 6.118   -4.958  1.00 20.24 ? 64  DG  B OP2   1 
ATOM   529 O  "O5'" . DG  B 2 3  ? -11.336 5.373   -7.373  1.00 19.17 ? 64  DG  B "O5'" 1 
ATOM   530 C  "C5'" . DG  B 2 3  ? -10.098 6.003   -7.618  1.00 17.28 ? 64  DG  B "C5'" 1 
ATOM   531 C  "C4'" . DG  B 2 3  ? -9.392  5.421   -8.831  1.00 18.28 ? 64  DG  B "C4'" 1 
ATOM   532 O  "O4'" . DG  B 2 3  ? -10.124 5.763   -10.030 1.00 16.16 ? 64  DG  B "O4'" 1 
ATOM   533 C  "C3'" . DG  B 2 3  ? -8.045  6.099   -9.013  1.00 18.25 ? 64  DG  B "C3'" 1 
ATOM   534 O  "O3'" . DG  B 2 3  ? -7.040  5.318   -8.339  1.00 18.03 ? 64  DG  B "O3'" 1 
ATOM   535 C  "C2'" . DG  B 2 3  ? -7.802  6.139   -10.517 1.00 19.17 ? 64  DG  B "C2'" 1 
ATOM   536 C  "C1'" . DG  B 2 3  ? -9.200  6.021   -11.110 1.00 17.90 ? 64  DG  B "C1'" 1 
ATOM   537 N  N9    . DG  B 2 3  ? -9.729  7.203   -11.740 1.00 17.55 ? 64  DG  B N9    1 
ATOM   538 C  C8    . DG  B 2 3  ? -10.275 7.285   -12.995 1.00 16.71 ? 64  DG  B C8    1 
ATOM   539 N  N7    . DG  B 2 3  ? -10.738 8.494   -13.252 1.00 17.55 ? 64  DG  B N7    1 
ATOM   540 C  C5    . DG  B 2 3  ? -10.493 9.237   -12.100 1.00 18.32 ? 64  DG  B C5    1 
ATOM   541 C  C6    . DG  B 2 3  ? -10.797 10.592  -11.782 1.00 18.41 ? 64  DG  B C6    1 
ATOM   542 O  O6    . DG  B 2 3  ? -11.336 11.468  -12.505 1.00 21.00 ? 64  DG  B O6    1 
ATOM   543 N  N1    . DG  B 2 3  ? -10.369 10.935  -10.499 1.00 17.94 ? 64  DG  B N1    1 
ATOM   544 C  C2    . DG  B 2 3  ? -9.763  10.088  -9.601  1.00 16.69 ? 64  DG  B C2    1 
ATOM   545 N  N2    . DG  B 2 3  ? -9.404  10.605  -8.408  1.00 16.43 ? 64  DG  B N2    1 
ATOM   546 N  N3    . DG  B 2 3  ? -9.494  8.807   -9.885  1.00 16.09 ? 64  DG  B N3    1 
ATOM   547 C  C4    . DG  B 2 3  ? -9.877  8.443   -11.147 1.00 16.88 ? 64  DG  B C4    1 
ATOM   548 P  P     . DC  B 2 4  ? -6.086  5.951   -7.219  1.00 17.70 ? 65  DC  B P     1 
ATOM   549 O  OP1   . DC  B 2 4  ? -5.133  4.909   -6.769  1.00 17.42 ? 65  DC  B OP1   1 
ATOM   550 O  OP2   . DC  B 2 4  ? -6.884  6.600   -6.184  1.00 18.03 ? 65  DC  B OP2   1 
ATOM   551 O  "O5'" . DC  B 2 4  ? -5.348  7.075   -8.061  1.00 17.83 ? 65  DC  B "O5'" 1 
ATOM   552 C  "C5'" . DC  B 2 4  ? -3.959  7.421   -7.815  1.00 16.20 ? 65  DC  B "C5'" 1 
ATOM   553 C  "C4'" . DC  B 2 4  ? -3.860  8.948   -7.740  1.00 16.36 ? 65  DC  B "C4'" 1 
ATOM   554 O  "O4'" . DC  B 2 4  ? -4.192  9.529   -9.028  1.00 17.49 ? 65  DC  B "O4'" 1 
ATOM   555 C  "C3'" . DC  B 2 4  ? -4.813  9.622   -6.754  1.00 15.49 ? 65  DC  B "C3'" 1 
ATOM   556 O  "O3'" . DC  B 2 4  ? -4.161  10.708  -6.080  1.00 17.70 ? 65  DC  B "O3'" 1 
ATOM   557 C  "C2'" . DC  B 2 4  ? -5.932  10.164  -7.627  1.00 14.34 ? 65  DC  B "C2'" 1 
ATOM   558 C  "C1'" . DC  B 2 4  ? -5.105  10.598  -8.814  1.00 15.75 ? 65  DC  B "C1'" 1 
ATOM   559 N  N1    . DC  B 2 4  ? -5.921  10.812  -10.018 1.00 15.50 ? 65  DC  B N1    1 
ATOM   560 C  C2    . DC  B 2 4  ? -6.516  12.061  -10.230 1.00 14.84 ? 65  DC  B C2    1 
ATOM   561 O  O2    . DC  B 2 4  ? -6.344  12.959  -9.410  1.00 14.93 ? 65  DC  B O2    1 
ATOM   562 N  N3    . DC  B 2 4  ? -7.260  12.250  -11.356 1.00 15.13 ? 65  DC  B N3    1 
ATOM   563 C  C4    . DC  B 2 4  ? -7.443  11.236  -12.219 1.00 15.50 ? 65  DC  B C4    1 
ATOM   564 N  N4    . DC  B 2 4  ? -8.143  11.463  -13.319 1.00 15.78 ? 65  DC  B N4    1 
ATOM   565 C  C5    . DC  B 2 4  ? -6.834  9.949   -12.025 1.00 15.74 ? 65  DC  B C5    1 
ATOM   566 C  C6    . DC  B 2 4  ? -6.101  9.776   -10.916 1.00 16.36 ? 65  DC  B C6    1 
ATOM   567 P  P     . DG  B 2 5  ? -3.502  10.512  -4.630  1.00 18.98 ? 66  DG  B P     1 
ATOM   568 O  OP1   . DG  B 2 5  ? -4.331  9.676   -3.756  1.00 18.71 ? 66  DG  B OP1   1 
ATOM   569 O  OP2   . DG  B 2 5  ? -3.164  11.920  -4.262  1.00 21.56 ? 66  DG  B OP2   1 
ATOM   570 O  "O5'" . DG  B 2 5  ? -2.131  9.760   -4.958  1.00 17.92 ? 66  DG  B "O5'" 1 
ATOM   571 C  "C5'" . DG  B 2 5  ? -1.135  10.405  -5.755  1.00 16.94 ? 66  DG  B "C5'" 1 
ATOM   572 C  "C4'" . DG  B 2 5  ? -0.077  9.365   -6.040  1.00 18.28 ? 66  DG  B "C4'" 1 
ATOM   573 O  "O4'" . DG  B 2 5  ? -0.610  8.248   -6.786  1.00 18.38 ? 66  DG  B "O4'" 1 
ATOM   574 C  "C3'" . DG  B 2 5  ? 1.058   9.937   -6.856  1.00 21.30 ? 66  DG  B "C3'" 1 
ATOM   575 O  "O3'" . DG  B 2 5  ? 2.083   10.170  -5.902  1.00 22.83 ? 66  DG  B "O3'" 1 
ATOM   576 C  "C2'" . DG  B 2 5  ? 1.471   8.817   -7.797  1.00 18.52 ? 66  DG  B "C2'" 1 
ATOM   577 C  "C1'" . DG  B 2 5  ? 0.316   7.842   -7.792  1.00 19.26 ? 66  DG  B "C1'" 1 
ATOM   578 N  N9    . DG  B 2 5  ? -0.468  7.853   -9.033  1.00 17.40 ? 66  DG  B N9    1 
ATOM   579 C  C8    . DG  B 2 5  ? -0.783  6.756   -9.810  1.00 17.92 ? 66  DG  B C8    1 
ATOM   580 N  N7    . DG  B 2 5  ? -1.521  7.045   -10.841 1.00 17.23 ? 66  DG  B N7    1 
ATOM   581 C  C5    . DG  B 2 5  ? -1.699  8.434   -10.766 1.00 17.46 ? 66  DG  B C5    1 
ATOM   582 C  C6    . DG  B 2 5  ? -2.445  9.293   -11.619 1.00 16.85 ? 66  DG  B C6    1 
ATOM   583 O  O6    . DG  B 2 5  ? -3.069  8.940   -12.637 1.00 17.63 ? 66  DG  B O6    1 
ATOM   584 N  N1    . DG  B 2 5  ? -2.406  10.640  -11.219 1.00 16.26 ? 66  DG  B N1    1 
ATOM   585 C  C2    . DG  B 2 5  ? -1.722  11.081  -10.097 1.00 16.74 ? 66  DG  B C2    1 
ATOM   586 N  N2    . DG  B 2 5  ? -1.797  12.396  -9.837  1.00 18.56 ? 66  DG  B N2    1 
ATOM   587 N  N3    . DG  B 2 5  ? -1.052  10.252  -9.241  1.00 17.69 ? 66  DG  B N3    1 
ATOM   588 C  C4    . DG  B 2 5  ? -1.046  8.951   -9.662  1.00 16.70 ? 66  DG  B C4    1 
ATOM   589 P  P     . DC  B 2 6  ? 3.194   11.305  -6.061  1.00 31.78 ? 67  DC  B P     1 
ATOM   590 O  OP1   . DC  B 2 6  ? 4.480   10.636  -5.773  1.00 34.85 ? 67  DC  B OP1   1 
ATOM   591 O  OP2   . DC  B 2 6  ? 2.746   12.390  -5.172  1.00 30.97 ? 67  DC  B OP2   1 
ATOM   592 O  "O5'" . DC  B 2 6  ? 3.222   11.765  -7.561  1.00 24.86 ? 67  DC  B "O5'" 1 
ATOM   593 C  "C5'" . DC  B 2 6  ? 4.327   12.587  -7.862  1.00 22.31 ? 67  DC  B "C5'" 1 
ATOM   594 C  "C4'" . DC  B 2 6  ? 3.870   13.665  -8.815  1.00 21.74 ? 67  DC  B "C4'" 1 
ATOM   595 O  "O4'" . DC  B 2 6  ? 3.552   13.052  -10.084 1.00 22.31 ? 67  DC  B "O4'" 1 
ATOM   596 C  "C3'" . DC  B 2 6  ? 2.655   14.480  -8.422  1.00 22.14 ? 67  DC  B "C3'" 1 
ATOM   597 O  "O3'" . DC  B 2 6  ? 2.924   15.814  -8.830  1.00 24.86 ? 67  DC  B "O3'" 1 
ATOM   598 C  "C2'" . DC  B 2 6  ? 1.532   13.894  -9.274  1.00 21.52 ? 67  DC  B "C2'" 1 
ATOM   599 C  "C1'" . DC  B 2 6  ? 2.281   13.499  -10.530 1.00 19.69 ? 67  DC  B "C1'" 1 
ATOM   600 N  N1    . DC  B 2 6  ? 1.665   12.394  -11.331 1.00 18.01 ? 67  DC  B N1    1 
ATOM   601 C  C2    . DC  B 2 6  ? 0.749   12.734  -12.334 1.00 17.26 ? 67  DC  B C2    1 
ATOM   602 O  O2    . DC  B 2 6  ? 0.461   13.923  -12.504 1.00 18.50 ? 67  DC  B O2    1 
ATOM   603 N  N3    . DC  B 2 6  ? 0.210   11.759  -13.087 1.00 17.32 ? 67  DC  B N3    1 
ATOM   604 C  C4    . DC  B 2 6  ? 0.558   10.482  -12.842 1.00 16.53 ? 67  DC  B C4    1 
ATOM   605 N  N4    . DC  B 2 6  ? 0.000   9.526   -13.595 1.00 19.20 ? 67  DC  B N4    1 
ATOM   606 C  C5    . DC  B 2 6  ? 1.506   10.106  -11.825 1.00 15.92 ? 67  DC  B C5    1 
ATOM   607 C  C6    . DC  B 2 6  ? 2.020   11.097  -11.087 1.00 16.97 ? 67  DC  B C6    1 
ATOM   608 P  P     . DG  B 2 7  ? 3.522   16.880  -7.815  1.00 25.85 ? 68  DG  B P     1 
ATOM   609 O  OP1   . DG  B 2 7  ? 2.842   16.688  -6.496  1.00 28.32 ? 68  DG  B OP1   1 
ATOM   610 O  OP2   . DG  B 2 7  ? 3.466   18.185  -8.534  1.00 26.99 ? 68  DG  B OP2   1 
ATOM   611 O  "O5'" . DG  B 2 7  ? 5.048   16.449  -7.608  1.00 25.50 ? 68  DG  B "O5'" 1 
ATOM   612 C  "C5'" . DG  B 2 7  ? 5.924   16.622  -8.704  1.00 23.45 ? 68  DG  B "C5'" 1 
ATOM   613 C  "C4'" . DG  B 2 7  ? 7.292   16.118  -8.332  1.00 25.06 ? 68  DG  B "C4'" 1 
ATOM   614 O  "O4'" . DG  B 2 7  ? 7.203   14.696  -8.097  1.00 23.64 ? 68  DG  B "O4'" 1 
ATOM   615 C  "C3'" . DG  B 2 7  ? 8.224   16.251  -9.511  1.00 26.94 ? 68  DG  B "C3'" 1 
ATOM   616 O  "O3'" . DG  B 2 7  ? 8.993   17.416  -9.412  1.00 31.55 ? 68  DG  B "O3'" 1 
ATOM   617 C  "C2'" . DG  B 2 7  ? 9.104   15.011  -9.470  1.00 24.93 ? 68  DG  B "C2'" 1 
ATOM   618 C  "C1'" . DG  B 2 7  ? 8.312   14.009  -8.676  1.00 22.71 ? 68  DG  B "C1'" 1 
ATOM   619 N  N9    . DG  B 2 7  ? 7.773   12.851  -9.415  1.00 22.02 ? 68  DG  B N9    1 
ATOM   620 C  C8    . DG  B 2 7  ? 7.993   11.532  -9.124  1.00 22.83 ? 68  DG  B C8    1 
ATOM   621 N  N7    . DG  B 2 7  ? 7.351   10.723  -9.922  1.00 23.83 ? 68  DG  B N7    1 
ATOM   622 C  C5    . DG  B 2 7  ? 6.629   11.533  -10.789 1.00 22.72 ? 68  DG  B C5    1 
ATOM   623 C  C6    . DG  B 2 7  ? 5.738   11.202  -11.861 1.00 21.78 ? 68  DG  B C6    1 
ATOM   624 O  O6    . DG  B 2 7  ? 5.389   10.080  -12.266 1.00 19.98 ? 68  DG  B O6    1 
ATOM   625 N  N1    . DG  B 2 7  ? 5.220   12.367  -12.468 1.00 20.40 ? 68  DG  B N1    1 
ATOM   626 C  C2    . DG  B 2 7  ? 5.543   13.639  -12.082 1.00 21.00 ? 68  DG  B C2    1 
ATOM   627 N  N2    . DG  B 2 7  ? 4.949   14.618  -12.740 1.00 20.09 ? 68  DG  B N2    1 
ATOM   628 N  N3    . DG  B 2 7  ? 6.371   13.950  -11.088 1.00 20.24 ? 68  DG  B N3    1 
ATOM   629 C  C4    . DG  B 2 7  ? 6.876   12.859  -10.481 1.00 21.26 ? 68  DG  B C4    1 
HETATM 630 MN MN    . MN  C 3 .  ? -12.233 8.570   -15.016 1.00 22.40 ? 101 MN  B MN    1 
HETATM 631 O  O     . HOH D 4 .  ? -7.439  2.372   -3.097  1.00 21.25 ? 101 HOH A O     1 
HETATM 632 O  O     . HOH D 4 .  ? -11.435 6.571   -15.857 1.00 23.38 ? 102 HOH A O     1 
HETATM 633 O  O     . HOH D 4 .  ? 4.234   6.598   -7.067  1.00 18.79 ? 103 HOH A O     1 
HETATM 634 O  O     . HOH D 4 .  ? 9.105   0.423   -4.226  1.00 24.30 ? 104 HOH A O     1 
HETATM 635 O  O     . HOH D 4 .  ? 2.835   1.599   -10.473 1.00 27.28 ? 105 HOH A O     1 
HETATM 636 O  O     . HOH D 4 .  ? -4.286  4.399   -11.286 1.00 30.71 ? 106 HOH A O     1 
HETATM 637 O  O     . HOH D 4 .  ? -8.911  4.174   -1.118  1.00 25.57 ? 107 HOH A O     1 
HETATM 638 O  O     . HOH D 4 .  ? 5.496   5.024   -9.084  1.00 26.45 ? 108 HOH A O     1 
HETATM 639 O  O     . HOH D 4 .  ? -17.034 1.952   -8.787  1.00 28.44 ? 109 HOH A O     1 
HETATM 640 O  O     . HOH D 4 .  ? -13.347 -1.178  -4.805  1.00 30.85 ? 110 HOH A O     1 
HETATM 641 O  O     . HOH D 4 .  ? -9.748  -1.815  2.860   1.00 30.47 ? 111 HOH A O     1 
HETATM 642 O  O     . HOH D 4 .  ? -15.996 -4.100  -7.230  1.00 29.54 ? 112 HOH A O     1 
HETATM 643 O  O     . HOH D 4 .  ? 5.159   -8.751  -2.010  1.00 34.01 ? 113 HOH A O     1 
HETATM 644 O  O     . HOH D 4 .  ? -2.222  -10.473 1.756   1.00 34.90 ? 114 HOH A O     1 
HETATM 645 O  O     . HOH D 4 .  ? -5.487  -6.283  -5.460  1.00 32.90 ? 115 HOH A O     1 
HETATM 646 O  O     . HOH D 4 .  ? -5.616  6.693   12.264  1.00 26.45 ? 116 HOH A O     1 
HETATM 647 O  O     . HOH D 4 .  ? -17.230 2.258   -5.234  1.00 44.17 ? 117 HOH A O     1 
HETATM 648 O  O     . HOH D 4 .  ? -7.166  1.120   9.160   1.00 34.99 ? 118 HOH A O     1 
HETATM 649 O  O     . HOH D 4 .  ? -6.353  -10.888 0.934   1.00 35.33 ? 119 HOH A O     1 
HETATM 650 O  O     . HOH D 4 .  ? 10.806  5.784   -15.008 1.00 36.91 ? 120 HOH A O     1 
HETATM 651 O  O     . HOH D 4 .  ? 8.782   5.788   -9.427  1.00 30.08 ? 121 HOH A O     1 
HETATM 652 O  O     . HOH D 4 .  ? 7.672   -7.315  -0.686  1.00 42.83 ? 122 HOH A O     1 
HETATM 653 O  O     . HOH D 4 .  ? 10.100  -9.418  -9.249  1.00 29.98 ? 123 HOH A O     1 
HETATM 654 O  O     . HOH D 4 .  ? -5.688  11.254  3.843   1.00 39.62 ? 124 HOH A O     1 
HETATM 655 O  O     . HOH D 4 .  ? 4.698   12.898  1.349   1.00 45.61 ? 125 HOH A O     1 
HETATM 656 O  O     . HOH D 4 .  ? -9.010  2.512   -10.623 1.00 34.97 ? 126 HOH A O     1 
HETATM 657 O  O     . HOH D 4 .  ? 7.829   7.951   -7.045  1.00 36.67 ? 127 HOH A O     1 
HETATM 658 O  O     . HOH D 4 .  ? 10.780  -1.605  1.079   1.00 36.24 ? 128 HOH A O     1 
HETATM 659 O  O     . HOH D 4 .  ? -1.201  -12.223 -2.513  1.00 51.35 ? 129 HOH A O     1 
HETATM 660 O  O     . HOH D 4 .  ? -2.402  0.711   -11.703 1.00 36.43 ? 130 HOH A O     1 
HETATM 661 O  O     . HOH D 4 .  ? -7.424  -7.675  -5.375  1.00 40.87 ? 131 HOH A O     1 
HETATM 662 O  O     . HOH D 4 .  ? -8.860  -8.071  3.432   1.00 42.69 ? 132 HOH A O     1 
HETATM 663 O  O     . HOH D 4 .  ? 7.648   -5.670  5.372   1.00 33.18 ? 133 HOH A O     1 
HETATM 664 O  O     . HOH D 4 .  ? 15.275  9.177   5.293   1.00 57.77 ? 134 HOH A O     1 
HETATM 665 O  O     . HOH D 4 .  ? 7.942   -1.589  -13.485 1.00 31.92 ? 135 HOH A O     1 
HETATM 666 O  O     . HOH D 4 .  ? 6.500   -5.600  -12.662 1.00 33.06 ? 136 HOH A O     1 
HETATM 667 O  O     . HOH D 4 .  ? 5.110   -13.397 -7.395  1.00 35.75 ? 137 HOH A O     1 
HETATM 668 O  O     . HOH D 4 .  ? -4.201  8.864   7.412   1.00 41.36 ? 138 HOH A O     1 
HETATM 669 O  O     . HOH D 4 .  ? -18.398 4.140   -4.624  1.00 46.83 ? 139 HOH A O     1 
HETATM 670 O  O     . HOH D 4 .  ? -10.426 7.871   -1.068  1.00 57.46 ? 140 HOH A O     1 
HETATM 671 O  O     . HOH D 4 .  ? 10.957  -5.757  -5.168  1.00 41.31 ? 141 HOH A O     1 
HETATM 672 O  O     . HOH D 4 .  ? 9.132   -3.725  1.327   1.00 40.93 ? 142 HOH A O     1 
HETATM 673 O  O     . HOH D 4 .  ? -6.419  1.615   11.624  1.00 50.90 ? 143 HOH A O     1 
HETATM 674 O  O     . HOH E 4 .  ? -8.372  8.908   -6.146  1.00 17.40 ? 201 HOH B O     1 
HETATM 675 O  O     . HOH E 4 .  ? -5.283  3.528   -4.502  1.00 18.10 ? 202 HOH B O     1 
HETATM 676 O  O     . HOH E 4 .  ? -10.555 8.641   -4.523  1.00 20.67 ? 203 HOH B O     1 
HETATM 677 O  O     . HOH E 4 .  ? -5.138  7.030   -12.184 1.00 20.12 ? 204 HOH B O     1 
HETATM 678 O  O     . HOH E 4 .  ? -6.971  6.887   -14.338 1.00 22.45 ? 205 HOH B O     1 
HETATM 679 O  O     . HOH E 4 .  ? -12.977 10.528  -14.307 1.00 24.60 ? 206 HOH B O     1 
HETATM 680 O  O     . HOH E 4 .  ? -13.611 8.589   -16.664 1.00 25.05 ? 207 HOH B O     1 
HETATM 681 O  O     . HOH E 4 .  ? -8.071  9.206   -15.139 1.00 23.07 ? 208 HOH B O     1 
HETATM 682 O  O     . HOH E 4 .  ? -1.118  13.726  -7.162  1.00 25.83 ? 209 HOH B O     1 
HETATM 683 O  O     . HOH E 4 .  ? 5.138   8.975   -7.512  1.00 29.57 ? 210 HOH B O     1 
HETATM 684 O  O     . HOH E 4 .  ? 1.064   6.787   -13.111 1.00 23.40 ? 211 HOH B O     1 
HETATM 685 O  O     . HOH E 4 .  ? -10.760 9.528   -16.149 1.00 31.18 ? 212 HOH B O     1 
HETATM 686 O  O     . HOH E 4 .  ? 2.379   6.609   -10.458 1.00 26.50 ? 213 HOH B O     1 
HETATM 687 O  O     . HOH E 4 .  ? -8.321  4.551   -14.117 1.00 27.34 ? 214 HOH B O     1 
HETATM 688 O  O     . HOH E 4 .  ? -11.754 10.959  -5.007  1.00 26.70 ? 215 HOH B O     1 
HETATM 689 O  O     . HOH E 4 .  ? -16.978 9.442   -10.502 1.00 23.53 ? 216 HOH B O     1 
HETATM 690 O  O     . HOH E 4 .  ? 4.379   8.914   -10.030 1.00 24.05 ? 217 HOH B O     1 
HETATM 691 O  O     . HOH E 4 .  ? -2.231  7.378   -14.789 1.00 29.02 ? 218 HOH B O     1 
HETATM 692 O  O     . HOH E 4 .  ? -1.068  15.734  -10.813 1.00 33.33 ? 219 HOH B O     1 
HETATM 693 O  O     . HOH E 4 .  ? -17.287 6.344   -18.923 1.00 49.93 ? 220 HOH B O     1 
HETATM 694 O  O     . HOH E 4 .  ? -15.849 10.937  -14.040 1.00 42.42 ? 221 HOH B O     1 
HETATM 695 O  O     . HOH E 4 .  ? -15.833 14.677  -13.028 1.00 33.66 ? 222 HOH B O     1 
HETATM 696 O  O     . HOH E 4 .  ? -4.508  14.402  -7.941  0.40 19.90 ? 223 HOH B O     1 
HETATM 697 O  O     . HOH E 4 .  ? 6.074   17.439  -12.618 1.00 31.13 ? 224 HOH B O     1 
HETATM 698 O  O     . HOH E 4 .  ? -1.837  4.997   -12.676 1.00 38.82 ? 225 HOH B O     1 
HETATM 699 O  O     . HOH E 4 .  ? -13.333 10.587  -3.177  1.00 35.16 ? 226 HOH B O     1 
HETATM 700 O  O     . HOH E 4 .  ? -6.987  6.224   -3.566  1.00 29.93 ? 227 HOH B O     1 
# 
loop_
_atom_site_anisotrop.id 
_atom_site_anisotrop.type_symbol 
_atom_site_anisotrop.pdbx_label_atom_id 
_atom_site_anisotrop.pdbx_label_alt_id 
_atom_site_anisotrop.pdbx_label_comp_id 
_atom_site_anisotrop.pdbx_label_asym_id 
_atom_site_anisotrop.pdbx_label_seq_id 
_atom_site_anisotrop.pdbx_PDB_ins_code 
_atom_site_anisotrop.U[1][1] 
_atom_site_anisotrop.U[2][2] 
_atom_site_anisotrop.U[3][3] 
_atom_site_anisotrop.U[1][2] 
_atom_site_anisotrop.U[1][3] 
_atom_site_anisotrop.U[2][3] 
_atom_site_anisotrop.pdbx_auth_seq_id 
_atom_site_anisotrop.pdbx_auth_comp_id 
_atom_site_anisotrop.pdbx_auth_asym_id 
_atom_site_anisotrop.pdbx_auth_atom_id 
1   N  N     . SER A 1  ? 0.4009 0.4043 0.3559 -0.0265 -0.0187 -0.0115 2   SER A N     
2   C  CA    . SER A 1  ? 0.3789 0.4019 0.3511 -0.0263 -0.0145 -0.0002 2   SER A CA    
3   C  C     . SER A 1  ? 0.3771 0.3919 0.3434 -0.0179 -0.0142 -0.0006 2   SER A C     
4   O  O     . SER A 1  ? 0.3764 0.4148 0.3395 -0.0173 -0.0161 -0.0004 2   SER A O     
5   C  CB    . SER A 1  ? 0.3818 0.3996 0.3519 -0.0352 -0.0191 0.0027  2   SER A CB    
6   O  OG    . SER A 1  ? 0.3738 0.4458 0.3468 -0.0514 -0.0001 0.0149  2   SER A OG    
7   N  N     . ALA A 2  ? 0.3620 0.3794 0.3407 -0.0117 -0.0122 0.0056  3   ALA A N     
8   C  CA    . ALA A 2  ? 0.3604 0.3768 0.3336 -0.0117 -0.0095 0.0062  3   ALA A CA    
9   C  C     . ALA A 2  ? 0.3641 0.3724 0.3277 -0.0134 -0.0079 0.0025  3   ALA A C     
10  O  O     . ALA A 2  ? 0.3677 0.3655 0.3239 -0.0200 -0.0159 -0.0003 3   ALA A O     
11  C  CB    . ALA A 2  ? 0.3588 0.3713 0.3246 -0.0147 -0.0087 0.0120  3   ALA A CB    
12  N  N     . GLU A 3  ? 0.3687 0.3714 0.3316 -0.0084 -0.0054 0.0069  4   GLU A N     
13  C  CA    . GLU A 3  ? 0.3853 0.3935 0.3280 -0.0095 -0.0049 0.0062  4   GLU A CA    
14  C  C     . GLU A 3  ? 0.3641 0.3826 0.3050 -0.0079 -0.0042 0.0040  4   GLU A C     
15  O  O     . GLU A 3  ? 0.3576 0.3956 0.2644 -0.0034 -0.0048 0.0045  4   GLU A O     
16  C  CB    . GLU A 3  ? 0.3877 0.4060 0.3377 -0.0138 0.0000  0.0092  4   GLU A CB    
17  C  CG    . GLU A 3  ? 0.4749 0.4576 0.4082 -0.0147 -0.0053 0.0041  4   GLU A CG    
18  C  CD    . GLU A 3  ? 0.5165 0.5662 0.4776 0.0081  -0.0154 0.0014  4   GLU A CD    
19  O  OE1   . GLU A 3  ? 0.5702 0.6234 0.5098 -0.0152 -0.0651 0.0134  4   GLU A OE1   
20  O  OE2   . GLU A 3  ? 0.6134 0.5983 0.5229 0.0216  0.0118  -0.0234 4   GLU A OE2   
21  N  N     . THR A 4  ? 0.3561 0.3777 0.2980 -0.0180 -0.0048 -0.0025 5   THR A N     
22  C  CA    . THR A 4  ? 0.3426 0.3805 0.3111 -0.0137 -0.0019 -0.0021 5   THR A CA    
23  C  C     . THR A 4  ? 0.3404 0.3593 0.3074 -0.0131 -0.0076 -0.0031 5   THR A C     
24  O  O     . THR A 4  ? 0.3374 0.3501 0.2933 -0.0079 -0.0088 -0.0097 5   THR A O     
25  C  CB    . THR A 4  ? 0.3413 0.3877 0.3177 -0.0168 0.0036  0.0004  5   THR A CB    
26  O  OG1   . THR A 4  ? 0.3477 0.4583 0.3236 -0.0209 0.0308  0.0104  5   THR A OG1   
27  C  CG2   . THR A 4  ? 0.3330 0.4038 0.3577 -0.0297 0.0066  0.0032  5   THR A CG2   
28  N  N     . GLN A 5  ? 0.3390 0.3576 0.3011 -0.0141 -0.0110 -0.0037 6   GLN A N     
29  C  CA    . GLN A 5  ? 0.3537 0.3538 0.3063 -0.0210 -0.0146 -0.0015 6   GLN A CA    
30  C  C     . GLN A 5  ? 0.3473 0.3400 0.2905 -0.0135 -0.0080 -0.0018 6   GLN A C     
31  O  O     . GLN A 5  ? 0.3532 0.3281 0.2768 -0.0219 -0.0246 -0.0061 6   GLN A O     
32  C  CB    . GLN A 5  ? 0.3668 0.3613 0.3063 -0.0277 -0.0185 -0.0020 6   GLN A CB    
33  C  CG    . GLN A 5  ? 0.4157 0.4122 0.3587 -0.0238 -0.0206 0.0008  6   GLN A CG    
34  C  CD    . GLN A 5  ? 0.4741 0.4520 0.4294 -0.0326 -0.0247 0.0088  6   GLN A CD    
35  O  OE1   . GLN A 5  ? 0.4814 0.5078 0.4626 -0.0139 -0.0478 -0.0021 6   GLN A OE1   
36  N  NE2   . GLN A 5  ? 0.5083 0.5218 0.4770 -0.0296 -0.0061 0.0309  6   GLN A NE2   
37  N  N     . MET A 6  ? 0.3372 0.3263 0.3069 -0.0126 -0.0014 -0.0072 7   MET A N     
38  C  CA    . MET A 6  ? 0.3352 0.3230 0.3148 -0.0102 -0.0065 0.0000  7   MET A CA    
39  C  C     . MET A 6  ? 0.3097 0.3090 0.3004 -0.0049 -0.0056 0.0021  7   MET A C     
40  O  O     . MET A 6  ? 0.3159 0.3045 0.2798 -0.0036 -0.0046 0.0110  7   MET A O     
41  C  CB    . MET A 6  ? 0.3545 0.3277 0.3446 -0.0076 -0.0036 -0.0003 7   MET A CB    
42  C  CG    . MET A 6  ? 0.4095 0.3907 0.4070 0.0036  0.0141  -0.0126 7   MET A CG    
43  S  SD    . MET A 6  ? 0.6361 0.4804 0.5328 -0.0097 0.0292  -0.0656 7   MET A SD    
44  C  CE    . MET A 6  ? 0.5085 0.4637 0.5485 0.0165  0.0685  -0.0263 7   MET A CE    
45  N  N     . GLU A 7  ? 0.2893 0.2942 0.2794 -0.0012 -0.0155 0.0017  8   GLU A N     
46  C  CA    . GLU A 7  ? 0.2848 0.2761 0.2787 -0.0026 -0.0037 0.0059  8   GLU A CA    
47  C  C     . GLU A 7  ? 0.2861 0.2880 0.2902 -0.0006 -0.0088 0.0088  8   GLU A C     
48  O  O     . GLU A 7  ? 0.2991 0.2901 0.3075 -0.0054 -0.0068 0.0169  8   GLU A O     
49  C  CB    . GLU A 7  ? 0.2747 0.2742 0.2850 0.0018  0.0011  0.0025  8   GLU A CB    
50  C  CG    . GLU A 7  ? 0.2689 0.2904 0.2780 -0.0033 0.0150  0.0113  8   GLU A CG    
51  C  CD    . GLU A 7  ? 0.3023 0.3354 0.3181 -0.0292 0.0171  0.0034  8   GLU A CD    
52  O  OE1   . GLU A 7  ? 0.3078 0.3745 0.3590 -0.0153 0.0579  0.0142  8   GLU A OE1   
53  O  OE2   . GLU A 7  ? 0.3139 0.4172 0.3136 -0.0341 -0.0101 0.0358  8   GLU A OE2   
54  N  N     . ARG A 8  ? 0.2863 0.2865 0.2967 -0.0034 -0.0090 0.0172  9   ARG A N     
55  C  CA    . ARG A 8  ? 0.2979 0.3086 0.3028 0.0026  -0.0171 0.0215  9   ARG A CA    
56  C  C     . ARG A 8  ? 0.2911 0.2937 0.2841 -0.0014 -0.0204 0.0233  9   ARG A C     
57  O  O     . ARG A 8  ? 0.2918 0.2972 0.2904 0.0009  -0.0301 0.0287  9   ARG A O     
58  C  CB    . ARG A 8  ? 0.3042 0.3279 0.3244 -0.0017 -0.0225 0.0177  9   ARG A CB    
59  C  CG    . ARG A 8  ? 0.3798 0.3979 0.3858 0.0061  0.0111  0.0086  9   ARG A CG    
60  C  CD    . ARG A 8  ? 0.4619 0.5286 0.4905 0.0125  -0.0348 0.0143  9   ARG A CD    
61  N  NE    . ARG A 8  ? 0.5627 0.6648 0.6039 0.0166  0.0217  -0.0011 9   ARG A NE    
62  C  CZ    . ARG A 8  ? 0.6044 0.7349 0.6392 -0.0050 0.0046  -0.0053 9   ARG A CZ    
63  N  NH1   . ARG A 8  ? 0.6562 0.7731 0.6322 -0.0114 0.0064  -0.0020 9   ARG A NH1   
64  N  NH2   . ARG A 8  ? 0.6509 0.7717 0.6802 -0.0053 0.0478  -0.0084 9   ARG A NH2   
65  N  N     . LYS A 9  ? 0.2839 0.3007 0.2655 -0.0033 -0.0141 0.0225  10  LYS A N     
66  C  CA    . LYS A 9  ? 0.3003 0.2968 0.2637 0.0008  -0.0058 0.0077  10  LYS A CA    
67  C  C     . LYS A 9  ? 0.2928 0.2758 0.2530 -0.0084 -0.0022 0.0072  10  LYS A C     
68  O  O     . LYS A 9  ? 0.3001 0.2637 0.2276 -0.0117 0.0007  0.0082  10  LYS A O     
69  C  CB    . LYS A 9  ? 0.3137 0.2974 0.2782 0.0003  -0.0057 0.0097  10  LYS A CB    
70  C  CG    . LYS A 9  ? 0.3432 0.3586 0.2973 0.0064  -0.0056 -0.0112 10  LYS A CG    
71  C  CD    . LYS A 9  ? 0.4546 0.4063 0.4042 0.0144  0.0180  -0.0430 10  LYS A CD    
72  C  CE    . LYS A 9  ? 0.4964 0.4596 0.4493 0.0293  0.0001  -0.0443 10  LYS A CE    
73  N  NZ    . LYS A 9  ? 0.5670 0.4636 0.4981 0.0335  0.0342  -0.0644 10  LYS A NZ    
74  N  N     . ILE A 10 ? 0.2826 0.2578 0.2458 -0.0050 -0.0033 0.0183  11  ILE A N     
75  C  CA    . ILE A 10 ? 0.2785 0.2598 0.2445 -0.0010 -0.0018 0.0165  11  ILE A CA    
76  C  C     . ILE A 10 ? 0.2789 0.2635 0.2435 -0.0016 0.0001  0.0158  11  ILE A C     
77  O  O     . ILE A 10 ? 0.3077 0.2758 0.2353 0.0041  -0.0104 0.0189  11  ILE A O     
78  C  CB    . ILE A 10 ? 0.2771 0.2654 0.2447 -0.0059 -0.0064 0.0172  11  ILE A CB    
79  C  CG1   . ILE A 10 ? 0.2693 0.2417 0.2276 0.0003  -0.0159 0.0444  11  ILE A CG1   
80  C  CG2   . ILE A 10 ? 0.2481 0.2438 0.2273 0.0158  -0.0066 0.0282  11  ILE A CG2   
81  C  CD1   . ILE A 10 ? 0.2956 0.2834 0.2265 -0.0078 -0.0293 0.0910  11  ILE A CD1   
82  N  N     . ILE A 11 ? 0.2802 0.2697 0.2545 0.0085  -0.0036 0.0155  12  ILE A N     
83  C  CA    . ILE A 11 ? 0.2839 0.2800 0.2739 -0.0009 0.0102  0.0119  12  ILE A CA    
84  C  C     . ILE A 11 ? 0.2909 0.2922 0.2794 0.0019  0.0091  0.0130  12  ILE A C     
85  O  O     . ILE A 11 ? 0.2977 0.2768 0.2735 -0.0016 0.0135  0.0116  12  ILE A O     
86  C  CB    . ILE A 11 ? 0.2898 0.2804 0.2855 -0.0035 0.0144  0.0133  12  ILE A CB    
87  C  CG1   . ILE A 11 ? 0.2882 0.2965 0.2426 0.0005  0.0101  0.0147  12  ILE A CG1   
88  C  CG2   . ILE A 11 ? 0.2890 0.2922 0.3276 0.0079  0.0013  -0.0051 12  ILE A CG2   
89  C  CD1   . ILE A 11 ? 0.2742 0.3670 0.2850 -0.0497 0.0129  0.0374  12  ILE A CD1   
90  N  N     . ASP A 12 ? 0.3029 0.3107 0.3054 0.0028  0.0095  0.0120  13  ASP A N     
91  C  CA    . ASP A 12 ? 0.3163 0.3248 0.3129 -0.0008 0.0029  0.0137  13  ASP A CA    
92  C  C     . ASP A 12 ? 0.3171 0.3170 0.3177 -0.0044 0.0012  0.0174  13  ASP A C     
93  O  O     . ASP A 12 ? 0.3161 0.3126 0.3425 -0.0082 -0.0002 0.0089  13  ASP A O     
94  C  CB    . ASP A 12 ? 0.3466 0.3516 0.3371 -0.0072 -0.0026 0.0049  13  ASP A CB    
95  C  CG    . ASP A 12 ? 0.3957 0.4236 0.3930 -0.0107 -0.0145 0.0083  13  ASP A CG    
96  O  OD1   . ASP A 12 ? 0.4930 0.4716 0.4482 0.0073  -0.0205 -0.0129 13  ASP A OD1   
97  O  OD2   . ASP A 12 ? 0.4880 0.4986 0.4826 -0.0510 -0.0364 -0.0179 13  ASP A OD2   
98  N  N     . PHE A 13 ? 0.2982 0.2983 0.2923 -0.0058 0.0072  0.0206  14  PHE A N     
99  C  CA    . PHE A 13 ? 0.2948 0.2875 0.2810 0.0020  0.0013  0.0247  14  PHE A CA    
100 C  C     . PHE A 13 ? 0.3008 0.2877 0.2850 0.0011  0.0002  0.0276  14  PHE A C     
101 O  O     . PHE A 13 ? 0.3097 0.2949 0.2921 -0.0011 -0.0063 0.0408  14  PHE A O     
102 C  CB    . PHE A 13 ? 0.3040 0.3013 0.2901 0.0021  0.0090  0.0260  14  PHE A CB    
103 C  CG    . PHE A 13 ? 0.2859 0.2987 0.2886 0.0020  -0.0052 0.0143  14  PHE A CG    
104 C  CD1   . PHE A 13 ? 0.3092 0.2926 0.3128 0.0264  -0.0153 0.0289  14  PHE A CD1   
105 C  CD2   . PHE A 13 ? 0.2865 0.2987 0.2882 -0.0110 -0.0029 0.0380  14  PHE A CD2   
106 C  CE1   . PHE A 13 ? 0.3001 0.3091 0.3045 0.0176  -0.0059 0.0203  14  PHE A CE1   
107 C  CE2   . PHE A 13 ? 0.2711 0.3126 0.2825 0.0041  -0.0122 0.0420  14  PHE A CE2   
108 C  CZ    . PHE A 13 ? 0.2907 0.3219 0.2611 -0.0027 -0.0138 0.0636  14  PHE A CZ    
109 N  N     . LEU A 14 ? 0.2947 0.2542 0.2829 0.0110  -0.0028 0.0292  15  LEU A N     
110 C  CA    . LEU A 14 ? 0.3129 0.2725 0.2945 0.0116  -0.0061 0.0206  15  LEU A CA    
111 C  C     . LEU A 14 ? 0.3278 0.2838 0.3108 0.0006  -0.0019 0.0177  15  LEU A C     
112 O  O     . LEU A 14 ? 0.3433 0.2899 0.3314 -0.0008 -0.0044 0.0250  15  LEU A O     
113 C  CB    . LEU A 14 ? 0.3107 0.2746 0.3005 0.0148  -0.0037 0.0112  15  LEU A CB    
114 C  CG    . LEU A 14 ? 0.2706 0.2767 0.3072 0.0253  -0.0103 0.0271  15  LEU A CG    
115 C  CD1   . LEU A 14 ? 0.2213 0.2876 0.3102 0.0298  -0.0120 0.0322  15  LEU A CD1   
116 C  CD2   . LEU A 14 ? 0.2399 0.2977 0.3490 -0.0368 -0.0058 0.0188  15  LEU A CD2   
117 N  N     . ARG A 15 ? 0.3501 0.2942 0.3124 0.0015  -0.0041 0.0235  16  ARG A N     
118 C  CA    . ARG A 15 ? 0.3586 0.3124 0.3387 0.0000  0.0031  0.0238  16  ARG A CA    
119 C  C     . ARG A 15 ? 0.3663 0.3274 0.3495 -0.0060 0.0063  0.0235  16  ARG A C     
120 O  O     . ARG A 15 ? 0.3861 0.3356 0.3761 -0.0025 0.0038  0.0344  16  ARG A O     
121 C  CB    . ARG A 15 ? 0.3500 0.3148 0.3386 0.0061  0.0059  0.0272  16  ARG A CB    
122 N  N     . GLN A 16 ? 0.3694 0.3379 0.3435 -0.0082 0.0129  0.0297  17  GLN A N     
123 C  CA    . GLN A 16 ? 0.3769 0.3500 0.3526 -0.0085 0.0186  0.0235  17  GLN A CA    
124 C  C     . GLN A 16 ? 0.3763 0.3562 0.3623 -0.0074 0.0218  0.0255  17  GLN A C     
125 O  O     . GLN A 16 ? 0.3987 0.3785 0.3773 -0.0042 0.0314  0.0315  17  GLN A O     
126 C  CB    . GLN A 16 ? 0.3914 0.3501 0.3329 -0.0133 0.0267  0.0265  17  GLN A CB    
127 N  N     . ASN A 17 ? 0.3806 0.3464 0.3569 -0.0027 0.0215  0.0258  18  ASN A N     
128 C  CA    . ASN A 17 ? 0.3892 0.3564 0.3759 -0.0106 0.0118  0.0241  18  ASN A CA    
129 C  C     . ASN A 17 ? 0.3745 0.3476 0.3846 -0.0067 0.0058  0.0241  18  ASN A C     
130 O  O     . ASN A 17 ? 0.3715 0.3650 0.4151 -0.0149 -0.0097 0.0281  18  ASN A O     
131 C  CB    . ASN A 17 ? 0.4055 0.3729 0.3874 -0.0003 0.0184  0.0211  18  ASN A CB    
132 C  CG    . ASN A 17 ? 0.4338 0.4054 0.4126 -0.0107 0.0235  0.0137  18  ASN A CG    
133 O  OD1   . ASN A 17 ? 0.4605 0.4768 0.4690 -0.0046 -0.0135 0.0070  18  ASN A OD1   
134 N  ND2   . ASN A 17 ? 0.4486 0.4846 0.4154 0.0491  0.0606  -0.0083 18  ASN A ND2   
135 N  N     . GLY A 18 ? 0.3633 0.3300 0.3684 -0.0023 -0.0041 0.0201  19  GLY A N     
136 C  CA    . GLY A 18 ? 0.3527 0.3211 0.3549 -0.0002 -0.0023 0.0238  19  GLY A CA    
137 C  C     . GLY A 18 ? 0.3314 0.3091 0.3425 0.0028  -0.0031 0.0166  19  GLY A C     
138 O  O     . GLY A 18 ? 0.3323 0.3040 0.3528 0.0056  -0.0038 0.0288  19  GLY A O     
139 N  N     . LYS A 19 ? 0.3269 0.2994 0.3280 -0.0011 0.0005  0.0225  20  LYS A N     
140 C  CA    . LYS A 19 ? 0.3273 0.3034 0.3241 -0.0015 -0.0038 0.0210  20  LYS A CA    
141 C  C     . LYS A 19 ? 0.3074 0.2865 0.3020 -0.0052 -0.0002 0.0228  20  LYS A C     
142 O  O     . LYS A 19 ? 0.3090 0.2854 0.3296 -0.0130 0.0011  0.0343  20  LYS A O     
143 C  CB    . LYS A 19 ? 0.3320 0.3026 0.3217 0.0007  -0.0067 0.0175  20  LYS A CB    
144 C  CG    . LYS A 19 ? 0.3529 0.3639 0.3776 -0.0060 -0.0043 0.0113  20  LYS A CG    
145 C  CD    . LYS A 19 ? 0.3983 0.4287 0.4130 -0.0186 -0.0135 -0.0120 20  LYS A CD    
146 C  CE    . LYS A 19 ? 0.4435 0.4634 0.4872 -0.0250 0.0072  -0.0029 20  LYS A CE    
147 N  NZ    . LYS A 19 ? 0.4837 0.4988 0.5396 0.0076  0.0116  0.0039  20  LYS A NZ    
148 N  N     . SER A 20 ? 0.2968 0.2706 0.2784 -0.0076 -0.0035 0.0193  21  SER A N     
149 C  CA    . SER A 20 ? 0.2892 0.2599 0.2655 -0.0014 -0.0016 0.0167  21  SER A CA    
150 C  C     . SER A 20 ? 0.2772 0.2416 0.2669 0.0001  -0.0010 0.0124  21  SER A C     
151 O  O     . SER A 20 ? 0.2984 0.2121 0.2571 0.0088  0.0085  0.0188  21  SER A O     
152 C  CB    . SER A 20 ? 0.2890 0.2618 0.2591 0.0033  -0.0067 0.0156  21  SER A CB    
153 O  OG    . SER A 20 ? 0.3408 0.2462 0.2537 0.0043  -0.0086 -0.0037 21  SER A OG    
154 N  N     . ILE A 21 ? 0.2687 0.2507 0.2677 -0.0051 -0.0044 0.0030  22  ILE A N     
155 C  CA    . ILE A 21 ? 0.2602 0.2527 0.2548 -0.0003 -0.0027 0.0076  22  ILE A CA    
156 C  C     . ILE A 21 ? 0.2547 0.2385 0.2357 -0.0102 -0.0009 0.0172  22  ILE A C     
157 O  O     . ILE A 21 ? 0.2507 0.2259 0.2521 -0.0125 -0.0042 0.0291  22  ILE A O     
158 C  CB    . ILE A 21 ? 0.2527 0.2647 0.2587 -0.0002 -0.0063 -0.0068 22  ILE A CB    
159 C  CG1   . ILE A 21 ? 0.2461 0.2855 0.2835 0.0273  0.0045  -0.0113 22  ILE A CG1   
160 C  CG2   . ILE A 21 ? 0.2892 0.2849 0.2740 -0.0049 -0.0009 -0.0220 22  ILE A CG2   
161 C  CD1   . ILE A 21 ? 0.2880 0.2516 0.3366 0.0346  0.0082  0.0108  22  ILE A CD1   
162 N  N     . ALA A 22 ? 0.2545 0.2357 0.2315 -0.0062 0.0068  0.0241  23  ALA A N     
163 C  CA    . ALA A 22 ? 0.2705 0.2352 0.2228 -0.0066 0.0108  0.0221  23  ALA A CA    
164 C  C     . ALA A 22 ? 0.2666 0.2506 0.2367 -0.0066 0.0043  0.0141  23  ALA A C     
165 O  O     . ALA A 22 ? 0.2622 0.2596 0.2400 -0.0026 0.0000  0.0233  23  ALA A O     
166 C  CB    . ALA A 22 ? 0.2801 0.2150 0.2067 -0.0285 0.0161  0.0284  23  ALA A CB    
167 N  N     . LEU A 23 ? 0.2799 0.2786 0.2602 0.0057  0.0019  0.0064  24  LEU A N     
168 C  CA    . LEU A 23 ? 0.2870 0.3102 0.2864 0.0101  0.0072  0.0052  24  LEU A CA    
169 C  C     . LEU A 23 ? 0.2784 0.2919 0.2805 0.0066  0.0076  0.0062  24  LEU A C     
170 O  O     . LEU A 23 ? 0.2937 0.3019 0.2952 0.0180  0.0130  0.0045  24  LEU A O     
171 C  CB    . LEU A 23 ? 0.3008 0.3237 0.3086 0.0184  0.0048  0.0042  24  LEU A CB    
172 C  CG    . LEU A 23 ? 0.3666 0.3803 0.3339 0.0271  0.0158  0.0190  24  LEU A CG    
173 C  CD1   . LEU A 23 ? 0.5063 0.4216 0.4205 0.0328  -0.0132 0.0595  24  LEU A CD1   
174 C  CD2   . LEU A 23 ? 0.3955 0.4391 0.4050 -0.0186 0.0216  0.0631  24  LEU A CD2   
175 N  N     . THR A 24 ? 0.2638 0.3024 0.2891 0.0052  0.0124  0.0094  25  THR A N     
176 C  CA    . THR A 24 ? 0.2565 0.2989 0.2867 -0.0072 0.0026  0.0088  25  THR A CA    
177 C  C     . THR A 24 ? 0.2507 0.2876 0.2637 -0.0052 0.0048  0.0039  25  THR A C     
178 O  O     . THR A 24 ? 0.2476 0.2904 0.2775 -0.0241 -0.0016 -0.0096 25  THR A O     
179 C  CB    . THR A 24 ? 0.2575 0.2965 0.2948 -0.0129 -0.0022 0.0166  25  THR A CB    
180 O  OG1   . THR A 24 ? 0.2752 0.3370 0.3235 -0.0224 -0.0199 0.0393  25  THR A OG1   
181 C  CG2   . THR A 24 ? 0.2877 0.3188 0.3021 -0.0303 -0.0054 0.0279  25  THR A CG2   
182 N  N     . ILE A 25 ? 0.2357 0.2746 0.2460 -0.0094 0.0077  0.0096  26  ILE A N     
183 C  CA    . ILE A 25 ? 0.2334 0.2676 0.2190 -0.0013 0.0162  0.0072  26  ILE A CA    
184 C  C     . ILE A 25 ? 0.2412 0.2674 0.2206 0.0016  0.0169  0.0111  26  ILE A C     
185 O  O     . ILE A 25 ? 0.2441 0.2890 0.2227 -0.0072 0.0215  0.0212  26  ILE A O     
186 C  CB    . ILE A 25 ? 0.2239 0.2425 0.1946 -0.0060 0.0236  0.0046  26  ILE A CB    
187 C  CG1   . ILE A 25 ? 0.2474 0.2640 0.1712 -0.0138 0.0153  0.0120  26  ILE A CG1   
188 C  CG2   . ILE A 25 ? 0.2341 0.2448 0.1764 0.0048  0.0149  -0.0012 26  ILE A CG2   
189 C  CD1   . ILE A 25 ? 0.2773 0.2378 0.1765 -0.0266 0.0297  -0.0150 26  ILE A CD1   
190 N  N     . ALA A 26 ? 0.2553 0.2600 0.2188 -0.0022 0.0125  0.0200  27  ALA A N     
191 C  CA    . ALA A 26 ? 0.2744 0.2535 0.2209 0.0059  0.0070  0.0065  27  ALA A CA    
192 C  C     . ALA A 26 ? 0.2814 0.2629 0.2339 -0.0004 -0.0012 0.0063  27  ALA A C     
193 O  O     . ALA A 26 ? 0.2972 0.2867 0.2402 -0.0029 -0.0003 0.0088  27  ALA A O     
194 C  CB    . ALA A 26 ? 0.2816 0.2350 0.2197 0.0030  -0.0079 0.0131  27  ALA A CB    
195 N  N     . LYS A 27 ? 0.2809 0.2763 0.2411 0.0094  -0.0043 -0.0056 28  LYS A N     
196 C  CA    . LYS A 27 ? 0.2886 0.2998 0.2566 0.0077  -0.0001 0.0059  28  LYS A CA    
197 C  C     . LYS A 27 ? 0.3044 0.3112 0.2702 0.0105  -0.0076 -0.0037 28  LYS A C     
198 O  O     . LYS A 27 ? 0.3156 0.3168 0.2539 0.0100  -0.0107 -0.0087 28  LYS A O     
199 C  CB    . LYS A 27 ? 0.2866 0.3205 0.2717 0.0033  -0.0061 -0.0085 28  LYS A CB    
200 N  N     . GLU A 28 ? 0.3118 0.2963 0.2722 0.0065  -0.0071 0.0019  29  GLU A N     
201 C  CA    . GLU A 28 ? 0.3133 0.2957 0.2880 0.0077  -0.0098 0.0006  29  GLU A CA    
202 C  C     . GLU A 28 ? 0.3119 0.2898 0.2881 0.0110  -0.0087 -0.0008 29  GLU A C     
203 O  O     . GLU A 28 ? 0.3211 0.2916 0.2752 0.0043  -0.0147 -0.0081 29  GLU A O     
204 C  CB    . GLU A 28 ? 0.3196 0.2842 0.2920 0.0016  -0.0057 0.0119  29  GLU A CB    
205 C  CG    . GLU A 28 ? 0.3166 0.3264 0.3057 0.0060  -0.0034 0.0111  29  GLU A CG    
206 C  CD    . GLU A 28 ? 0.3503 0.3688 0.3387 -0.0033 -0.0016 0.0214  29  GLU A CD    
207 O  OE1   . GLU A 28 ? 0.3265 0.3989 0.2812 -0.0263 0.0359  0.0146  29  GLU A OE1   
208 O  OE2   . GLU A 28 ? 0.3803 0.3471 0.3495 -0.0070 -0.0109 0.0542  29  GLU A OE2   
209 N  N     . ILE A 29 ? 0.2967 0.2833 0.2630 0.0118  -0.0103 -0.0104 30  ILE A N     
210 C  CA    . ILE A 29 ? 0.3003 0.2964 0.2910 0.0137  -0.0138 -0.0049 30  ILE A CA    
211 C  C     . ILE A 29 ? 0.2882 0.2952 0.2810 0.0064  -0.0170 -0.0063 30  ILE A C     
212 O  O     . ILE A 29 ? 0.2997 0.2980 0.3051 0.0181  -0.0355 -0.0038 30  ILE A O     
213 C  CB    . ILE A 29 ? 0.2927 0.3092 0.3000 0.0123  -0.0086 -0.0213 30  ILE A CB    
214 C  CG1   . ILE A 29 ? 0.3311 0.3114 0.3155 0.0182  -0.0174 0.0084  30  ILE A CG1   
215 C  CG2   . ILE A 29 ? 0.3143 0.3294 0.3468 0.0187  -0.0047 -0.0208 30  ILE A CG2   
216 C  CD1   . ILE A 29 ? 0.3605 0.3916 0.3158 0.0538  -0.0411 0.0136  30  ILE A CD1   
217 N  N     . GLY A 30 ? 0.2856 0.2665 0.2572 0.0094  -0.0203 0.0039  31  GLY A N     
218 C  CA    . GLY A 30 ? 0.2864 0.2647 0.2381 -0.0004 -0.0152 -0.0061 31  GLY A CA    
219 C  C     . GLY A 30 ? 0.2921 0.2553 0.2401 0.0027  -0.0100 -0.0025 31  GLY A C     
220 O  O     . GLY A 30 ? 0.2918 0.2501 0.2253 0.0025  -0.0052 0.0049  31  GLY A O     
221 N  N     . LEU A 31 ? 0.3080 0.2546 0.2431 -0.0003 -0.0011 -0.0042 32  LEU A N     
222 C  CA    . LEU A 31 ? 0.3123 0.2810 0.2595 0.0029  0.0091  -0.0065 32  LEU A CA    
223 C  C     . LEU A 31 ? 0.3087 0.2878 0.2512 -0.0044 0.0022  -0.0057 32  LEU A C     
224 O  O     . LEU A 31 ? 0.3195 0.3182 0.2561 -0.0205 -0.0049 0.0056  32  LEU A O     
225 C  CB    . LEU A 31 ? 0.3177 0.2888 0.2756 0.0139  0.0120  -0.0017 32  LEU A CB    
226 C  CG    . LEU A 31 ? 0.3397 0.3173 0.3297 0.0268  0.0198  -0.0102 32  LEU A CG    
227 C  CD1   . LEU A 31 ? 0.4151 0.3415 0.3416 0.0236  0.0624  -0.0152 32  LEU A CD1   
228 C  CD2   . LEU A 31 ? 0.3709 0.3354 0.3770 0.0211  -0.0083 0.0055  32  LEU A CD2   
229 N  N     . ASP A 32 ? 0.3114 0.2921 0.2494 0.0015  0.0026  -0.0162 33  ASP A N     
230 C  CA    . ASP A 32 ? 0.3205 0.3061 0.2653 0.0063  0.0016  -0.0122 33  ASP A CA    
231 C  C     . ASP A 32 ? 0.3126 0.2878 0.2648 0.0102  0.0050  -0.0142 33  ASP A C     
232 O  O     . ASP A 32 ? 0.3193 0.2769 0.2437 0.0211  0.0112  -0.0280 33  ASP A O     
233 C  CB    . ASP A 32 ? 0.3516 0.3164 0.2900 -0.0001 -0.0066 -0.0209 33  ASP A CB    
234 C  CG    . ASP A 32 ? 0.3773 0.3792 0.3308 -0.0236 0.0001  0.0061  33  ASP A CG    
235 O  OD1   . ASP A 32 ? 0.4793 0.4524 0.3558 -0.0276 -0.0258 -0.0179 33  ASP A OD1   
236 O  OD2   . ASP A 32 ? 0.4575 0.4491 0.4545 -0.0187 -0.0188 0.0062  33  ASP A OD2   
237 N  N     . LYS A 33 ? 0.3082 0.2934 0.2576 0.0106  0.0106  -0.0137 34  LYS A N     
238 C  CA    . LYS A 33 ? 0.3088 0.3023 0.2779 0.0058  0.0087  -0.0120 34  LYS A CA    
239 C  C     . LYS A 33 ? 0.2891 0.2861 0.2654 0.0113  0.0016  -0.0091 34  LYS A C     
240 O  O     . LYS A 33 ? 0.2783 0.2887 0.2526 0.0314  0.0139  -0.0139 34  LYS A O     
241 C  CB    . LYS A 33 ? 0.3099 0.3237 0.2937 0.0031  0.0117  -0.0130 34  LYS A CB    
242 C  CG    . LYS A 33 ? 0.3621 0.3806 0.3121 -0.0056 0.0293  -0.0378 34  LYS A CG    
243 C  CD    . LYS A 33 ? 0.3885 0.4496 0.3568 0.0000  0.0040  -0.0360 34  LYS A CD    
244 C  CE    . LYS A 33 ? 0.4515 0.5206 0.3683 -0.0151 0.0402  -0.0367 34  LYS A CE    
245 N  NZ    . LYS A 33 ? 0.4183 0.4888 0.4023 -0.0413 0.0353  -0.0596 34  LYS A NZ    
246 N  N     . SER A 34 ? 0.2760 0.2822 0.2769 0.0175  -0.0100 -0.0131 35  SER A N     
247 C  CA    . SER A 34 ? 0.2827 0.2671 0.2518 0.0125  -0.0061 -0.0052 35  SER A CA    
248 C  C     . SER A 34 ? 0.2804 0.2523 0.2329 0.0156  -0.0025 -0.0060 35  SER A C     
249 O  O     . SER A 34 ? 0.2886 0.2541 0.2147 0.0126  0.0102  0.0056  35  SER A O     
250 C  CB    . SER A 34 ? 0.2884 0.2781 0.2969 0.0138  -0.0204 -0.0142 35  SER A CB    
251 O  OG    . SER A 34 ? 0.3665 0.3310 0.3473 0.0366  -0.0242 -0.0242 35  SER A OG    
252 N  N     . THR A 35 ? 0.2787 0.2478 0.2246 0.0124  -0.0019 -0.0084 36  THR A N     
253 C  CA    . THR A 35 ? 0.2880 0.2484 0.2324 0.0098  -0.0098 -0.0095 36  THR A CA    
254 C  C     . THR A 35 ? 0.2659 0.2385 0.2023 0.0081  -0.0025 0.0028  36  THR A C     
255 O  O     . THR A 35 ? 0.2652 0.2305 0.1692 0.0182  -0.0017 0.0227  36  THR A O     
256 C  CB    . THR A 35 ? 0.2957 0.2469 0.2338 0.0075  -0.0200 -0.0153 36  THR A CB    
257 O  OG1   . THR A 35 ? 0.3435 0.2533 0.2678 0.0086  -0.0149 -0.0153 36  THR A OG1   
258 C  CG2   . THR A 35 ? 0.3343 0.2641 0.3065 0.0201  -0.0071 -0.0157 36  THR A CG2   
259 N  N     . VAL A 36 ? 0.2643 0.2335 0.2012 -0.0019 -0.0046 -0.0031 37  VAL A N     
260 C  CA    . VAL A 36 ? 0.2599 0.2404 0.2079 0.0021  -0.0008 0.0079  37  VAL A CA    
261 C  C     . VAL A 36 ? 0.2484 0.2207 0.2022 0.0035  -0.0027 0.0067  37  VAL A C     
262 O  O     . VAL A 36 ? 0.2468 0.2029 0.1840 -0.0086 0.0070  0.0284  37  VAL A O     
263 C  CB    . VAL A 36 ? 0.2858 0.2434 0.2034 -0.0119 0.0073  0.0027  37  VAL A CB    
264 C  CG1   . VAL A 36 ? 0.2410 0.2440 0.2435 -0.0243 0.0155  0.0204  37  VAL A CG1   
265 C  CG2   . VAL A 36 ? 0.3332 0.3338 0.2238 0.0054  -0.0142 0.0087  37  VAL A CG2   
266 N  N     . ASN A 37 ? 0.2414 0.2008 0.1870 -0.0010 -0.0028 0.0071  38  ASN A N     
267 C  CA    . ASN A 37 ? 0.2292 0.2056 0.1957 0.0023  -0.0038 0.0044  38  ASN A CA    
268 C  C     . ASN A 37 ? 0.2229 0.2040 0.2006 0.0039  -0.0021 -0.0021 38  ASN A C     
269 O  O     . ASN A 37 ? 0.2175 0.1933 0.1992 0.0020  -0.0043 -0.0053 38  ASN A O     
270 C  CB    . ASN A 37 ? 0.2229 0.2182 0.1847 0.0091  -0.0013 0.0047  38  ASN A CB    
271 C  CG    . ASN A 37 ? 0.2161 0.2272 0.1915 0.0080  -0.0063 0.0073  38  ASN A CG    
272 O  OD1   . ASN A 37 ? 0.2056 0.2622 0.2302 -0.0077 -0.0239 0.0266  38  ASN A OD1   
273 N  ND2   . ASN A 37 ? 0.2214 0.2789 0.2091 0.0171  0.0284  0.0399  38  ASN A ND2   
274 N  N     . ARG A 38 ? 0.2021 0.1975 0.2008 -0.0050 0.0012  0.0017  39  ARG A N     
275 C  CA    . ARG A 38 ? 0.2155 0.2162 0.2113 0.0023  0.0080  -0.0025 39  ARG A CA    
276 C  C     . ARG A 38 ? 0.2095 0.2090 0.2155 0.0026  0.0099  -0.0057 39  ARG A C     
277 O  O     . ARG A 38 ? 0.2264 0.1894 0.2194 0.0068  0.0079  -0.0162 39  ARG A O     
278 C  CB    . ARG A 38 ? 0.1888 0.2105 0.2308 -0.0090 0.0122  0.0031  39  ARG A CB    
279 C  CG    . ARG A 38 ? 0.2226 0.2676 0.2779 0.0000  0.0397  0.0020  39  ARG A CG    
280 C  CD    . ARG A 38 ? 0.3686 0.3514 0.4020 -0.0402 0.0095  -0.0176 39  ARG A CD    
281 N  NE    . ARG A 38 ? 0.4916 0.4500 0.4600 -0.0108 -0.0215 -0.0096 39  ARG A NE    
282 C  CZ    . ARG A 38 ? 0.5425 0.5260 0.4959 0.0060  -0.0023 -0.0149 39  ARG A CZ    
283 N  NH1   . ARG A 38 ? 0.5553 0.5222 0.5206 0.0267  -0.0155 -0.0023 39  ARG A NH1   
284 N  NH2   . ARG A 38 ? 0.5587 0.5426 0.5189 -0.0093 -0.0246 -0.0052 39  ARG A NH2   
285 N  N     . HIS A 39 ? 0.2230 0.2051 0.2196 0.0124  -0.0014 -0.0013 40  HIS A N     
286 C  CA    . HIS A 39 ? 0.2137 0.2244 0.2232 0.0048  -0.0011 0.0027  40  HIS A CA    
287 C  C     . HIS A 39 ? 0.1984 0.2154 0.2118 0.0059  0.0073  0.0067  40  HIS A C     
288 O  O     . HIS A 39 ? 0.1609 0.2050 0.2055 0.0075  0.0139  0.0132  40  HIS A O     
289 C  CB    . HIS A 39 ? 0.2255 0.2386 0.2223 0.0015  0.0123  -0.0020 40  HIS A CB    
290 C  CG    . HIS A 39 ? 0.2602 0.2647 0.2786 -0.0115 -0.0134 -0.0084 40  HIS A CG    
291 N  ND1   . HIS A 39 ? 0.2940 0.2645 0.3284 -0.0250 -0.0205 -0.0054 40  HIS A ND1   
292 C  CD2   . HIS A 39 ? 0.3038 0.3086 0.3461 -0.0229 -0.0098 -0.0353 40  HIS A CD2   
293 C  CE1   . HIS A 39 ? 0.3328 0.3478 0.3595 -0.0294 -0.0345 -0.0408 40  HIS A CE1   
294 N  NE2   . HIS A 39 ? 0.3010 0.3338 0.3716 -0.0334 -0.0493 -0.0586 40  HIS A NE2   
295 N  N     . LEU A 40 ? 0.1878 0.2241 0.1984 -0.0027 0.0084  0.0057  41  LEU A N     
296 C  CA    . LEU A 40 ? 0.1911 0.2114 0.1914 0.0011  0.0099  0.0135  41  LEU A CA    
297 C  C     . LEU A 40 ? 0.1956 0.2133 0.1904 0.0009  0.0062  0.0055  41  LEU A C     
298 O  O     . LEU A 40 ? 0.2035 0.2094 0.1886 -0.0124 0.0146  0.0065  41  LEU A O     
299 C  CB    . LEU A 40 ? 0.1729 0.1872 0.1717 -0.0055 0.0184  0.0256  41  LEU A CB    
300 C  CG    . LEU A 40 ? 0.2186 0.2302 0.1777 0.0161  0.0229  0.0238  41  LEU A CG    
301 C  CD1   . LEU A 40 ? 0.2142 0.2296 0.2010 0.0071  0.0400  0.0240  41  LEU A CD1   
302 C  CD2   . LEU A 40 ? 0.2305 0.2125 0.2377 -0.0043 -0.0008 0.0015  41  LEU A CD2   
303 N  N     . TYR A 41 ? 0.1969 0.2170 0.1889 -0.0099 -0.0046 0.0071  42  TYR A N     
304 C  CA    . TYR A 41 ? 0.1935 0.2153 0.2020 -0.0019 0.0088  0.0104  42  TYR A CA    
305 C  C     . TYR A 41 ? 0.2160 0.2258 0.2158 -0.0015 0.0097  0.0094  42  TYR A C     
306 O  O     . TYR A 41 ? 0.2360 0.2153 0.2023 0.0003  0.0235  0.0165  42  TYR A O     
307 C  CB    . TYR A 41 ? 0.1880 0.2256 0.2009 0.0013  0.0015  0.0078  42  TYR A CB    
308 C  CG    . TYR A 41 ? 0.1839 0.1987 0.1886 0.0010  0.0063  0.0026  42  TYR A CG    
309 C  CD1   . TYR A 41 ? 0.1590 0.1672 0.1854 0.0151  0.0060  0.0115  42  TYR A CD1   
310 C  CD2   . TYR A 41 ? 0.1978 0.2008 0.2095 0.0090  -0.0077 0.0109  42  TYR A CD2   
311 C  CE1   . TYR A 41 ? 0.1643 0.1574 0.1963 0.0056  0.0031  0.0124  42  TYR A CE1   
312 C  CE2   . TYR A 41 ? 0.1794 0.2214 0.1985 0.0100  0.0129  0.0071  42  TYR A CE2   
313 C  CZ    . TYR A 41 ? 0.1800 0.1965 0.1707 0.0274  -0.0093 0.0039  42  TYR A CZ    
314 O  OH    . TYR A 41 ? 0.1937 0.1849 0.2316 -0.0020 0.0003  0.0123  42  TYR A OH    
315 N  N     . ASN A 42 ? 0.2066 0.2253 0.2203 -0.0053 0.0039  0.0130  43  ASN A N     
316 C  CA    . ASN A 42 ? 0.2091 0.2262 0.2397 0.0008  0.0113  0.0127  43  ASN A CA    
317 C  C     . ASN A 42 ? 0.2148 0.2252 0.2413 0.0097  0.0119  0.0120  43  ASN A C     
318 O  O     . ASN A 42 ? 0.2301 0.2183 0.2647 0.0110  -0.0071 0.0125  43  ASN A O     
319 C  CB    . ASN A 42 ? 0.2079 0.2398 0.2568 -0.0048 0.0137  0.0107  43  ASN A CB    
320 C  CG    . ASN A 42 ? 0.2327 0.2528 0.2939 0.0230  0.0084  0.0200  43  ASN A CG    
321 O  OD1   . ASN A 42 ? 0.2449 0.2765 0.3534 0.0015  -0.0038 0.1093  43  ASN A OD1   
322 N  ND2   . ASN A 42 ? 0.2646 0.2698 0.3971 0.0035  0.0044  -0.0327 43  ASN A ND2   
323 N  N     . LEU A 43 ? 0.2128 0.2153 0.2658 0.0054  0.0125  0.0122  44  LEU A N     
324 C  CA    . LEU A 43 ? 0.2136 0.2128 0.2491 0.0002  0.0191  0.0134  44  LEU A CA    
325 C  C     . LEU A 43 ? 0.2217 0.2150 0.2516 0.0006  0.0212  0.0094  44  LEU A C     
326 O  O     . LEU A 43 ? 0.2527 0.2183 0.2615 0.0003  0.0267  -0.0068 44  LEU A O     
327 C  CB    . LEU A 43 ? 0.2089 0.2170 0.2354 -0.0009 0.0098  0.0155  44  LEU A CB    
328 C  CG    . LEU A 43 ? 0.1974 0.1951 0.2369 -0.0056 0.0177  0.0148  44  LEU A CG    
329 C  CD1   . LEU A 43 ? 0.1970 0.2527 0.2582 -0.0123 0.0061  -0.0042 44  LEU A CD1   
330 C  CD2   . LEU A 43 ? 0.2001 0.2131 0.2521 -0.0054 0.0195  0.0233  44  LEU A CD2   
331 N  N     . GLN A 44 ? 0.2324 0.2282 0.2570 -0.0079 0.0164  0.0021  45  GLN A N     
332 C  CA    . GLN A 44 ? 0.2432 0.2400 0.2639 -0.0099 0.0150  -0.0024 45  GLN A CA    
333 C  C     . GLN A 44 ? 0.2623 0.2417 0.2775 -0.0064 0.0163  -0.0091 45  GLN A C     
334 O  O     . GLN A 44 ? 0.2662 0.2270 0.2681 -0.0159 0.0318  -0.0166 45  GLN A O     
335 C  CB    . GLN A 44 ? 0.2397 0.2509 0.2590 -0.0077 0.0020  -0.0021 45  GLN A CB    
336 C  CG    . GLN A 44 ? 0.2614 0.3138 0.2844 -0.0072 0.0016  -0.0405 45  GLN A CG    
337 C  CD    . GLN A 44 ? 0.3059 0.3991 0.3441 -0.0058 -0.0190 -0.0291 45  GLN A CD    
338 O  OE1   . GLN A 44 ? 0.3502 0.5194 0.3948 -0.0491 0.0006  -0.0314 45  GLN A OE1   
339 N  NE2   . GLN A 44 ? 0.3227 0.3787 0.3416 0.0312  -0.0200 -0.0547 45  GLN A NE2   
340 N  N     . ARG A 45 ? 0.2573 0.2435 0.2801 -0.0103 0.0173  0.0033  46  ARG A N     
341 C  CA    . ARG A 45 ? 0.2717 0.2680 0.2769 -0.0057 0.0207  -0.0002 46  ARG A CA    
342 C  C     . ARG A 45 ? 0.2615 0.2703 0.2747 -0.0050 0.0231  -0.0048 46  ARG A C     
343 O  O     . ARG A 45 ? 0.2660 0.2938 0.2938 -0.0061 0.0298  -0.0041 46  ARG A O     
344 C  CB    . ARG A 45 ? 0.2795 0.2748 0.2955 -0.0186 0.0253  0.0058  46  ARG A CB    
345 C  CG    . ARG A 45 ? 0.3077 0.3285 0.3393 -0.0107 0.0196  0.0182  46  ARG A CG    
346 C  CD    . ARG A 45 ? 0.3625 0.3594 0.3561 -0.0452 0.0375  0.0329  46  ARG A CD    
347 N  NE    . ARG A 45 ? 0.4028 0.4299 0.4130 -0.0299 0.0469  -0.0074 46  ARG A NE    
348 C  CZ    . ARG A 45 ? 0.3938 0.4558 0.4209 -0.0400 0.0368  -0.0185 46  ARG A CZ    
349 N  NH1   . ARG A 45 ? 0.3802 0.4440 0.4749 -0.0586 0.0173  -0.0272 46  ARG A NH1   
350 N  NH2   . ARG A 45 ? 0.3627 0.4925 0.4568 -0.0217 0.0712  -0.0513 46  ARG A NH2   
351 N  N     . SER A 46 ? 0.2539 0.2609 0.2705 -0.0059 0.0276  0.0032  47  SER A N     
352 C  CA    . SER A 46 ? 0.2512 0.2573 0.2585 0.0000  0.0310  0.0076  47  SER A CA    
353 C  C     . SER A 46 ? 0.2528 0.2577 0.2605 0.0046  0.0234  0.0019  47  SER A C     
354 O  O     . SER A 46 ? 0.2576 0.2570 0.2513 0.0062  0.0209  0.0031  47  SER A O     
355 C  CB    . SER A 46 ? 0.2550 0.2692 0.2689 -0.0075 0.0343  0.0040  47  SER A CB    
356 O  OG    . SER A 46 ? 0.2454 0.2601 0.2539 -0.0127 0.0388  0.0081  47  SER A OG    
357 N  N     . ASN A 47 ? 0.2548 0.2496 0.2597 0.0150  0.0209  0.0018  48  ASN A N     
358 C  CA    . ASN A 47 ? 0.2720 0.2544 0.2818 0.0192  0.0232  -0.0014 48  ASN A CA    
359 C  C     . ASN A 47 ? 0.2680 0.2488 0.2782 0.0156  0.0145  0.0046  48  ASN A C     
360 O  O     . ASN A 47 ? 0.2879 0.2452 0.3019 0.0152  0.0276  0.0110  48  ASN A O     
361 C  CB    . ASN A 47 ? 0.2861 0.2636 0.2965 0.0277  0.0190  -0.0040 48  ASN A CB    
362 C  CG    . ASN A 47 ? 0.3148 0.2785 0.3129 0.0305  0.0158  -0.0157 48  ASN A CG    
363 O  OD1   . ASN A 47 ? 0.3616 0.3287 0.3203 0.0254  -0.0003 -0.0234 48  ASN A OD1   
364 N  ND2   . ASN A 47 ? 0.4015 0.2868 0.3510 0.0477  0.0457  -0.0209 48  ASN A ND2   
365 N  N     . GLN A 48 ? 0.2537 0.2388 0.2699 0.0153  0.0145  0.0097  49  GLN A N     
366 C  CA    . GLN A 48 ? 0.2588 0.2454 0.2661 0.0061  0.0162  0.0165  49  GLN A CA    
367 C  C     . GLN A 48 ? 0.2612 0.2400 0.2677 0.0083  0.0156  0.0141  49  GLN A C     
368 O  O     . GLN A 48 ? 0.2734 0.2413 0.2908 0.0006  0.0332  0.0226  49  GLN A O     
369 C  CB    . GLN A 48 ? 0.2503 0.2409 0.2573 0.0127  0.0064  0.0237  49  GLN A CB    
370 C  CG    . GLN A 48 ? 0.2715 0.2976 0.2910 0.0014  0.0094  0.0237  49  GLN A CG    
371 C  CD    . GLN A 48 ? 0.3206 0.3505 0.3236 -0.0009 -0.0148 0.0219  49  GLN A CD    
372 O  OE1   . GLN A 48 ? 0.3315 0.3801 0.3771 -0.0217 -0.0168 0.0010  49  GLN A OE1   
373 N  NE2   . GLN A 48 ? 0.3520 0.3653 0.3003 -0.0039 -0.0079 0.0173  49  GLN A NE2   
374 N  N     . VAL A 49 ? 0.2703 0.2286 0.2563 -0.0006 0.0140  0.0089  50  VAL A N     
375 C  CA    . VAL A 49 ? 0.2524 0.2250 0.2418 -0.0008 0.0151  0.0024  50  VAL A CA    
376 C  C     . VAL A 49 ? 0.2654 0.2345 0.2412 -0.0023 0.0162  0.0017  50  VAL A C     
377 O  O     . VAL A 49 ? 0.2864 0.2505 0.2519 -0.0004 0.0283  -0.0074 50  VAL A O     
378 C  CB    . VAL A 49 ? 0.2628 0.2126 0.2307 0.0061  0.0128  0.0081  50  VAL A CB    
379 C  CG1   . VAL A 49 ? 0.2448 0.2142 0.2319 0.0146  0.0023  -0.0051 50  VAL A CG1   
380 C  CG2   . VAL A 49 ? 0.2496 0.1917 0.2403 0.0059  0.0266  0.0104  50  VAL A CG2   
381 N  N     . PHE A 50 ? 0.2681 0.2358 0.2534 0.0036  0.0041  -0.0053 51  PHE A N     
382 C  CA    . PHE A 50 ? 0.2679 0.2516 0.2756 -0.0004 0.0029  -0.0218 51  PHE A CA    
383 C  C     . PHE A 50 ? 0.2736 0.2693 0.2877 0.0077  0.0004  -0.0129 51  PHE A C     
384 O  O     . PHE A 50 ? 0.2399 0.2343 0.2815 0.0065  0.0143  -0.0254 51  PHE A O     
385 C  CB    . PHE A 50 ? 0.2700 0.2509 0.2780 -0.0105 0.0033  -0.0245 51  PHE A CB    
386 C  CG    . PHE A 50 ? 0.2705 0.2427 0.2968 -0.0209 0.0108  -0.0362 51  PHE A CG    
387 C  CD1   . PHE A 50 ? 0.2939 0.2825 0.3525 -0.0435 -0.0018 -0.0105 51  PHE A CD1   
388 C  CD2   . PHE A 50 ? 0.3160 0.2604 0.3184 -0.0356 0.0076  -0.0404 51  PHE A CD2   
389 C  CE1   . PHE A 50 ? 0.3134 0.2894 0.3812 -0.0502 -0.0095 -0.0092 51  PHE A CE1   
390 C  CE2   . PHE A 50 ? 0.3302 0.3047 0.3572 -0.0520 0.0009  -0.0297 51  PHE A CE2   
391 C  CZ    . PHE A 50 ? 0.3433 0.2895 0.3843 -0.0436 -0.0312 -0.0301 51  PHE A CZ    
392 N  N     . ASN A 51 ? 0.3011 0.3141 0.3106 0.0143  -0.0021 -0.0162 52  ASN A N     
393 C  CA    . ASN A 51 ? 0.3271 0.3490 0.3362 0.0107  -0.0118 -0.0129 52  ASN A CA    
394 C  C     . ASN A 51 ? 0.3444 0.3613 0.3369 0.0105  -0.0182 -0.0133 52  ASN A C     
395 O  O     . ASN A 51 ? 0.3616 0.3805 0.3519 0.0085  -0.0286 -0.0336 52  ASN A O     
396 C  CB    . ASN A 51 ? 0.3374 0.3652 0.3571 0.0220  -0.0195 -0.0272 52  ASN A CB    
397 C  CG    . ASN A 51 ? 0.3954 0.4119 0.3760 0.0070  -0.0046 -0.0052 52  ASN A CG    
398 O  OD1   . ASN A 51 ? 0.4242 0.4679 0.4342 -0.0018 -0.0487 -0.0153 52  ASN A OD1   
399 N  ND2   . ASN A 51 ? 0.4002 0.4627 0.4627 -0.0184 -0.0088 -0.0219 52  ASN A ND2   
400 N  N     . SER A 52 ? 0.3359 0.3534 0.3424 0.0044  -0.0259 -0.0094 53  SER A N     
401 C  CA    . SER A 52 ? 0.3510 0.3565 0.3611 0.0048  -0.0240 -0.0079 53  SER A CA    
402 C  C     . SER A 52 ? 0.3652 0.3748 0.3847 0.0101  -0.0149 -0.0075 53  SER A C     
403 O  O     . SER A 52 ? 0.3781 0.4058 0.4071 0.0150  -0.0190 -0.0126 53  SER A O     
404 C  CB    . SER A 52 ? 0.3373 0.3480 0.3579 0.0042  -0.0305 -0.0158 53  SER A CB    
405 O  OG    . SER A 52 ? 0.2959 0.2889 0.3212 -0.0029 -0.0558 0.0052  53  SER A OG    
406 N  N     . ASN A 53 ? 0.3698 0.3726 0.3861 0.0090  0.0036  0.0036  54  ASN A N     
407 C  CA    . ASN A 53 ? 0.3799 0.3773 0.3933 0.0104  -0.0005 0.0000  54  ASN A CA    
408 C  C     . ASN A 53 ? 0.3685 0.3484 0.3708 0.0015  -0.0033 0.0018  54  ASN A C     
409 O  O     . ASN A 53 ? 0.3777 0.3607 0.3756 0.0006  -0.0045 0.0036  54  ASN A O     
410 C  CB    . ASN A 53 ? 0.4074 0.3938 0.4111 0.0092  0.0020  -0.0028 54  ASN A CB    
411 C  CG    . ASN A 53 ? 0.4348 0.4371 0.4611 0.0048  0.0176  -0.0124 54  ASN A CG    
412 O  OD1   . ASN A 53 ? 0.5118 0.4626 0.5166 -0.0062 -0.0065 -0.0177 54  ASN A OD1   
413 N  ND2   . ASN A 53 ? 0.5176 0.4792 0.5212 0.0180  0.0191  -0.0490 54  ASN A ND2   
414 N  N     . GLU A 54 ? 0.3377 0.2976 0.3305 0.0024  -0.0106 -0.0022 55  GLU A N     
415 C  CA    . GLU A 54 ? 0.3077 0.2843 0.3135 -0.0018 -0.0144 0.0011  55  GLU A CA    
416 C  C     . GLU A 54 ? 0.2983 0.2744 0.2971 -0.0036 -0.0132 0.0067  55  GLU A C     
417 O  O     . GLU A 54 ? 0.2775 0.2816 0.2995 0.0096  -0.0166 0.0149  55  GLU A O     
418 C  CB    . GLU A 54 ? 0.3030 0.2790 0.3049 -0.0014 -0.0126 -0.0001 55  GLU A CB    
419 C  CG    . GLU A 54 ? 0.3045 0.2869 0.3271 -0.0268 -0.0224 0.0022  55  GLU A CG    
420 C  CD    . GLU A 54 ? 0.3240 0.3477 0.3680 -0.0209 -0.0494 0.0333  55  GLU A CD    
421 O  OE1   . GLU A 54 ? 0.3770 0.3571 0.4056 -0.0635 -0.0529 -0.0043 55  GLU A OE1   
422 O  OE2   . GLU A 54 ? 0.3429 0.3296 0.3703 -0.0318 -0.0817 0.0385  55  GLU A OE2   
423 N  N     . LYS A 55 ? 0.2963 0.2471 0.2968 0.0044  -0.0235 0.0104  56  LYS A N     
424 C  CA    . LYS A 55 ? 0.3134 0.2675 0.3019 0.0027  -0.0206 0.0057  56  LYS A CA    
425 C  C     . LYS A 55 ? 0.3125 0.2812 0.3150 0.0019  -0.0148 0.0029  56  LYS A C     
426 O  O     . LYS A 55 ? 0.3173 0.3134 0.3430 0.0091  -0.0108 0.0048  56  LYS A O     
427 C  CB    . LYS A 55 ? 0.3113 0.2349 0.2974 0.0008  -0.0288 -0.0012 56  LYS A CB    
428 C  CG    . LYS A 55 ? 0.3357 0.2147 0.2875 -0.0050 -0.0266 0.0266  56  LYS A CG    
429 C  CD    . LYS A 55 ? 0.3662 0.2313 0.2718 0.0075  -0.0250 0.0214  56  LYS A CD    
430 C  CE    . LYS A 55 ? 0.3885 0.2378 0.2907 -0.0037 -0.0111 0.0407  56  LYS A CE    
431 N  NZ    . LYS A 55 ? 0.3405 0.2452 0.2968 -0.0112 -0.1029 0.0055  56  LYS A NZ    
432 N  N     . PRO A 56 ? 0.3180 0.2794 0.3079 0.0020  -0.0071 0.0043  57  PRO A N     
433 C  CA    . PRO A 56 ? 0.3174 0.2887 0.3019 0.0031  -0.0130 0.0000  57  PRO A CA    
434 C  C     . PRO A 56 ? 0.3030 0.2803 0.2891 -0.0031 -0.0097 0.0019  57  PRO A C     
435 O  O     . PRO A 56 ? 0.3043 0.2869 0.2790 -0.0043 -0.0140 0.0189  57  PRO A O     
436 C  CB    . PRO A 56 ? 0.3145 0.2808 0.2914 -0.0063 -0.0033 -0.0058 57  PRO A CB    
437 C  CG    . PRO A 56 ? 0.3291 0.3226 0.3136 -0.0035 -0.0044 -0.0052 57  PRO A CG    
438 C  CD    . PRO A 56 ? 0.3268 0.3001 0.3197 0.0070  -0.0116 0.0037  57  PRO A CD    
439 N  N     . PRO A 57 ? 0.2931 0.2804 0.2777 -0.0067 -0.0144 0.0054  58  PRO A N     
440 C  CA    . PRO A 57 ? 0.2839 0.2694 0.2677 -0.0089 -0.0111 0.0071  58  PRO A CA    
441 C  C     . PRO A 57 ? 0.2699 0.2507 0.2660 -0.0093 -0.0036 0.0120  58  PRO A C     
442 O  O     . PRO A 57 ? 0.2689 0.2471 0.2662 -0.0126 0.0055  0.0270  58  PRO A O     
443 C  CB    . PRO A 57 ? 0.2898 0.2894 0.2912 -0.0094 -0.0164 0.0087  58  PRO A CB    
444 C  CG    . PRO A 57 ? 0.2983 0.2722 0.3087 -0.0080 -0.0130 -0.0015 58  PRO A CG    
445 C  CD    . PRO A 57 ? 0.2985 0.2713 0.2756 -0.0145 -0.0159 -0.0060 58  PRO A CD    
446 N  N     . VAL A 58 ? 0.2612 0.2409 0.2571 -0.0057 -0.0043 0.0127  59  VAL A N     
447 C  CA    . VAL A 58 ? 0.2637 0.2311 0.2591 -0.0070 -0.0047 0.0171  59  VAL A CA    
448 C  C     . VAL A 58 ? 0.2667 0.2310 0.2555 -0.0055 -0.0022 0.0094  59  VAL A C     
449 O  O     . VAL A 58 ? 0.2841 0.2647 0.2824 0.0144  0.0050  -0.0050 59  VAL A O     
450 C  CB    . VAL A 58 ? 0.2605 0.2321 0.2648 -0.0100 -0.0065 0.0213  59  VAL A CB    
451 C  CG1   . VAL A 58 ? 0.2770 0.2468 0.2741 0.0071  -0.0085 0.0370  59  VAL A CG1   
452 C  CG2   . VAL A 58 ? 0.2708 0.2234 0.2824 -0.0321 0.0162  0.0384  59  VAL A CG2   
453 N  N     . TRP A 59 ? 0.2499 0.2088 0.2546 0.0019  -0.0011 0.0301  60  TRP A N     
454 C  CA    . TRP A 59 ? 0.2441 0.2139 0.2512 -0.0045 -0.0010 0.0273  60  TRP A CA    
455 C  C     . TRP A 59 ? 0.2483 0.2255 0.2671 0.0035  -0.0051 0.0333  60  TRP A C     
456 O  O     . TRP A 59 ? 0.2527 0.2433 0.2547 0.0135  -0.0056 0.0385  60  TRP A O     
457 C  CB    . TRP A 59 ? 0.2273 0.2007 0.2450 -0.0159 0.0034  0.0342  60  TRP A CB    
458 C  CG    . TRP A 59 ? 0.1945 0.2009 0.2261 0.0053  -0.0032 0.0223  60  TRP A CG    
459 C  CD1   . TRP A 59 ? 0.2187 0.1596 0.2337 -0.0216 -0.0084 -0.0003 60  TRP A CD1   
460 C  CD2   . TRP A 59 ? 0.2261 0.2237 0.2146 0.0119  0.0082  0.0197  60  TRP A CD2   
461 N  NE1   . TRP A 59 ? 0.2304 0.2009 0.1972 -0.0177 0.0152  0.0125  60  TRP A NE1   
462 C  CE2   . TRP A 59 ? 0.1968 0.2066 0.2019 0.0033  0.0099  0.0078  60  TRP A CE2   
463 C  CE3   . TRP A 59 ? 0.1866 0.2367 0.1609 0.0139  0.0216  0.0205  60  TRP A CE3   
464 C  CZ2   . TRP A 59 ? 0.2587 0.2605 0.2275 -0.0008 0.0046  0.0186  60  TRP A CZ2   
465 C  CZ3   . TRP A 59 ? 0.2252 0.1880 0.1861 0.0048  0.0027  0.0310  60  TRP A CZ3   
466 C  CH2   . TRP A 59 ? 0.2476 0.2149 0.1885 0.0054  0.0319  0.0229  60  TRP A CH2   
467 N  N     . ASP A 60 ? 0.2568 0.2229 0.2791 -0.0115 -0.0025 0.0278  61  ASP A N     
468 C  CA    . ASP A 60 ? 0.2718 0.2391 0.3073 -0.0042 -0.0144 0.0286  61  ASP A CA    
469 C  C     . ASP A 60 ? 0.2855 0.2619 0.3096 -0.0046 -0.0111 0.0278  61  ASP A C     
470 O  O     . ASP A 60 ? 0.2864 0.2407 0.2951 -0.0051 -0.0101 0.0410  61  ASP A O     
471 C  CB    . ASP A 60 ? 0.2820 0.2445 0.3183 -0.0110 -0.0221 0.0414  61  ASP A CB    
472 C  CG    . ASP A 60 ? 0.3406 0.2608 0.3637 -0.0266 -0.0357 0.0522  61  ASP A CG    
473 O  OD1   . ASP A 60 ? 0.4080 0.2622 0.4421 -0.0338 -0.0442 0.0555  61  ASP A OD1   
474 O  OD2   . ASP A 60 ? 0.3887 0.2667 0.4060 -0.0097 -0.0461 0.0764  61  ASP A OD2   
475 N  N     . LEU A 61 ? 0.2999 0.2722 0.3194 0.0043  -0.0065 0.0265  62  LEU A N     
476 C  CA    . LEU A 61 ? 0.3071 0.3098 0.3378 0.0038  -0.0078 0.0259  62  LEU A CA    
477 C  C     . LEU A 61 ? 0.3198 0.3124 0.3499 0.0018  -0.0047 0.0149  62  LEU A C     
478 O  O     . LEU A 61 ? 0.3197 0.3308 0.3613 0.0019  -0.0063 0.0177  62  LEU A O     
479 C  CB    . LEU A 61 ? 0.3154 0.2970 0.3307 0.0139  -0.0049 0.0338  62  LEU A CB    
480 C  CG    . LEU A 61 ? 0.3175 0.3133 0.3163 0.0249  -0.0137 0.0456  62  LEU A CG    
481 C  CD1   . LEU A 61 ? 0.3539 0.3046 0.3378 0.0577  -0.0061 0.0837  62  LEU A CD1   
482 C  CD2   . LEU A 61 ? 0.3419 0.3152 0.3419 0.0176  -0.0047 0.0221  62  LEU A CD2   
483 N  N     . MET A 62 ? 0.3420 0.3404 0.3804 -0.0053 -0.0015 0.0117  63  MET A N     
484 C  CA    . MET A 62 ? 0.3612 0.3658 0.4000 -0.0012 -0.0022 0.0107  63  MET A CA    
485 C  C     . MET A 62 ? 0.3699 0.3724 0.4118 0.0026  -0.0031 0.0200  63  MET A C     
486 O  O     . MET A 62 ? 0.3944 0.3765 0.4277 0.0083  0.0013  0.0319  63  MET A O     
487 C  CB    . MET A 62 ? 0.3660 0.3781 0.4170 -0.0077 -0.0021 0.0042  63  MET A CB    
488 C  CG    . MET A 62 ? 0.4190 0.4541 0.4551 -0.0095 -0.0102 0.0103  63  MET A CG    
489 S  SD    . MET A 62 ? 0.5557 0.6271 0.5123 -0.0141 -0.0056 -0.0329 63  MET A SD    
490 C  CE    . MET A 62 ? 0.5338 0.6107 0.5531 -0.0064 0.0147  -0.0288 63  MET A CE    
491 C  "C5'" . DT  B 1  ? 0.3199 0.3713 0.3215 0.0092  -0.0103 -0.0108 62  DT  B "C5'" 
492 C  "C4'" . DT  B 1  ? 0.3001 0.3258 0.3456 -0.0028 -0.0050 -0.0057 62  DT  B "C4'" 
493 O  "O4'" . DT  B 1  ? 0.3555 0.3532 0.3903 0.0047  -0.0252 0.0057  62  DT  B "O4'" 
494 C  "C3'" . DT  B 1  ? 0.2695 0.3222 0.3405 0.0060  -0.0239 0.0067  62  DT  B "C3'" 
495 O  "O3'" . DT  B 1  ? 0.2600 0.2759 0.3197 0.0079  -0.0096 0.0019  62  DT  B "O3'" 
496 C  "C2'" . DT  B 1  ? 0.3030 0.3667 0.3572 0.0000  -0.0084 0.0052  62  DT  B "C2'" 
497 C  "C1'" . DT  B 1  ? 0.3468 0.3295 0.3739 0.0021  -0.0199 -0.0023 62  DT  B "C1'" 
498 N  N1    . DT  B 1  ? 0.3765 0.3883 0.4203 0.0196  -0.0304 -0.0134 62  DT  B N1    
499 C  C2    . DT  B 1  ? 0.4100 0.4148 0.4300 0.0346  -0.0216 -0.0245 62  DT  B C2    
500 O  O2    . DT  B 1  ? 0.4217 0.4269 0.4362 0.0544  -0.0258 -0.0291 62  DT  B O2    
501 N  N3    . DT  B 1  ? 0.4276 0.4235 0.4631 0.0487  -0.0389 -0.0240 62  DT  B N3    
502 C  C4    . DT  B 1  ? 0.4473 0.4580 0.4771 0.0471  -0.0378 -0.0236 62  DT  B C4    
503 O  O4    . DT  B 1  ? 0.4462 0.4615 0.5031 0.0403  -0.0830 -0.0221 62  DT  B O4    
504 C  C5    . DT  B 1  ? 0.4323 0.4374 0.4612 0.0411  -0.0322 -0.0319 62  DT  B C5    
505 C  C7    . DT  B 1  ? 0.4604 0.4730 0.4782 0.0512  -0.0136 -0.0276 62  DT  B C7    
506 C  C6    . DT  B 1  ? 0.4213 0.4087 0.4440 0.0282  -0.0203 -0.0227 62  DT  B C6    
507 P  P     . DC  B 2  ? 0.2746 0.2803 0.2762 0.0072  0.0135  -0.0044 63  DC  B P     
508 O  OP1   . DC  B 2  ? 0.2999 0.2514 0.2679 0.0255  0.0155  -0.0029 63  DC  B OP1   
509 O  OP2   . DC  B 2  ? 0.2746 0.2621 0.2757 -0.0297 0.0391  -0.0066 63  DC  B OP2   
510 O  "O5'" . DC  B 2  ? 0.2281 0.2620 0.2202 -0.0126 0.0188  -0.0046 63  DC  B "O5'" 
511 C  "C5'" . DC  B 2  ? 0.2329 0.2649 0.2153 -0.0082 0.0093  -0.0108 63  DC  B "C5'" 
512 C  "C4'" . DC  B 2  ? 0.2405 0.2137 0.2170 -0.0259 0.0153  -0.0125 63  DC  B "C4'" 
513 O  "O4'" . DC  B 2  ? 0.2505 0.2494 0.2355 -0.0081 0.0250  -0.0029 63  DC  B "O4'" 
514 C  "C3'" . DC  B 2  ? 0.2241 0.2292 0.2253 -0.0120 0.0137  -0.0324 63  DC  B "C3'" 
515 O  "O3'" . DC  B 2  ? 0.2144 0.2486 0.2397 -0.0108 0.0299  -0.0023 63  DC  B "O3'" 
516 C  "C2'" . DC  B 2  ? 0.2160 0.2192 0.2775 -0.0114 0.0271  0.0269  63  DC  B "C2'" 
517 C  "C1'" . DC  B 2  ? 0.2104 0.2198 0.2358 -0.0144 0.0410  -0.0125 63  DC  B "C1'" 
518 N  N1    . DC  B 2  ? 0.2165 0.2568 0.2513 0.0067  0.0155  -0.0187 63  DC  B N1    
519 C  C2    . DC  B 2  ? 0.2002 0.2304 0.2162 0.0048  0.0285  -0.0145 63  DC  B C2    
520 O  O2    . DC  B 2  ? 0.2285 0.2701 0.2556 0.0266  0.0178  -0.0253 63  DC  B O2    
521 N  N3    . DC  B 2  ? 0.2011 0.2087 0.1987 -0.0227 0.0210  0.0137  63  DC  B N3    
522 C  C4    . DC  B 2  ? 0.2388 0.2440 0.2264 0.0090  -0.0063 -0.0025 63  DC  B C4    
523 N  N4    . DC  B 2  ? 0.1928 0.2576 0.2815 -0.0091 -0.0091 0.0437  63  DC  B N4    
524 C  C5    . DC  B 2  ? 0.1709 0.2109 0.2561 -0.0295 0.0141  0.0069  63  DC  B C5    
525 C  C6    . DC  B 2  ? 0.1943 0.2519 0.2395 0.0100  0.0329  -0.0002 63  DC  B C6    
526 P  P     . DG  B 3  ? 0.2182 0.2475 0.2422 -0.0177 0.0002  0.0068  64  DG  B P     
527 O  OP1   . DG  B 3  ? 0.2373 0.2821 0.2792 -0.0261 0.0340  0.0099  64  DG  B OP1   
528 O  OP2   . DG  B 3  ? 0.2324 0.3114 0.2251 -0.0153 0.0138  0.0106  64  DG  B OP2   
529 O  "O5'" . DG  B 3  ? 0.2468 0.2236 0.2578 -0.0224 -0.0075 0.0054  64  DG  B "O5'" 
530 C  "C5'" . DG  B 3  ? 0.2060 0.2169 0.2336 0.0040  0.0164  0.0125  64  DG  B "C5'" 
531 C  "C4'" . DG  B 3  ? 0.2166 0.2371 0.2407 -0.0107 0.0126  0.0076  64  DG  B "C4'" 
532 O  "O4'" . DG  B 3  ? 0.1937 0.1885 0.2318 -0.0265 0.0204  0.0345  64  DG  B "O4'" 
533 C  "C3'" . DG  B 3  ? 0.1949 0.2395 0.2590 0.0127  -0.0016 0.0114  64  DG  B "C3'" 
534 O  "O3'" . DG  B 3  ? 0.2288 0.1985 0.2574 0.0113  -0.0103 0.0324  64  DG  B "O3'" 
535 C  "C2'" . DG  B 3  ? 0.2358 0.2355 0.2569 0.0171  0.0015  0.0097  64  DG  B "C2'" 
536 C  "C1'" . DG  B 3  ? 0.2236 0.2172 0.2390 0.0197  0.0304  0.0070  64  DG  B "C1'" 
537 N  N9    . DG  B 3  ? 0.2156 0.2356 0.2154 0.0200  0.0126  0.0078  64  DG  B N9    
538 C  C8    . DG  B 3  ? 0.2109 0.2263 0.1974 0.0368  0.0435  0.0320  64  DG  B C8    
539 N  N7    . DG  B 3  ? 0.2083 0.2125 0.2458 0.0065  0.0467  0.0133  64  DG  B N7    
540 C  C5    . DG  B 3  ? 0.2332 0.2357 0.2268 -0.0165 0.0248  0.0315  64  DG  B C5    
541 C  C6    . DG  B 3  ? 0.2302 0.2388 0.2303 0.0170  0.0263  0.0081  64  DG  B C6    
542 O  O6    . DG  B 3  ? 0.2606 0.2776 0.2595 0.0370  0.0128  0.0239  64  DG  B O6    
543 N  N1    . DG  B 3  ? 0.1775 0.2494 0.2545 0.0073  0.0167  0.0016  64  DG  B N1    
544 C  C2    . DG  B 3  ? 0.2011 0.2242 0.2087 -0.0053 0.0307  -0.0023 64  DG  B C2    
545 N  N2    . DG  B 3  ? 0.1895 0.2199 0.2145 -0.0333 0.0199  0.0030  64  DG  B N2    
546 N  N3    . DG  B 3  ? 0.1807 0.2049 0.2256 -0.0171 0.0127  0.0113  64  DG  B N3    
547 C  C4    . DG  B 3  ? 0.1909 0.2212 0.2293 0.0022  0.0134  0.0076  64  DG  B C4    
548 P  P     . DC  B 4  ? 0.2178 0.2287 0.2260 0.0057  -0.0054 0.0128  65  DC  B P     
549 O  OP1   . DC  B 4  ? 0.1820 0.2504 0.2294 -0.0025 -0.0045 -0.0060 65  DC  B OP1   
550 O  OP2   . DC  B 4  ? 0.2037 0.2204 0.2609 0.0247  -0.0180 0.0078  65  DC  B OP2   
551 O  "O5'" . DC  B 4  ? 0.2073 0.2299 0.2399 -0.0202 -0.0240 0.0401  65  DC  B "O5'" 
552 C  "C5'" . DC  B 4  ? 0.1891 0.2023 0.2239 -0.0072 -0.0424 0.0220  65  DC  B "C5'" 
553 C  "C4'" . DC  B 4  ? 0.2016 0.2061 0.2137 -0.0080 -0.0304 0.0275  65  DC  B "C4'" 
554 O  "O4'" . DC  B 4  ? 0.2278 0.2184 0.2181 0.0132  0.0040  0.0271  65  DC  B "O4'" 
555 C  "C3'" . DC  B 4  ? 0.1888 0.2000 0.1997 -0.0058 -0.0340 0.0257  65  DC  B "C3'" 
556 O  "O3'" . DC  B 4  ? 0.2225 0.2213 0.2284 -0.0035 -0.0126 0.0230  65  DC  B "O3'" 
557 C  "C2'" . DC  B 4  ? 0.1885 0.1642 0.1918 -0.0152 -0.0036 0.0470  65  DC  B "C2'" 
558 C  "C1'" . DC  B 4  ? 0.1920 0.2128 0.1936 -0.0063 0.0009  0.0225  65  DC  B "C1'" 
559 N  N1    . DC  B 4  ? 0.2164 0.1788 0.1937 -0.0268 0.0100  0.0180  65  DC  B N1    
560 C  C2    . DC  B 4  ? 0.1744 0.1951 0.1944 -0.0141 0.0092  0.0054  65  DC  B C2    
561 O  O2    . DC  B 4  ? 0.2064 0.1775 0.1832 -0.0050 0.0032  0.0235  65  DC  B O2    
562 N  N3    . DC  B 4  ? 0.1915 0.1882 0.1950 -0.0317 0.0158  0.0459  65  DC  B N3    
563 C  C4    . DC  B 4  ? 0.1801 0.1832 0.2253 -0.0100 0.0077  0.0089  65  DC  B C4    
564 N  N4    . DC  B 4  ? 0.1295 0.2344 0.2355 -0.0691 0.0290  0.0606  65  DC  B N4    
565 C  C5    . DC  B 4  ? 0.1992 0.1677 0.2310 -0.0081 0.0118  0.0067  65  DC  B C5    
566 C  C6    . DC  B 4  ? 0.2231 0.2092 0.1893 -0.0055 0.0257  -0.0267 65  DC  B C6    
567 P  P     . DG  B 5  ? 0.2575 0.2187 0.2447 -0.0101 -0.0228 0.0021  66  DG  B P     
568 O  OP1   . DG  B 5  ? 0.2245 0.2606 0.2257 0.0134  0.0090  -0.0201 66  DG  B OP1   
569 O  OP2   . DG  B 5  ? 0.2924 0.2264 0.3003 0.0001  -0.0520 -0.0089 66  DG  B OP2   
570 O  "O5'" . DG  B 5  ? 0.2418 0.2371 0.2017 -0.0300 -0.0052 0.0345  66  DG  B "O5'" 
571 C  "C5'" . DG  B 5  ? 0.2233 0.2220 0.1981 -0.0130 0.0153  0.0405  66  DG  B "C5'" 
572 C  "C4'" . DG  B 5  ? 0.2263 0.2448 0.2234 -0.0130 0.0244  0.0128  66  DG  B "C4'" 
573 O  "O4'" . DG  B 5  ? 0.2203 0.2444 0.2336 -0.0047 0.0201  0.0095  66  DG  B "O4'" 
574 C  "C3'" . DG  B 5  ? 0.2683 0.2927 0.2482 -0.0301 0.0279  0.0124  66  DG  B "C3'" 
575 O  "O3'" . DG  B 5  ? 0.3025 0.2898 0.2750 -0.0659 0.0160  0.0658  66  DG  B "O3'" 
576 C  "C2'" . DG  B 5  ? 0.2239 0.2586 0.2208 -0.0078 -0.0028 0.0066  66  DG  B "C2'" 
577 C  "C1'" . DG  B 5  ? 0.2508 0.2603 0.2203 -0.0103 0.0159  0.0123  66  DG  B "C1'" 
578 N  N9    . DG  B 5  ? 0.2248 0.2280 0.2083 -0.0026 0.0124  0.0124  66  DG  B N9    
579 C  C8    . DG  B 5  ? 0.2427 0.2515 0.1864 0.0119  0.0261  0.0005  66  DG  B C8    
580 N  N7    . DG  B 5  ? 0.2382 0.2307 0.1857 0.0247  0.0509  0.0033  66  DG  B N7    
581 C  C5    . DG  B 5  ? 0.2276 0.2263 0.2093 0.0048  0.0314  0.0042  66  DG  B C5    
582 C  C6    . DG  B 5  ? 0.2175 0.2232 0.1995 -0.0088 0.0120  0.0030  66  DG  B C6    
583 O  O6    . DG  B 5  ? 0.2025 0.2503 0.2168 -0.0212 0.0087  0.0288  66  DG  B O6    
584 N  N1    . DG  B 5  ? 0.2223 0.1956 0.1997 0.0119  0.0235  0.0378  66  DG  B N1    
585 C  C2    . DG  B 5  ? 0.1887 0.2086 0.2385 0.0259  -0.0018 0.0081  66  DG  B C2    
586 N  N2    . DG  B 5  ? 0.2216 0.2304 0.2529 0.0405  0.0190  -0.0090 66  DG  B N2    
587 N  N3    . DG  B 5  ? 0.2513 0.2185 0.2021 -0.0085 0.0232  0.0227  66  DG  B N3    
588 C  C4    . DG  B 5  ? 0.1977 0.2237 0.2129 0.0031  0.0412  0.0155  66  DG  B C4    
589 P  P     . DC  B 6  ? 0.4075 0.3920 0.4080 -0.0823 0.0409  0.0617  67  DC  B P     
590 O  OP1   . DC  B 6  ? 0.4034 0.4590 0.4617 -0.0343 0.0930  0.0908  67  DC  B OP1   
591 O  OP2   . DC  B 6  ? 0.4551 0.2727 0.4486 -0.0858 0.1178  0.0801  67  DC  B OP2   
592 O  "O5'" . DC  B 6  ? 0.3081 0.3311 0.3054 -0.0592 0.0452  0.0472  67  DC  B "O5'" 
593 C  "C5'" . DC  B 6  ? 0.3011 0.2653 0.2813 -0.0591 -0.0032 0.0568  67  DC  B "C5'" 
594 C  "C4'" . DC  B 6  ? 0.2895 0.2708 0.2656 -0.0076 0.0048  0.0270  67  DC  B "C4'" 
595 O  "O4'" . DC  B 6  ? 0.2646 0.2831 0.2995 -0.0216 -0.0262 0.0117  67  DC  B "O4'" 
596 C  "C3'" . DC  B 6  ? 0.2670 0.2698 0.3044 -0.0162 0.0118  0.0246  67  DC  B "C3'" 
597 O  "O3'" . DC  B 6  ? 0.3399 0.2830 0.3218 0.0080  0.0441  -0.0123 67  DC  B "O3'" 
598 C  "C2'" . DC  B 6  ? 0.2521 0.2818 0.2837 0.0156  -0.0008 -0.0018 67  DC  B "C2'" 
599 C  "C1'" . DC  B 6  ? 0.2369 0.2400 0.2712 0.0003  -0.0087 0.0241  67  DC  B "C1'" 
600 N  N1    . DC  B 6  ? 0.2061 0.2392 0.2390 -0.0106 0.0230  0.0270  67  DC  B N1    
601 C  C2    . DC  B 6  ? 0.1842 0.2188 0.2528 -0.0231 0.0074  0.0098  67  DC  B C2    
602 O  O2    . DC  B 6  ? 0.2366 0.2256 0.2406 -0.0294 -0.0006 0.0299  67  DC  B O2    
603 N  N3    . DC  B 6  ? 0.2135 0.2256 0.2190 -0.0131 0.0256  0.0121  67  DC  B N3    
604 C  C4    . DC  B 6  ? 0.1809 0.2263 0.2206 -0.0111 0.0344  0.0106  67  DC  B C4    
605 N  N4    . DC  B 6  ? 0.2179 0.2421 0.2693 -0.0193 0.0014  0.0025  67  DC  B N4    
606 C  C5    . DC  B 6  ? 0.1812 0.2258 0.1980 -0.0514 0.0341  0.0427  67  DC  B C5    
607 C  C6    . DC  B 6  ? 0.1799 0.2293 0.2352 -0.0342 0.0301  0.0298  67  DC  B C6    
608 P  P     . DG  B 7  ? 0.3520 0.3093 0.3209 -0.0262 0.0228  0.0034  68  DG  B P     
609 O  OP1   . DG  B 7  ? 0.3572 0.3851 0.3335 -0.0121 0.0572  -0.0168 68  DG  B OP1   
610 O  OP2   . DG  B 7  ? 0.3470 0.2977 0.3808 -0.0199 0.0109  0.0095  68  DG  B OP2   
611 O  "O5'" . DG  B 7  ? 0.3571 0.3005 0.3114 -0.0232 0.0304  -0.0073 68  DG  B "O5'" 
612 C  "C5'" . DG  B 7  ? 0.3094 0.2835 0.2977 -0.0094 0.0256  -0.0161 68  DG  B "C5'" 
613 C  "C4'" . DG  B 7  ? 0.3342 0.2925 0.3253 0.0014  0.0004  -0.0004 68  DG  B "C4'" 
614 O  "O4'" . DG  B 7  ? 0.2885 0.2962 0.3135 0.0098  -0.0226 -0.0034 68  DG  B "O4'" 
615 C  "C3'" . DG  B 7  ? 0.3394 0.3190 0.3649 -0.0186 0.0140  -0.0114 68  DG  B "C3'" 
617 C  "C2'" . DG  B 7  ? 0.3188 0.3020 0.3261 -0.0131 -0.0061 0.0130  68  DG  B "C2'" 
618 C  "C1'" . DG  B 7  ? 0.2679 0.2995 0.2952 -0.0064 -0.0006 -0.0116 68  DG  B "C1'" 
619 N  N9    . DG  B 7  ? 0.2572 0.2815 0.2978 -0.0043 -0.0224 -0.0034 68  DG  B N9    
620 C  C8    . DG  B 7  ? 0.2590 0.2831 0.3251 -0.0084 -0.0078 -0.0034 68  DG  B C8    
621 N  N7    . DG  B 7  ? 0.2717 0.3049 0.3285 -0.0145 -0.0253 0.0249  68  DG  B N7    
622 C  C5    . DG  B 7  ? 0.2577 0.2907 0.3144 -0.0056 -0.0218 -0.0014 68  DG  B C5    
623 C  C6    . DG  B 7  ? 0.2699 0.2787 0.2787 0.0125  -0.0110 -0.0089 68  DG  B C6    
624 O  O6    . DG  B 7  ? 0.2352 0.2342 0.2896 0.0078  0.0011  0.0057  68  DG  B O6    
625 N  N1    . DG  B 7  ? 0.2495 0.2696 0.2557 -0.0024 -0.0019 0.0089  68  DG  B N1    
626 C  C2    . DG  B 7  ? 0.2615 0.2850 0.2513 -0.0108 -0.0141 -0.0022 68  DG  B C2    
627 N  N2    . DG  B 7  ? 0.2449 0.2890 0.2292 0.0100  0.0130  -0.0023 68  DG  B N2    
628 N  N3    . DG  B 7  ? 0.2374 0.3082 0.2235 -0.0123 0.0052  -0.0003 68  DG  B N3    
629 C  C4    . DG  B 7  ? 0.2353 0.2923 0.2801 -0.0012 0.0117  -0.0147 68  DG  B C4    
630 MN MN    . MN  C .  ? 0.2778 0.2948 0.2785 0.0122  -0.0072 0.0239  101 MN  B MN    
631 O  O     . HOH D .  ? 0.3356 0.2509 0.2207 0.0074  -0.0283 0.0363  101 HOH A O     
632 O  O     . HOH D .  ? 0.2736 0.3763 0.2381 -0.0123 0.0284  -0.0119 102 HOH A O     
633 O  O     . HOH D .  ? 0.2059 0.2567 0.2513 -0.0453 0.0461  0.0238  103 HOH A O     
634 O  O     . HOH D .  ? 0.2978 0.3015 0.3240 -0.0398 0.0006  0.0370  104 HOH A O     
635 O  O     . HOH D .  ? 0.3682 0.3695 0.2987 0.0367  0.0871  0.0466  105 HOH A O     
636 O  O     . HOH D .  ? 0.4514 0.2934 0.4219 0.1083  -0.0673 -0.0217 106 HOH A O     
637 O  O     . HOH D .  ? 0.2615 0.3117 0.3981 0.0072  -0.1231 0.0629  107 HOH A O     
638 O  O     . HOH D .  ? 0.3394 0.3279 0.3376 -0.0127 -0.0379 0.0297  108 HOH A O     
639 O  O     . HOH D .  ? 0.2857 0.3901 0.4048 0.0288  0.0378  -0.0781 109 HOH A O     
640 O  O     . HOH D .  ? 0.3589 0.3451 0.4683 -0.0641 0.0020  -0.0170 110 HOH A O     
641 O  O     . HOH D .  ? 0.4167 0.3545 0.3862 -0.0847 0.1438  -0.0070 111 HOH A O     
642 O  O     . HOH D .  ? 0.3893 0.3639 0.3688 0.0849  0.0336  0.0491  112 HOH A O     
643 O  O     . HOH D .  ? 0.4070 0.3699 0.5153 0.0273  0.1107  0.2739  113 HOH A O     
644 O  O     . HOH D .  ? 0.4188 0.3183 0.5890 -0.0288 0.0340  0.0976  114 HOH A O     
645 O  O     . HOH D .  ? 0.4053 0.4309 0.4137 0.0227  -0.0062 -0.0222 115 HOH A O     
646 O  O     . HOH D .  ? 0.3342 0.4030 0.2678 -0.0184 0.0636  0.0173  116 HOH A O     
647 O  O     . HOH D .  ? 0.7762 0.3500 0.5518 -0.0900 -0.0617 0.0605  117 HOH A O     
648 O  O     . HOH D .  ? 0.3870 0.4868 0.4556 -0.0019 0.0228  0.0067  118 HOH A O     
649 O  O     . HOH D .  ? 0.5784 0.2914 0.4723 -0.0947 -0.0592 0.0436  119 HOH A O     
650 O  O     . HOH D .  ? 0.2741 0.4818 0.6462 -0.1160 -0.1282 0.1772  120 HOH A O     
651 O  O     . HOH D .  ? 0.3647 0.4290 0.3491 0.0709  0.0671  0.0320  121 HOH A O     
652 O  O     . HOH D .  ? 0.6088 0.4192 0.5993 -0.0522 -0.1378 -0.0834 122 HOH A O     
653 O  O     . HOH D .  ? 0.3593 0.2956 0.4839 -0.0374 -0.0303 -0.0340 123 HOH A O     
654 O  O     . HOH D .  ? 0.3778 0.7144 0.4132 0.1504  0.0568  -0.1209 124 HOH A O     
655 O  O     . HOH D .  ? 0.6291 0.5071 0.5965 0.0732  -0.1343 -0.0367 125 HOH A O     
656 O  O     . HOH D .  ? 0.4652 0.3844 0.4790 0.0718  0.0068  -0.0316 126 HOH A O     
657 O  O     . HOH D .  ? 0.4698 0.4307 0.4926 0.0538  0.0074  0.2202  127 HOH A O     
658 O  O     . HOH D .  ? 0.3442 0.5029 0.5295 0.0521  -0.0040 0.0409  128 HOH A O     
659 O  O     . HOH D .  ? 0.8350 0.3812 0.7348 -0.4301 0.2007  0.0726  129 HOH A O     
660 O  O     . HOH D .  ? 0.6381 0.2671 0.4789 0.0231  -0.1101 0.0618  130 HOH A O     
661 O  O     . HOH D .  ? 0.3416 0.7361 0.4751 -0.0397 -0.0492 -0.0140 131 HOH A O     
662 O  O     . HOH D .  ? 0.5251 0.6844 0.4124 0.0703  0.1322  0.2675  132 HOH A O     
663 O  O     . HOH D .  ? 0.3947 0.3832 0.4826 -0.0087 -0.0644 0.0463  133 HOH A O     
664 O  O     . HOH D .  ? 0.8298 0.8864 0.4786 -0.2198 0.1157  0.4127  134 HOH A O     
665 O  O     . HOH D .  ? 0.3715 0.4542 0.3869 0.0646  0.0438  0.0037  135 HOH A O     
666 O  O     . HOH D .  ? 0.3687 0.4847 0.4024 0.0426  -0.0099 0.0051  136 HOH A O     
667 O  O     . HOH D .  ? 0.5049 0.5672 0.2862 -0.0107 0.0580  -0.0139 137 HOH A O     
668 O  O     . HOH D .  ? 0.9253 0.3034 0.3425 0.0800  0.1822  0.0201  138 HOH A O     
669 O  O     . HOH D .  ? 0.6098 0.5872 0.5821 0.1906  0.1116  0.1865  139 HOH A O     
670 O  O     . HOH D .  ? 0.3815 0.9500 0.8516 -0.1068 -0.0258 -0.0662 140 HOH A O     
671 O  O     . HOH D .  ? 0.6481 0.3506 0.5708 -0.0570 0.0655  -0.1367 141 HOH A O     
672 O  O     . HOH D .  ? 0.5407 0.7030 0.3114 -0.0900 -0.0665 0.0059  142 HOH A O     
673 O  O     . HOH D .  ? 0.5661 0.6090 0.7587 -0.0999 0.3070  -0.0106 143 HOH A O     
674 O  O     . HOH E .  ? 0.2335 0.2364 0.1908 -0.0056 0.0164  0.0417  201 HOH B O     
675 O  O     . HOH E .  ? 0.2195 0.2272 0.2409 0.0202  -0.0127 -0.0063 202 HOH B O     
676 O  O     . HOH E .  ? 0.2162 0.2805 0.2885 -0.0015 0.0300  -0.0051 203 HOH B O     
677 O  O     . HOH E .  ? 0.2697 0.1775 0.3171 0.0167  0.0121  -0.0202 204 HOH B O     
678 O  O     . HOH E .  ? 0.2912 0.2514 0.3102 0.0449  -0.0606 0.0477  205 HOH B O     
679 O  O     . HOH E .  ? 0.2878 0.2606 0.3861 0.0041  -0.0840 0.0103  206 HOH B O     
680 O  O     . HOH E .  ? 0.3173 0.3226 0.3119 0.0716  -0.0071 -0.0216 207 HOH B O     
681 O  O     . HOH E .  ? 0.2215 0.3255 0.3294 -0.0391 0.0153  -0.0175 208 HOH B O     
682 O  O     . HOH E .  ? 0.3751 0.3185 0.2878 0.0806  -0.0167 -0.0093 209 HOH B O     
683 O  O     . HOH E .  ? 0.4106 0.3278 0.3848 -0.0509 0.0061  0.0490  210 HOH B O     
684 O  O     . HOH E .  ? 0.3031 0.2754 0.3105 0.0127  0.0178  -0.0250 211 HOH B O     
685 O  O     . HOH E .  ? 0.3534 0.4532 0.3781 -0.0632 -0.1178 0.2025  212 HOH B O     
686 O  O     . HOH E .  ? 0.2860 0.3000 0.4207 -0.0144 0.1056  0.0265  213 HOH B O     
687 O  O     . HOH E .  ? 0.3705 0.3068 0.3615 -0.0174 0.0370  -0.0064 214 HOH B O     
688 O  O     . HOH E .  ? 0.3297 0.3258 0.3588 0.0937  -0.0821 -0.0004 215 HOH B O     
689 O  O     . HOH E .  ? 0.2731 0.2716 0.3493 0.0370  0.0444  0.0523  216 HOH B O     
690 O  O     . HOH E .  ? 0.2448 0.3511 0.3176 -0.0069 -0.0525 -0.0093 217 HOH B O     
691 O  O     . HOH E .  ? 0.2624 0.3784 0.4616 -0.0884 0.0479  -0.0311 218 HOH B O     
692 O  O     . HOH E .  ? 0.4146 0.3487 0.5031 0.0203  -0.0762 -0.0373 219 HOH B O     
693 O  O     . HOH E .  ? 0.7711 0.4667 0.6593 0.0894  0.3356  0.1388  220 HOH B O     
694 O  O     . HOH E .  ? 0.7405 0.4801 0.3909 0.2532  -0.0755 0.0578  221 HOH B O     
695 O  O     . HOH E .  ? 0.3131 0.5319 0.4337 -0.0384 -0.0819 -0.0513 222 HOH B O     
696 O  O     . HOH E .  ? 0.3024 0.2483 0.2051 0.1066  -0.0085 -0.0008 223 HOH B O     
697 O  O     . HOH E .  ? 0.4571 0.2798 0.4457 0.0538  -0.0528 0.0695  224 HOH B O     
698 O  O     . HOH E .  ? 0.5153 0.4715 0.4882 -0.0114 -0.0225 -0.1454 225 HOH B O     
699 O  O     . HOH E .  ? 0.3462 0.4346 0.5550 -0.0371 -0.0570 0.1013  226 HOH B O     
700 O  O     . HOH E .  ? 0.3717 0.3604 0.4049 -0.0374 0.1459  0.0778  227 HOH B O     
# 
